data_1GJX
#
_entry.id   1GJX
#
_cell.length_a   1.000
_cell.length_b   1.000
_cell.length_c   1.000
_cell.angle_alpha   90.00
_cell.angle_beta   90.00
_cell.angle_gamma   90.00
#
_symmetry.space_group_name_H-M   'P 1'
#
_entity_poly.entity_id   1
_entity_poly.type   'polypeptide(L)'
_entity_poly.pdbx_seq_one_letter_code
;ALVELKVPDIGGHENVDIIAVEVNVGDTIAVDDTLITLETDKATMDVPAEVAGVVKEVKVKVGDKISEGGLIVVVEAEGT
A
;
_entity_poly.pdbx_strand_id   A
#
# COMPACT_ATOMS: atom_id res chain seq x y z
N ALA A 1 -15.09 -5.89 8.37
CA ALA A 1 -14.74 -6.51 7.06
C ALA A 1 -13.89 -5.55 6.22
N LEU A 2 -13.34 -6.07 5.13
CA LEU A 2 -12.50 -5.28 4.23
C LEU A 2 -11.34 -4.65 5.00
N VAL A 3 -10.43 -4.03 4.26
CA VAL A 3 -9.26 -3.39 4.86
C VAL A 3 -8.81 -2.18 4.04
N GLU A 4 -8.02 -1.32 4.67
CA GLU A 4 -7.49 -0.13 4.03
C GLU A 4 -6.00 0.02 4.33
N LEU A 5 -5.16 -0.25 3.33
CA LEU A 5 -3.72 -0.15 3.50
C LEU A 5 -3.32 1.19 4.09
N LYS A 6 -2.01 1.41 4.20
CA LYS A 6 -1.48 2.65 4.75
C LYS A 6 -0.01 2.79 4.43
N VAL A 7 0.41 4.02 4.15
CA VAL A 7 1.81 4.30 3.83
C VAL A 7 2.75 3.67 4.85
N PRO A 8 3.87 3.08 4.38
CA PRO A 8 4.83 2.43 5.27
C PRO A 8 5.66 3.42 6.08
N ASP A 9 6.72 2.92 6.69
CA ASP A 9 7.59 3.74 7.51
C ASP A 9 8.79 4.24 6.70
N ILE A 10 8.52 5.13 5.75
CA ILE A 10 9.58 5.69 4.91
C ILE A 10 10.70 6.31 5.74
N GLY A 11 10.38 6.64 7.01
CA GLY A 11 11.37 7.24 7.87
C GLY A 11 11.06 8.68 8.21
N GLY A 12 10.87 9.50 7.18
CA GLY A 12 10.57 10.90 7.39
C GLY A 12 9.25 11.11 8.11
N HIS A 13 8.17 11.19 7.34
CA HIS A 13 6.84 11.40 7.90
C HIS A 13 5.80 11.56 6.81
N GLU A 14 5.64 12.78 6.31
CA GLU A 14 4.67 13.07 5.26
C GLU A 14 5.39 13.48 3.97
N ASN A 15 4.60 13.71 2.93
CA ASN A 15 5.13 14.12 1.63
C ASN A 15 6.36 13.27 1.24
N VAL A 16 6.11 12.00 0.94
CA VAL A 16 7.18 11.09 0.53
C VAL A 16 6.85 10.43 -0.79
N ASP A 17 7.76 10.57 -1.75
CA ASP A 17 7.56 10.00 -3.08
C ASP A 17 7.65 8.49 -3.05
N ILE A 18 6.58 7.84 -3.53
CA ILE A 18 6.55 6.39 -3.59
C ILE A 18 7.64 5.89 -4.52
N ILE A 19 7.94 4.60 -4.45
CA ILE A 19 9.00 4.05 -5.31
C ILE A 19 8.50 2.84 -6.11
N ALA A 20 7.35 2.28 -5.74
CA ALA A 20 6.81 1.13 -6.43
C ALA A 20 5.29 1.07 -6.31
N VAL A 21 4.63 0.61 -7.37
CA VAL A 21 3.18 0.50 -7.38
C VAL A 21 2.73 -0.72 -8.17
N GLU A 22 1.96 -1.59 -7.52
CA GLU A 22 1.45 -2.80 -8.17
C GLU A 22 0.02 -3.08 -7.75
N VAL A 23 -0.82 -2.05 -7.79
CA VAL A 23 -2.22 -2.19 -7.41
C VAL A 23 -3.12 -1.32 -8.28
N ASN A 24 -4.09 -1.94 -8.94
CA ASN A 24 -5.02 -1.22 -9.80
C ASN A 24 -6.46 -1.56 -9.45
N VAL A 25 -6.68 -2.09 -8.25
CA VAL A 25 -8.00 -2.46 -7.79
C VAL A 25 -8.57 -3.60 -8.64
N GLY A 26 -8.73 -4.76 -8.02
CA GLY A 26 -9.26 -5.91 -8.73
C GLY A 26 -8.37 -7.13 -8.61
N ASP A 27 -7.10 -6.91 -8.29
CA ASP A 27 -6.14 -7.99 -8.13
C ASP A 27 -6.26 -8.64 -6.77
N THR A 28 -6.00 -9.94 -6.70
CA THR A 28 -6.07 -10.67 -5.44
C THR A 28 -4.91 -10.29 -4.52
N ILE A 29 -5.11 -10.48 -3.23
CA ILE A 29 -4.07 -10.15 -2.24
C ILE A 29 -4.07 -11.14 -1.09
N ALA A 30 -2.89 -11.45 -0.58
CA ALA A 30 -2.75 -12.39 0.53
C ALA A 30 -2.11 -11.72 1.74
N VAL A 31 -1.92 -12.48 2.80
CA VAL A 31 -1.31 -11.96 4.03
C VAL A 31 0.21 -12.03 3.97
N ASP A 32 0.77 -11.56 2.85
CA ASP A 32 2.23 -11.56 2.66
C ASP A 32 2.57 -11.35 1.19
N ASP A 33 2.41 -10.11 0.71
CA ASP A 33 2.70 -9.79 -0.67
C ASP A 33 3.02 -8.31 -0.82
N THR A 34 4.25 -8.01 -1.21
CA THR A 34 4.68 -6.63 -1.38
C THR A 34 3.70 -5.85 -2.25
N LEU A 35 3.09 -4.83 -1.65
CA LEU A 35 2.14 -3.99 -2.36
C LEU A 35 2.88 -2.85 -3.05
N ILE A 36 3.83 -2.24 -2.34
CA ILE A 36 4.61 -1.16 -2.90
C ILE A 36 5.95 -0.98 -2.18
N THR A 37 6.71 -0.02 -2.63
CA THR A 37 7.99 0.32 -2.03
C THR A 37 8.13 1.84 -2.01
N LEU A 38 8.22 2.40 -0.81
CA LEU A 38 8.32 3.85 -0.67
C LEU A 38 9.67 4.29 -0.16
N GLU A 39 9.89 5.61 -0.16
CA GLU A 39 11.15 6.17 0.30
C GLU A 39 11.07 7.69 0.38
N THR A 40 11.93 8.30 1.18
CA THR A 40 11.95 9.75 1.34
C THR A 40 13.38 10.30 1.21
N ASP A 41 14.07 10.37 2.34
CA ASP A 41 15.44 10.88 2.36
C ASP A 41 16.24 10.22 3.48
N LYS A 42 15.78 9.06 3.94
CA LYS A 42 16.45 8.34 5.01
C LYS A 42 16.57 6.85 4.67
N ALA A 43 15.50 6.28 4.16
CA ALA A 43 15.48 4.87 3.79
C ALA A 43 14.33 4.54 2.86
N THR A 44 14.35 3.33 2.30
CA THR A 44 13.30 2.88 1.39
C THR A 44 12.42 1.82 2.07
N MET A 45 11.15 2.15 2.26
CA MET A 45 10.22 1.22 2.90
C MET A 45 9.34 0.52 1.87
N ASP A 46 8.41 -0.27 2.37
CA ASP A 46 7.48 -1.01 1.52
C ASP A 46 6.41 -1.69 2.36
N VAL A 47 5.40 -2.24 1.71
CA VAL A 47 4.32 -2.93 2.42
C VAL A 47 4.12 -4.34 1.87
N PRO A 48 4.19 -5.36 2.73
CA PRO A 48 4.02 -6.76 2.32
C PRO A 48 2.56 -7.20 2.37
N ALA A 49 1.64 -6.25 2.21
CA ALA A 49 0.21 -6.55 2.23
C ALA A 49 -0.19 -7.16 3.56
N GLU A 50 -1.44 -6.92 3.96
CA GLU A 50 -1.97 -7.45 5.21
C GLU A 50 -3.46 -7.71 5.09
N VAL A 51 -3.83 -8.71 4.31
CA VAL A 51 -5.23 -9.05 4.09
C VAL A 51 -5.35 -10.28 3.19
N ALA A 52 -6.58 -10.67 2.90
CA ALA A 52 -6.80 -11.84 2.05
C ALA A 52 -8.07 -11.70 1.22
N GLY A 53 -8.07 -10.78 0.29
CA GLY A 53 -9.24 -10.58 -0.55
C GLY A 53 -8.93 -9.86 -1.84
N VAL A 54 -9.75 -8.88 -2.19
CA VAL A 54 -9.58 -8.12 -3.42
C VAL A 54 -9.55 -6.62 -3.13
N VAL A 55 -8.72 -5.89 -3.89
CA VAL A 55 -8.61 -4.45 -3.71
C VAL A 55 -9.81 -3.72 -4.32
N LYS A 56 -10.19 -2.63 -3.67
CA LYS A 56 -11.31 -1.82 -4.14
C LYS A 56 -10.80 -0.45 -4.54
N GLU A 57 -9.99 0.14 -3.67
CA GLU A 57 -9.44 1.44 -3.92
C GLU A 57 -7.94 1.39 -4.15
N VAL A 58 -7.36 2.54 -4.48
CA VAL A 58 -5.93 2.64 -4.74
C VAL A 58 -5.49 4.11 -4.74
N LYS A 59 -4.59 4.44 -3.84
CA LYS A 59 -4.10 5.81 -3.72
C LYS A 59 -2.58 5.82 -3.64
N VAL A 60 -1.93 5.42 -4.73
CA VAL A 60 -0.48 5.38 -4.78
C VAL A 60 0.01 5.06 -6.19
N LYS A 61 1.24 5.44 -6.49
CA LYS A 61 1.83 5.21 -7.80
C LYS A 61 3.32 5.55 -7.79
N VAL A 62 3.88 5.78 -8.98
CA VAL A 62 5.29 6.10 -9.10
C VAL A 62 5.48 7.54 -9.58
N GLY A 63 5.69 8.45 -8.63
CA GLY A 63 5.89 9.85 -8.96
C GLY A 63 5.15 10.79 -8.02
N ASP A 64 4.19 10.24 -7.27
CA ASP A 64 3.41 11.05 -6.34
C ASP A 64 3.99 10.97 -4.93
N LYS A 65 3.57 11.91 -4.07
CA LYS A 65 4.05 11.94 -2.69
C LYS A 65 3.00 11.35 -1.75
N ILE A 66 3.46 10.73 -0.67
CA ILE A 66 2.55 10.12 0.29
C ILE A 66 3.00 10.40 1.74
N SER A 67 2.19 9.97 2.70
CA SER A 67 2.51 10.18 4.11
C SER A 67 2.09 8.98 4.96
N GLU A 68 2.94 8.60 5.90
CA GLU A 68 2.67 7.47 6.80
C GLU A 68 1.20 7.45 7.24
N GLY A 69 0.48 6.40 6.84
CA GLY A 69 -0.92 6.29 7.18
C GLY A 69 -1.78 7.30 6.46
N GLY A 70 -2.00 7.07 5.17
CA GLY A 70 -2.82 7.98 4.38
C GLY A 70 -3.78 7.26 3.46
N LEU A 71 -4.23 6.08 3.90
CA LEU A 71 -5.17 5.28 3.10
C LEU A 71 -4.67 5.14 1.67
N ILE A 72 -3.99 4.03 1.40
CA ILE A 72 -3.46 3.76 0.08
C ILE A 72 -4.42 2.89 -0.73
N VAL A 73 -4.47 1.60 -0.40
CA VAL A 73 -5.35 0.67 -1.10
C VAL A 73 -6.27 -0.07 -0.14
N VAL A 74 -7.53 -0.19 -0.52
CA VAL A 74 -8.52 -0.89 0.29
C VAL A 74 -8.83 -2.25 -0.32
N VAL A 75 -9.00 -3.25 0.53
CA VAL A 75 -9.28 -4.60 0.04
C VAL A 75 -10.52 -5.20 0.70
N GLU A 76 -10.94 -6.35 0.18
CA GLU A 76 -12.10 -7.05 0.70
C GLU A 76 -11.70 -7.92 1.88
N ALA A 77 -10.53 -8.55 1.78
CA ALA A 77 -10.02 -9.41 2.84
C ALA A 77 -10.97 -10.54 3.19
N GLU A 78 -10.41 -11.73 3.39
CA GLU A 78 -11.19 -12.92 3.74
C GLU A 78 -12.52 -12.97 2.98
N GLY A 79 -12.47 -12.58 1.70
CA GLY A 79 -13.67 -12.59 0.88
C GLY A 79 -13.85 -13.90 0.13
N THR A 80 -15.08 -14.15 -0.31
CA THR A 80 -15.39 -15.38 -1.05
C THR A 80 -16.09 -15.06 -2.37
N ALA A 81 -16.19 -16.06 -3.23
CA ALA A 81 -16.84 -15.87 -4.53
C ALA A 81 -18.03 -16.81 -4.68
N ALA A 1 -14.28 -6.44 8.23
CA ALA A 1 -14.35 -7.21 6.96
C ALA A 1 -13.27 -6.74 5.98
N LEU A 2 -13.49 -5.56 5.40
CA LEU A 2 -12.55 -4.99 4.45
C LEU A 2 -11.34 -4.40 5.16
N VAL A 3 -10.35 -3.99 4.37
CA VAL A 3 -9.13 -3.41 4.91
C VAL A 3 -8.72 -2.17 4.11
N GLU A 4 -7.91 -1.33 4.75
CA GLU A 4 -7.42 -0.11 4.11
C GLU A 4 -5.92 0.04 4.37
N LEU A 5 -5.12 -0.16 3.33
CA LEU A 5 -3.67 -0.07 3.44
C LEU A 5 -3.24 1.35 3.82
N LYS A 6 -2.01 1.47 4.33
CA LYS A 6 -1.47 2.76 4.73
C LYS A 6 0.04 2.81 4.48
N VAL A 7 0.51 3.95 4.00
CA VAL A 7 1.93 4.15 3.71
C VAL A 7 2.81 3.56 4.82
N PRO A 8 3.94 2.95 4.46
CA PRO A 8 4.85 2.33 5.43
C PRO A 8 5.67 3.35 6.21
N ASP A 9 6.66 2.85 6.94
CA ASP A 9 7.54 3.69 7.74
C ASP A 9 8.67 4.25 6.89
N ILE A 10 8.48 5.47 6.37
CA ILE A 10 9.50 6.10 5.55
C ILE A 10 10.31 7.11 6.36
N GLY A 11 11.03 6.60 7.35
CA GLY A 11 11.84 7.46 8.19
C GLY A 11 11.08 7.99 9.38
N GLY A 12 10.47 9.16 9.21
CA GLY A 12 9.71 9.76 10.30
C GLY A 12 9.10 11.09 9.90
N HIS A 13 8.70 11.21 8.65
CA HIS A 13 8.09 12.44 8.15
C HIS A 13 7.03 12.13 7.10
N GLU A 14 6.14 13.09 6.88
CA GLU A 14 5.06 12.94 5.91
C GLU A 14 5.50 13.37 4.52
N ASN A 15 4.57 13.31 3.57
CA ASN A 15 4.84 13.70 2.19
C ASN A 15 6.15 13.10 1.69
N VAL A 16 6.05 11.94 1.03
CA VAL A 16 7.22 11.26 0.49
C VAL A 16 6.93 10.73 -0.91
N ASP A 17 7.98 10.34 -1.62
CA ASP A 17 7.83 9.82 -2.97
C ASP A 17 7.83 8.30 -2.99
N ILE A 18 6.88 7.73 -3.72
CA ILE A 18 6.76 6.29 -3.84
C ILE A 18 7.84 5.76 -4.78
N ILE A 19 8.10 4.47 -4.73
CA ILE A 19 9.13 3.87 -5.58
C ILE A 19 8.61 2.62 -6.31
N ALA A 20 7.42 2.15 -5.96
CA ALA A 20 6.87 0.97 -6.61
C ALA A 20 5.35 0.99 -6.62
N VAL A 21 4.76 0.37 -7.65
CA VAL A 21 3.32 0.30 -7.79
C VAL A 21 2.88 -1.06 -8.33
N GLU A 22 2.07 -1.76 -7.56
CA GLU A 22 1.58 -3.07 -7.97
C GLU A 22 0.16 -3.31 -7.47
N VAL A 23 -0.76 -2.45 -7.89
CA VAL A 23 -2.16 -2.57 -7.49
C VAL A 23 -3.09 -2.26 -8.65
N ASN A 24 -3.85 -3.26 -9.07
CA ASN A 24 -4.78 -3.11 -10.18
C ASN A 24 -6.19 -2.75 -9.67
N VAL A 25 -6.29 -2.39 -8.40
CA VAL A 25 -7.58 -2.03 -7.80
C VAL A 25 -8.69 -2.99 -8.24
N GLY A 26 -8.55 -4.25 -7.86
CA GLY A 26 -9.55 -5.25 -8.22
C GLY A 26 -8.93 -6.60 -8.50
N ASP A 27 -8.02 -7.03 -7.65
CA ASP A 27 -7.35 -8.31 -7.81
C ASP A 27 -7.27 -9.06 -6.48
N THR A 28 -6.79 -10.30 -6.54
CA THR A 28 -6.65 -11.12 -5.33
C THR A 28 -5.38 -10.74 -4.57
N ILE A 29 -5.53 -10.57 -3.26
CA ILE A 29 -4.40 -10.20 -2.41
C ILE A 29 -4.26 -11.15 -1.23
N ALA A 30 -3.03 -11.34 -0.77
CA ALA A 30 -2.76 -12.23 0.36
C ALA A 30 -2.07 -11.48 1.49
N VAL A 31 -1.79 -12.20 2.58
CA VAL A 31 -1.14 -11.60 3.74
C VAL A 31 0.38 -11.67 3.61
N ASP A 32 0.89 -11.29 2.44
CA ASP A 32 2.32 -11.32 2.18
C ASP A 32 2.60 -11.15 0.69
N ASP A 33 2.36 -9.95 0.18
CA ASP A 33 2.58 -9.65 -1.23
C ASP A 33 2.91 -8.18 -1.42
N THR A 34 4.21 -7.88 -1.58
CA THR A 34 4.65 -6.51 -1.77
C THR A 34 3.75 -5.74 -2.73
N LEU A 35 3.07 -4.73 -2.19
CA LEU A 35 2.19 -3.90 -2.99
C LEU A 35 2.97 -2.77 -3.64
N ILE A 36 3.75 -2.06 -2.83
CA ILE A 36 4.56 -0.96 -3.33
C ILE A 36 5.84 -0.79 -2.53
N THR A 37 6.62 0.22 -2.90
CA THR A 37 7.85 0.54 -2.21
C THR A 37 7.88 2.04 -1.95
N LEU A 38 8.17 2.41 -0.72
CA LEU A 38 8.22 3.82 -0.35
C LEU A 38 9.63 4.23 0.05
N GLU A 39 9.87 5.53 0.11
CA GLU A 39 11.18 6.05 0.50
C GLU A 39 11.18 7.57 0.52
N THR A 40 12.22 8.13 1.15
CA THR A 40 12.35 9.58 1.26
C THR A 40 13.66 10.05 0.63
N ASP A 41 14.76 9.54 1.15
CA ASP A 41 16.09 9.89 0.65
C ASP A 41 17.16 9.02 1.30
N LYS A 42 17.00 8.75 2.58
CA LYS A 42 17.96 7.93 3.31
C LYS A 42 17.38 6.57 3.66
N ALA A 43 16.09 6.54 3.98
CA ALA A 43 15.41 5.29 4.32
C ALA A 43 14.34 4.94 3.29
N THR A 44 14.22 3.65 2.99
CA THR A 44 13.24 3.19 2.02
C THR A 44 12.38 2.08 2.62
N MET A 45 11.07 2.22 2.48
CA MET A 45 10.13 1.23 3.01
C MET A 45 9.32 0.58 1.88
N ASP A 46 8.24 -0.09 2.27
CA ASP A 46 7.36 -0.76 1.31
C ASP A 46 6.20 -1.43 2.03
N VAL A 47 5.25 -1.95 1.26
CA VAL A 47 4.09 -2.62 1.84
C VAL A 47 4.00 -4.06 1.35
N PRO A 48 4.12 -5.05 2.28
CA PRO A 48 4.04 -6.47 1.94
C PRO A 48 2.61 -6.99 1.92
N ALA A 49 1.65 -6.08 1.83
CA ALA A 49 0.24 -6.46 1.80
C ALA A 49 -0.14 -7.29 3.02
N GLU A 50 -0.87 -6.67 3.94
CA GLU A 50 -1.31 -7.35 5.15
C GLU A 50 -2.82 -7.55 5.11
N VAL A 51 -3.26 -8.45 4.24
CA VAL A 51 -4.68 -8.73 4.07
C VAL A 51 -4.90 -10.07 3.40
N ALA A 52 -6.15 -10.36 3.06
CA ALA A 52 -6.49 -11.62 2.42
C ALA A 52 -7.83 -11.54 1.70
N GLY A 53 -7.91 -10.70 0.69
CA GLY A 53 -9.14 -10.57 -0.06
C GLY A 53 -8.95 -9.96 -1.43
N VAL A 54 -9.66 -8.87 -1.71
CA VAL A 54 -9.57 -8.20 -3.01
C VAL A 54 -9.59 -6.69 -2.84
N VAL A 55 -8.74 -5.99 -3.61
CA VAL A 55 -8.67 -4.54 -3.54
C VAL A 55 -9.86 -3.89 -4.24
N LYS A 56 -10.30 -2.77 -3.68
CA LYS A 56 -11.42 -2.02 -4.23
C LYS A 56 -10.94 -0.67 -4.70
N GLU A 57 -10.12 -0.05 -3.86
CA GLU A 57 -9.60 1.27 -4.17
C GLU A 57 -8.09 1.24 -4.35
N VAL A 58 -7.53 2.38 -4.75
CA VAL A 58 -6.10 2.51 -4.97
C VAL A 58 -5.70 3.98 -4.95
N LYS A 59 -4.78 4.32 -4.06
CA LYS A 59 -4.31 5.70 -3.95
C LYS A 59 -2.79 5.75 -3.86
N VAL A 60 -2.14 5.54 -4.99
CA VAL A 60 -0.69 5.54 -5.04
C VAL A 60 -0.20 5.41 -6.48
N LYS A 61 0.93 6.03 -6.77
CA LYS A 61 1.52 6.00 -8.11
C LYS A 61 3.04 5.92 -8.05
N VAL A 62 3.69 6.17 -9.19
CA VAL A 62 5.14 6.14 -9.26
C VAL A 62 5.72 7.54 -9.37
N GLY A 63 5.94 8.18 -8.22
CA GLY A 63 6.48 9.53 -8.20
C GLY A 63 5.54 10.54 -7.58
N ASP A 64 4.57 10.04 -6.81
CA ASP A 64 3.60 10.92 -6.15
C ASP A 64 3.99 11.15 -4.70
N LYS A 65 3.28 12.06 -4.04
CA LYS A 65 3.54 12.37 -2.64
C LYS A 65 2.66 11.53 -1.72
N ILE A 66 3.29 10.79 -0.82
CA ILE A 66 2.57 9.93 0.11
C ILE A 66 2.90 10.28 1.56
N SER A 67 2.11 9.76 2.49
CA SER A 67 2.32 10.02 3.91
C SER A 67 1.82 8.85 4.76
N GLU A 68 2.57 8.53 5.82
CA GLU A 68 2.20 7.43 6.72
C GLU A 68 0.71 7.44 7.02
N GLY A 69 -0.05 6.65 6.27
CA GLY A 69 -1.49 6.59 6.47
C GLY A 69 -2.25 7.44 5.47
N GLY A 70 -2.12 7.09 4.20
CA GLY A 70 -2.81 7.84 3.16
C GLY A 70 -3.90 7.02 2.49
N LEU A 71 -4.36 5.98 3.17
CA LEU A 71 -5.40 5.11 2.64
C LEU A 71 -5.08 4.68 1.22
N ILE A 72 -3.86 4.19 1.02
CA ILE A 72 -3.41 3.74 -0.28
C ILE A 72 -4.46 2.83 -0.95
N VAL A 73 -4.42 1.54 -0.65
CA VAL A 73 -5.34 0.59 -1.24
C VAL A 73 -6.23 -0.06 -0.18
N VAL A 74 -7.50 -0.26 -0.53
CA VAL A 74 -8.48 -0.88 0.36
C VAL A 74 -8.91 -2.22 -0.21
N VAL A 75 -8.90 -3.26 0.62
CA VAL A 75 -9.28 -4.59 0.16
C VAL A 75 -10.45 -5.18 0.95
N GLU A 76 -10.97 -6.29 0.45
CA GLU A 76 -12.09 -6.98 1.09
C GLU A 76 -11.61 -7.79 2.28
N ALA A 77 -10.42 -8.37 2.15
CA ALA A 77 -9.83 -9.18 3.19
C ALA A 77 -10.74 -10.34 3.63
N GLU A 78 -10.12 -11.46 4.02
CA GLU A 78 -10.84 -12.64 4.46
C GLU A 78 -12.10 -12.88 3.61
N GLY A 79 -11.93 -12.85 2.30
CA GLY A 79 -13.05 -13.08 1.40
C GLY A 79 -12.79 -14.18 0.40
N THR A 80 -13.86 -14.80 -0.09
CA THR A 80 -13.73 -15.89 -1.05
C THR A 80 -14.26 -15.45 -2.42
N ALA A 81 -13.35 -15.35 -3.39
CA ALA A 81 -13.72 -14.94 -4.74
C ALA A 81 -13.27 -15.99 -5.77
N ALA A 1 -13.47 -8.45 7.78
CA ALA A 1 -14.10 -7.46 6.88
C ALA A 1 -13.06 -6.78 6.00
N LEU A 2 -13.52 -5.86 5.16
CA LEU A 2 -12.62 -5.14 4.26
C LEU A 2 -11.43 -4.56 5.01
N VAL A 3 -10.52 -3.94 4.27
CA VAL A 3 -9.33 -3.35 4.87
C VAL A 3 -8.88 -2.12 4.08
N GLU A 4 -8.05 -1.29 4.72
CA GLU A 4 -7.53 -0.08 4.10
C GLU A 4 -6.02 0.02 4.35
N LEU A 5 -5.24 -0.05 3.27
CA LEU A 5 -3.78 0.02 3.39
C LEU A 5 -3.34 1.45 3.69
N LYS A 6 -2.12 1.59 4.21
CA LYS A 6 -1.58 2.89 4.55
C LYS A 6 -0.07 2.94 4.34
N VAL A 7 0.43 4.13 4.02
CA VAL A 7 1.85 4.35 3.79
C VAL A 7 2.70 3.69 4.88
N PRO A 8 3.85 3.09 4.50
CA PRO A 8 4.74 2.43 5.46
C PRO A 8 5.57 3.42 6.26
N ASP A 9 6.60 2.90 6.93
CA ASP A 9 7.48 3.73 7.74
C ASP A 9 8.72 4.16 6.95
N ILE A 10 8.61 5.29 6.26
CA ILE A 10 9.72 5.81 5.47
C ILE A 10 10.52 6.85 6.26
N GLY A 11 11.08 6.42 7.38
CA GLY A 11 11.86 7.34 8.21
C GLY A 11 11.07 7.85 9.40
N GLY A 12 10.40 8.99 9.21
CA GLY A 12 9.61 9.57 10.28
C GLY A 12 9.06 10.94 9.92
N HIS A 13 8.67 11.11 8.66
CA HIS A 13 8.13 12.37 8.20
C HIS A 13 7.02 12.16 7.16
N GLU A 14 6.51 13.25 6.60
CA GLU A 14 5.45 13.17 5.60
C GLU A 14 6.00 13.43 4.21
N ASN A 15 5.08 13.49 3.24
CA ASN A 15 5.46 13.74 1.85
C ASN A 15 6.66 12.91 1.43
N VAL A 16 6.39 11.76 0.82
CA VAL A 16 7.44 10.86 0.36
C VAL A 16 7.06 10.19 -0.95
N ASP A 17 7.80 10.48 -2.00
CA ASP A 17 7.52 9.92 -3.31
C ASP A 17 7.59 8.40 -3.30
N ILE A 18 6.54 7.76 -3.80
CA ILE A 18 6.48 6.32 -3.86
C ILE A 18 7.54 5.79 -4.82
N ILE A 19 7.83 4.51 -4.76
CA ILE A 19 8.85 3.93 -5.63
C ILE A 19 8.30 2.72 -6.40
N ALA A 20 7.43 1.96 -5.76
CA ALA A 20 6.87 0.78 -6.39
C ALA A 20 5.35 0.89 -6.52
N VAL A 21 4.81 0.29 -7.57
CA VAL A 21 3.37 0.32 -7.81
C VAL A 21 2.85 -1.07 -8.20
N GLU A 22 1.94 -1.60 -7.40
CA GLU A 22 1.37 -2.92 -7.67
C GLU A 22 -0.08 -2.99 -7.22
N VAL A 23 -0.83 -1.92 -7.45
CA VAL A 23 -2.23 -1.86 -7.08
C VAL A 23 -3.08 -1.30 -8.22
N ASN A 24 -4.01 -2.12 -8.71
CA ASN A 24 -4.88 -1.72 -9.80
C ASN A 24 -6.34 -2.06 -9.50
N VAL A 25 -6.62 -2.42 -8.24
CA VAL A 25 -7.98 -2.77 -7.84
C VAL A 25 -8.47 -4.01 -8.58
N GLY A 26 -8.75 -5.08 -7.84
CA GLY A 26 -9.23 -6.30 -8.45
C GLY A 26 -8.26 -7.45 -8.29
N ASP A 27 -6.99 -7.13 -8.06
CA ASP A 27 -5.96 -8.16 -7.88
C ASP A 27 -6.16 -8.92 -6.58
N THR A 28 -5.95 -10.23 -6.63
CA THR A 28 -6.10 -11.07 -5.45
C THR A 28 -4.92 -10.89 -4.50
N ILE A 29 -5.14 -10.13 -3.43
CA ILE A 29 -4.09 -9.87 -2.46
C ILE A 29 -4.04 -10.95 -1.39
N ALA A 30 -2.87 -11.13 -0.80
CA ALA A 30 -2.68 -12.13 0.25
C ALA A 30 -2.13 -11.49 1.53
N VAL A 31 -1.81 -12.32 2.52
CA VAL A 31 -1.28 -11.82 3.78
C VAL A 31 0.25 -11.73 3.75
N ASP A 32 0.79 -11.25 2.63
CA ASP A 32 2.23 -11.11 2.46
C ASP A 32 2.58 -10.92 0.98
N ASP A 33 2.29 -9.74 0.46
CA ASP A 33 2.57 -9.44 -0.94
C ASP A 33 2.88 -7.96 -1.13
N THR A 34 4.11 -7.66 -1.53
CA THR A 34 4.53 -6.28 -1.73
C THR A 34 3.58 -5.55 -2.68
N LEU A 35 2.90 -4.56 -2.15
CA LEU A 35 1.98 -3.76 -2.93
C LEU A 35 2.72 -2.58 -3.57
N ILE A 36 3.61 -1.98 -2.79
CA ILE A 36 4.42 -0.86 -3.28
C ILE A 36 5.68 -0.68 -2.44
N THR A 37 6.43 0.36 -2.78
CA THR A 37 7.64 0.70 -2.06
C THR A 37 7.68 2.20 -1.84
N LEU A 38 7.99 2.62 -0.62
CA LEU A 38 8.04 4.03 -0.30
C LEU A 38 9.45 4.45 0.09
N GLU A 39 9.78 5.71 -0.18
CA GLU A 39 11.10 6.23 0.15
C GLU A 39 11.09 7.74 0.21
N THR A 40 12.13 8.30 0.83
CA THR A 40 12.24 9.75 0.98
C THR A 40 13.65 10.22 0.59
N ASP A 41 14.57 10.12 1.54
CA ASP A 41 15.95 10.53 1.31
C ASP A 41 16.91 9.60 2.03
N LYS A 42 16.58 9.27 3.27
CA LYS A 42 17.43 8.38 4.08
C LYS A 42 16.61 7.25 4.68
N ALA A 43 15.72 6.67 3.88
CA ALA A 43 14.87 5.58 4.34
C ALA A 43 14.01 5.04 3.19
N THR A 44 13.98 3.71 3.07
CA THR A 44 13.19 3.06 2.03
C THR A 44 12.31 1.97 2.62
N MET A 45 11.00 2.13 2.47
CA MET A 45 10.04 1.17 3.00
C MET A 45 9.23 0.51 1.89
N ASP A 46 8.18 -0.20 2.28
CA ASP A 46 7.30 -0.88 1.34
C ASP A 46 6.15 -1.54 2.09
N VAL A 47 5.14 -1.99 1.36
CA VAL A 47 3.98 -2.62 1.97
C VAL A 47 3.77 -4.04 1.43
N PRO A 48 3.99 -5.07 2.28
CA PRO A 48 3.82 -6.47 1.90
C PRO A 48 2.40 -6.97 2.14
N ALA A 49 1.42 -6.08 1.98
CA ALA A 49 0.02 -6.44 2.19
C ALA A 49 -0.19 -7.00 3.59
N GLU A 50 -1.45 -7.04 4.02
CA GLU A 50 -1.79 -7.56 5.34
C GLU A 50 -3.24 -8.03 5.39
N VAL A 51 -3.66 -8.76 4.36
CA VAL A 51 -5.03 -9.26 4.30
C VAL A 51 -5.20 -10.19 3.09
N ALA A 52 -6.28 -10.97 3.10
CA ALA A 52 -6.54 -11.92 2.02
C ALA A 52 -7.87 -11.65 1.34
N GLY A 53 -7.85 -10.79 0.34
CA GLY A 53 -9.08 -10.49 -0.38
C GLY A 53 -8.83 -9.85 -1.73
N VAL A 54 -9.64 -8.86 -2.07
CA VAL A 54 -9.52 -8.16 -3.34
C VAL A 54 -9.53 -6.65 -3.14
N VAL A 55 -8.65 -5.94 -3.83
CA VAL A 55 -8.57 -4.50 -3.72
C VAL A 55 -9.75 -3.82 -4.41
N LYS A 56 -10.22 -2.74 -3.82
CA LYS A 56 -11.33 -1.99 -4.37
C LYS A 56 -10.82 -0.63 -4.82
N GLU A 57 -10.07 0.01 -3.93
CA GLU A 57 -9.53 1.33 -4.23
C GLU A 57 -8.02 1.28 -4.36
N VAL A 58 -7.44 2.41 -4.77
CA VAL A 58 -5.99 2.53 -4.95
C VAL A 58 -5.59 4.00 -5.00
N LYS A 59 -4.73 4.39 -4.08
CA LYS A 59 -4.25 5.77 -4.01
C LYS A 59 -2.74 5.82 -3.89
N VAL A 60 -2.06 5.34 -4.93
CA VAL A 60 -0.61 5.32 -4.93
C VAL A 60 -0.09 4.89 -6.30
N LYS A 61 1.12 5.36 -6.63
CA LYS A 61 1.74 5.03 -7.90
C LYS A 61 3.17 5.57 -7.96
N VAL A 62 3.87 5.27 -9.04
CA VAL A 62 5.24 5.72 -9.21
C VAL A 62 5.29 7.18 -9.67
N GLY A 63 4.88 8.09 -8.80
CA GLY A 63 4.88 9.50 -9.14
C GLY A 63 3.96 10.33 -8.27
N ASP A 64 4.16 10.26 -6.96
CA ASP A 64 3.34 11.00 -6.02
C ASP A 64 3.87 10.88 -4.59
N LYS A 65 3.98 12.01 -3.91
CA LYS A 65 4.48 12.05 -2.54
C LYS A 65 3.42 11.56 -1.56
N ILE A 66 3.73 10.48 -0.85
CA ILE A 66 2.80 9.91 0.11
C ILE A 66 3.22 10.25 1.55
N SER A 67 2.36 9.91 2.51
CA SER A 67 2.65 10.18 3.92
C SER A 67 2.13 9.07 4.83
N GLU A 68 2.94 8.69 5.81
CA GLU A 68 2.58 7.64 6.76
C GLU A 68 1.12 7.74 7.18
N GLY A 69 0.41 6.62 7.10
CA GLY A 69 -0.99 6.61 7.47
C GLY A 69 -1.85 7.32 6.44
N GLY A 70 -1.85 6.80 5.21
CA GLY A 70 -2.64 7.40 4.16
C GLY A 70 -3.44 6.38 3.39
N LEU A 71 -4.74 6.64 3.25
CA LEU A 71 -5.62 5.72 2.54
C LEU A 71 -5.06 5.41 1.16
N ILE A 72 -4.33 4.31 1.07
CA ILE A 72 -3.73 3.89 -0.18
C ILE A 72 -4.65 2.93 -0.93
N VAL A 73 -4.67 1.67 -0.53
CA VAL A 73 -5.50 0.67 -1.18
C VAL A 73 -6.40 -0.07 -0.19
N VAL A 74 -7.65 -0.27 -0.59
CA VAL A 74 -8.61 -0.96 0.24
C VAL A 74 -8.91 -2.33 -0.35
N VAL A 75 -8.97 -3.35 0.49
CA VAL A 75 -9.23 -4.71 0.01
C VAL A 75 -10.40 -5.36 0.73
N GLU A 76 -10.87 -6.48 0.18
CA GLU A 76 -11.98 -7.21 0.75
C GLU A 76 -11.56 -7.91 2.04
N ALA A 77 -10.33 -8.44 2.05
CA ALA A 77 -9.79 -9.12 3.21
C ALA A 77 -10.68 -10.28 3.68
N GLU A 78 -10.08 -11.46 3.75
CA GLU A 78 -10.80 -12.66 4.18
C GLU A 78 -12.19 -12.74 3.54
N GLY A 79 -12.24 -12.47 2.24
CA GLY A 79 -13.50 -12.50 1.52
C GLY A 79 -14.06 -13.90 1.40
N THR A 80 -15.09 -14.20 2.19
CA THR A 80 -15.71 -15.52 2.16
C THR A 80 -17.12 -15.44 1.57
N ALA A 81 -18.04 -14.86 2.34
CA ALA A 81 -19.42 -14.73 1.89
C ALA A 81 -20.08 -16.09 1.72
N ALA A 1 -12.98 -8.33 8.26
CA ALA A 1 -13.69 -7.43 7.31
C ALA A 1 -12.70 -6.77 6.36
N LEU A 2 -13.21 -5.83 5.55
CA LEU A 2 -12.38 -5.13 4.60
C LEU A 2 -11.15 -4.53 5.28
N VAL A 3 -10.27 -3.92 4.48
CA VAL A 3 -9.06 -3.32 5.02
C VAL A 3 -8.72 -2.02 4.27
N GLU A 4 -7.86 -1.22 4.88
CA GLU A 4 -7.45 0.06 4.30
C GLU A 4 -5.93 0.19 4.33
N LEU A 5 -5.28 -0.25 3.25
CA LEU A 5 -3.82 -0.18 3.17
C LEU A 5 -3.33 1.21 3.54
N LYS A 6 -2.08 1.29 4.00
CA LYS A 6 -1.50 2.56 4.40
C LYS A 6 0.00 2.61 4.11
N VAL A 7 0.49 3.82 3.84
CA VAL A 7 1.90 4.02 3.56
C VAL A 7 2.78 3.35 4.62
N PRO A 8 3.90 2.74 4.21
CA PRO A 8 4.79 2.06 5.15
C PRO A 8 5.52 3.02 6.08
N ASP A 9 6.54 2.50 6.75
CA ASP A 9 7.33 3.29 7.68
C ASP A 9 8.63 3.75 7.03
N ILE A 10 8.51 4.67 6.08
CA ILE A 10 9.68 5.19 5.37
C ILE A 10 10.58 5.99 6.30
N GLY A 11 10.10 6.29 7.51
CA GLY A 11 10.89 7.04 8.47
C GLY A 11 11.41 8.33 7.91
N GLY A 12 10.52 9.30 7.71
CA GLY A 12 10.92 10.59 7.17
C GLY A 12 9.95 11.69 7.53
N HIS A 13 8.72 11.58 7.02
CA HIS A 13 7.69 12.58 7.28
C HIS A 13 6.47 12.33 6.41
N GLU A 14 5.43 13.13 6.61
CA GLU A 14 4.20 12.99 5.84
C GLU A 14 4.32 13.72 4.50
N ASN A 15 5.15 13.17 3.63
CA ASN A 15 5.37 13.73 2.31
C ASN A 15 6.55 13.02 1.65
N VAL A 16 6.35 11.74 1.35
CA VAL A 16 7.39 10.93 0.74
C VAL A 16 6.96 10.39 -0.62
N ASP A 17 7.86 10.43 -1.58
CA ASP A 17 7.58 9.93 -2.93
C ASP A 17 7.65 8.42 -2.97
N ILE A 18 6.63 7.80 -3.56
CA ILE A 18 6.59 6.36 -3.69
C ILE A 18 7.67 5.88 -4.63
N ILE A 19 7.99 4.58 -4.57
CA ILE A 19 9.04 4.04 -5.44
C ILE A 19 8.52 2.84 -6.25
N ALA A 20 7.40 2.27 -5.83
CA ALA A 20 6.85 1.12 -6.53
C ALA A 20 5.32 1.14 -6.50
N VAL A 21 4.70 0.57 -7.53
CA VAL A 21 3.26 0.52 -7.63
C VAL A 21 2.78 -0.83 -8.14
N GLU A 22 1.84 -1.44 -7.43
CA GLU A 22 1.31 -2.74 -7.82
C GLU A 22 -0.15 -2.89 -7.38
N VAL A 23 -0.94 -1.85 -7.59
CA VAL A 23 -2.34 -1.87 -7.22
C VAL A 23 -3.22 -1.27 -8.33
N ASN A 24 -4.19 -2.04 -8.78
CA ASN A 24 -5.10 -1.59 -9.83
C ASN A 24 -6.55 -1.93 -9.51
N VAL A 25 -6.81 -2.37 -8.28
CA VAL A 25 -8.15 -2.73 -7.86
C VAL A 25 -8.67 -3.93 -8.65
N GLY A 26 -8.96 -5.02 -7.94
CA GLY A 26 -9.47 -6.21 -8.58
C GLY A 26 -8.55 -7.40 -8.38
N ASP A 27 -7.28 -7.14 -8.12
CA ASP A 27 -6.30 -8.20 -7.91
C ASP A 27 -6.53 -8.91 -6.57
N THR A 28 -5.91 -10.05 -6.40
CA THR A 28 -6.04 -10.83 -5.17
C THR A 28 -4.84 -10.62 -4.27
N ILE A 29 -5.05 -9.90 -3.16
CA ILE A 29 -3.98 -9.64 -2.22
C ILE A 29 -3.96 -10.67 -1.09
N ALA A 30 -2.76 -11.10 -0.72
CA ALA A 30 -2.60 -12.10 0.35
C ALA A 30 -2.09 -11.44 1.62
N VAL A 31 -1.80 -12.25 2.63
CA VAL A 31 -1.30 -11.75 3.90
C VAL A 31 0.22 -11.69 3.93
N ASP A 32 0.81 -11.28 2.80
CA ASP A 32 2.26 -11.18 2.68
C ASP A 32 2.66 -10.98 1.23
N ASP A 33 2.33 -9.82 0.68
CA ASP A 33 2.66 -9.51 -0.71
C ASP A 33 2.98 -8.03 -0.87
N THR A 34 4.18 -7.74 -1.38
CA THR A 34 4.60 -6.37 -1.58
C THR A 34 3.68 -5.64 -2.56
N LEU A 35 3.01 -4.62 -2.05
CA LEU A 35 2.11 -3.82 -2.86
C LEU A 35 2.88 -2.68 -3.49
N ILE A 36 3.75 -2.06 -2.71
CA ILE A 36 4.58 -0.96 -3.19
C ILE A 36 5.87 -0.84 -2.40
N THR A 37 6.67 0.16 -2.75
CA THR A 37 7.93 0.43 -2.07
C THR A 37 8.14 1.94 -2.06
N LEU A 38 8.31 2.51 -0.87
CA LEU A 38 8.48 3.95 -0.74
C LEU A 38 9.85 4.32 -0.18
N GLU A 39 10.09 5.62 -0.02
CA GLU A 39 11.37 6.10 0.50
C GLU A 39 11.34 7.60 0.70
N THR A 40 12.25 8.11 1.53
CA THR A 40 12.34 9.54 1.82
C THR A 40 13.67 10.11 1.33
N ASP A 41 14.76 9.60 1.89
CA ASP A 41 16.09 10.06 1.53
C ASP A 41 17.12 8.95 1.71
N LYS A 42 17.02 8.22 2.82
CA LYS A 42 17.94 7.13 3.11
C LYS A 42 17.21 5.95 3.75
N ALA A 43 15.91 5.84 3.49
CA ALA A 43 15.11 4.76 4.05
C ALA A 43 13.99 4.36 3.09
N THR A 44 14.21 3.30 2.33
CA THR A 44 13.21 2.81 1.38
C THR A 44 12.35 1.74 2.03
N MET A 45 11.05 2.03 2.15
CA MET A 45 10.12 1.08 2.76
C MET A 45 9.23 0.44 1.71
N ASP A 46 8.29 -0.38 2.18
CA ASP A 46 7.35 -1.07 1.29
C ASP A 46 6.23 -1.71 2.11
N VAL A 47 5.17 -2.13 1.42
CA VAL A 47 4.04 -2.75 2.09
C VAL A 47 3.77 -4.15 1.54
N PRO A 48 3.94 -5.19 2.39
CA PRO A 48 3.70 -6.58 2.00
C PRO A 48 2.27 -7.02 2.27
N ALA A 49 1.33 -6.10 2.08
CA ALA A 49 -0.08 -6.40 2.31
C ALA A 49 -0.32 -6.83 3.76
N GLU A 50 -1.58 -7.04 4.12
CA GLU A 50 -1.92 -7.45 5.48
C GLU A 50 -3.34 -8.03 5.54
N VAL A 51 -3.67 -8.86 4.57
CA VAL A 51 -4.99 -9.49 4.52
C VAL A 51 -5.16 -10.32 3.26
N ALA A 52 -6.21 -11.14 3.23
CA ALA A 52 -6.47 -12.00 2.08
C ALA A 52 -7.78 -11.67 1.40
N GLY A 53 -7.74 -10.77 0.44
CA GLY A 53 -8.95 -10.41 -0.28
C GLY A 53 -8.67 -9.68 -1.58
N VAL A 54 -9.66 -8.92 -2.04
CA VAL A 54 -9.54 -8.18 -3.29
C VAL A 54 -9.54 -6.68 -3.04
N VAL A 55 -8.79 -5.93 -3.87
CA VAL A 55 -8.73 -4.48 -3.72
C VAL A 55 -9.93 -3.81 -4.37
N LYS A 56 -10.37 -2.72 -3.75
CA LYS A 56 -11.49 -1.94 -4.25
C LYS A 56 -10.99 -0.59 -4.70
N GLU A 57 -10.26 0.06 -3.83
CA GLU A 57 -9.73 1.37 -4.12
C GLU A 57 -8.23 1.33 -4.39
N VAL A 58 -7.69 2.47 -4.82
CA VAL A 58 -6.27 2.57 -5.13
C VAL A 58 -5.87 4.04 -5.26
N LYS A 59 -4.83 4.42 -4.52
CA LYS A 59 -4.34 5.79 -4.54
C LYS A 59 -2.84 5.82 -4.31
N VAL A 60 -2.09 5.43 -5.33
CA VAL A 60 -0.64 5.39 -5.25
C VAL A 60 -0.04 5.10 -6.62
N LYS A 61 1.16 5.62 -6.84
CA LYS A 61 1.87 5.44 -8.10
C LYS A 61 3.36 5.71 -7.93
N VAL A 62 4.04 5.91 -9.05
CA VAL A 62 5.47 6.17 -9.04
C VAL A 62 5.76 7.65 -9.30
N GLY A 63 5.89 8.42 -8.22
CA GLY A 63 6.17 9.83 -8.36
C GLY A 63 5.13 10.70 -7.66
N ASP A 64 4.59 10.20 -6.55
CA ASP A 64 3.58 10.95 -5.80
C ASP A 64 3.95 11.02 -4.32
N LYS A 65 3.68 12.18 -3.71
CA LYS A 65 3.99 12.40 -2.30
C LYS A 65 3.00 11.63 -1.42
N ILE A 66 3.52 10.89 -0.45
CA ILE A 66 2.69 10.11 0.44
C ILE A 66 3.08 10.34 1.91
N SER A 67 2.25 9.82 2.82
CA SER A 67 2.50 9.96 4.24
C SER A 67 1.99 8.75 5.02
N GLU A 68 2.80 8.26 5.95
CA GLU A 68 2.44 7.10 6.77
C GLU A 68 0.97 7.16 7.20
N GLY A 69 0.10 6.53 6.41
CA GLY A 69 -1.31 6.53 6.72
C GLY A 69 -2.10 7.41 5.77
N GLY A 70 -2.09 7.07 4.49
CA GLY A 70 -2.82 7.85 3.51
C GLY A 70 -3.89 7.05 2.80
N LEU A 71 -4.35 5.97 3.44
CA LEU A 71 -5.37 5.11 2.87
C LEU A 71 -5.07 4.80 1.40
N ILE A 72 -3.90 4.23 1.16
CA ILE A 72 -3.48 3.88 -0.18
C ILE A 72 -4.58 3.09 -0.92
N VAL A 73 -4.68 1.80 -0.63
CA VAL A 73 -5.67 0.95 -1.27
C VAL A 73 -6.53 0.23 -0.23
N VAL A 74 -7.72 -0.18 -0.64
CA VAL A 74 -8.64 -0.88 0.25
C VAL A 74 -8.94 -2.28 -0.30
N VAL A 75 -8.83 -3.30 0.55
CA VAL A 75 -9.06 -4.66 0.12
C VAL A 75 -10.22 -5.31 0.86
N GLU A 76 -10.69 -6.44 0.32
CA GLU A 76 -11.80 -7.17 0.91
C GLU A 76 -11.38 -7.87 2.19
N ALA A 77 -10.16 -8.41 2.20
CA ALA A 77 -9.62 -9.10 3.35
C ALA A 77 -10.50 -10.27 3.78
N GLU A 78 -9.92 -11.47 3.82
CA GLU A 78 -10.64 -12.67 4.21
C GLU A 78 -12.02 -12.72 3.56
N GLY A 79 -12.04 -12.63 2.23
CA GLY A 79 -13.30 -12.67 1.51
C GLY A 79 -14.08 -13.95 1.76
N THR A 80 -13.42 -15.09 1.63
CA THR A 80 -14.05 -16.37 1.85
C THR A 80 -13.14 -17.31 2.63
N ALA A 81 -13.69 -18.43 3.09
CA ALA A 81 -12.92 -19.41 3.85
C ALA A 81 -12.79 -20.72 3.09
N ALA A 1 -14.28 -7.89 7.11
CA ALA A 1 -14.68 -8.23 5.72
C ALA A 1 -13.90 -7.39 4.71
N LEU A 2 -13.46 -6.21 5.14
CA LEU A 2 -12.70 -5.31 4.27
C LEU A 2 -11.54 -4.68 5.03
N VAL A 3 -10.74 -3.89 4.32
CA VAL A 3 -9.59 -3.23 4.91
C VAL A 3 -9.12 -2.06 4.06
N GLU A 4 -8.37 -1.15 4.67
CA GLU A 4 -7.84 0.02 3.99
C GLU A 4 -6.34 0.15 4.24
N LEU A 5 -5.53 -0.34 3.31
CA LEU A 5 -4.09 -0.28 3.46
C LEU A 5 -3.62 1.17 3.59
N LYS A 6 -2.39 1.36 4.04
CA LYS A 6 -1.85 2.69 4.22
C LYS A 6 -0.36 2.75 3.86
N VAL A 7 0.17 3.96 3.85
CA VAL A 7 1.58 4.19 3.53
C VAL A 7 2.49 3.74 4.68
N PRO A 8 3.64 3.12 4.37
CA PRO A 8 4.57 2.63 5.40
C PRO A 8 5.16 3.75 6.23
N ASP A 9 6.20 3.41 6.98
CA ASP A 9 6.87 4.37 7.85
C ASP A 9 8.05 5.03 7.14
N ILE A 10 8.46 4.46 6.00
CA ILE A 10 9.58 4.97 5.21
C ILE A 10 10.68 5.60 6.07
N GLY A 11 10.88 5.03 7.27
CA GLY A 11 11.90 5.53 8.18
C GLY A 11 11.99 7.04 8.19
N GLY A 12 10.85 7.71 8.03
CA GLY A 12 10.84 9.16 8.03
C GLY A 12 9.73 9.73 8.89
N HIS A 13 8.79 10.42 8.24
CA HIS A 13 7.67 11.03 8.95
C HIS A 13 6.49 11.26 8.01
N GLU A 14 6.50 12.40 7.34
CA GLU A 14 5.43 12.74 6.40
C GLU A 14 5.99 13.25 5.08
N ASN A 15 5.10 13.53 4.14
CA ASN A 15 5.49 14.02 2.81
C ASN A 15 6.68 13.24 2.25
N VAL A 16 6.37 12.23 1.44
CA VAL A 16 7.40 11.41 0.82
C VAL A 16 6.91 10.83 -0.51
N ASP A 17 7.79 10.78 -1.49
CA ASP A 17 7.44 10.26 -2.81
C ASP A 17 7.50 8.73 -2.84
N ILE A 18 6.43 8.11 -3.35
CA ILE A 18 6.37 6.67 -3.45
C ILE A 18 7.48 6.18 -4.39
N ILE A 19 7.77 4.89 -4.36
CA ILE A 19 8.82 4.36 -5.22
C ILE A 19 8.34 3.15 -6.06
N ALA A 20 7.19 2.60 -5.72
CA ALA A 20 6.67 1.45 -6.44
C ALA A 20 5.14 1.47 -6.51
N VAL A 21 4.60 0.75 -7.48
CA VAL A 21 3.16 0.68 -7.66
C VAL A 21 2.74 -0.66 -8.24
N GLU A 22 1.85 -1.37 -7.55
CA GLU A 22 1.38 -2.67 -7.99
C GLU A 22 -0.05 -2.92 -7.54
N VAL A 23 -0.89 -1.91 -7.69
CA VAL A 23 -2.29 -2.02 -7.30
C VAL A 23 -3.21 -1.44 -8.38
N ASN A 24 -4.09 -2.28 -8.90
CA ASN A 24 -5.03 -1.85 -9.94
C ASN A 24 -6.47 -2.23 -9.58
N VAL A 25 -6.68 -2.65 -8.34
CA VAL A 25 -8.01 -3.04 -7.89
C VAL A 25 -8.57 -4.17 -8.74
N GLY A 26 -8.73 -5.34 -8.14
CA GLY A 26 -9.26 -6.49 -8.86
C GLY A 26 -8.42 -7.75 -8.68
N ASP A 27 -7.20 -7.57 -8.17
CA ASP A 27 -6.30 -8.71 -7.95
C ASP A 27 -6.39 -9.20 -6.50
N THR A 28 -6.31 -10.51 -6.33
CA THR A 28 -6.38 -11.10 -4.99
C THR A 28 -5.09 -10.83 -4.22
N ILE A 29 -5.23 -10.29 -3.01
CA ILE A 29 -4.07 -9.98 -2.17
C ILE A 29 -3.98 -10.94 -0.99
N ALA A 30 -2.76 -11.11 -0.48
CA ALA A 30 -2.54 -12.00 0.65
C ALA A 30 -1.82 -11.27 1.78
N VAL A 31 -1.56 -11.98 2.87
CA VAL A 31 -0.88 -11.40 4.03
C VAL A 31 0.63 -11.47 3.86
N ASP A 32 1.12 -11.06 2.70
CA ASP A 32 2.57 -11.07 2.41
C ASP A 32 2.81 -10.93 0.92
N ASP A 33 2.59 -9.73 0.39
CA ASP A 33 2.80 -9.47 -1.03
C ASP A 33 3.04 -7.99 -1.29
N THR A 34 4.31 -7.63 -1.43
CA THR A 34 4.69 -6.23 -1.67
C THR A 34 3.80 -5.58 -2.72
N LEU A 35 3.09 -4.55 -2.31
CA LEU A 35 2.21 -3.82 -3.20
C LEU A 35 2.97 -2.63 -3.79
N ILE A 36 3.72 -1.96 -2.92
CA ILE A 36 4.52 -0.82 -3.34
C ILE A 36 5.79 -0.70 -2.49
N THR A 37 6.53 0.37 -2.73
CA THR A 37 7.75 0.65 -1.99
C THR A 37 7.93 2.15 -1.91
N LEU A 38 8.06 2.67 -0.70
CA LEU A 38 8.21 4.11 -0.52
C LEU A 38 9.58 4.48 0.01
N GLU A 39 9.90 5.77 -0.03
CA GLU A 39 11.18 6.27 0.45
C GLU A 39 11.12 7.77 0.69
N THR A 40 12.09 8.28 1.42
CA THR A 40 12.16 9.70 1.74
C THR A 40 13.47 10.31 1.24
N ASP A 41 14.58 9.75 1.71
CA ASP A 41 15.90 10.23 1.31
C ASP A 41 17.00 9.36 1.89
N LYS A 42 16.79 8.88 3.12
CA LYS A 42 17.77 8.05 3.79
C LYS A 42 17.22 6.65 4.07
N ALA A 43 15.90 6.51 4.06
CA ALA A 43 15.26 5.22 4.31
C ALA A 43 14.14 4.94 3.32
N THR A 44 13.95 3.66 3.01
CA THR A 44 12.91 3.25 2.07
C THR A 44 12.08 2.11 2.66
N MET A 45 10.77 2.18 2.48
CA MET A 45 9.87 1.15 3.00
C MET A 45 9.06 0.49 1.89
N ASP A 46 8.13 -0.37 2.29
CA ASP A 46 7.28 -1.08 1.36
C ASP A 46 6.14 -1.76 2.11
N VAL A 47 5.06 -2.08 1.41
CA VAL A 47 3.92 -2.73 2.03
C VAL A 47 3.58 -4.05 1.35
N PRO A 48 3.50 -5.15 2.13
CA PRO A 48 3.18 -6.46 1.60
C PRO A 48 1.68 -6.74 1.58
N ALA A 49 0.89 -5.68 1.34
CA ALA A 49 -0.57 -5.81 1.29
C ALA A 49 -1.17 -5.77 2.70
N GLU A 50 -0.65 -6.61 3.57
CA GLU A 50 -1.12 -6.69 4.96
C GLU A 50 -2.61 -6.95 5.00
N VAL A 51 -3.05 -8.02 4.35
CA VAL A 51 -4.46 -8.37 4.31
C VAL A 51 -4.68 -9.71 3.65
N ALA A 52 -5.94 -10.04 3.36
CA ALA A 52 -6.27 -11.33 2.74
C ALA A 52 -7.59 -11.27 2.01
N GLY A 53 -7.65 -10.49 0.94
CA GLY A 53 -8.89 -10.37 0.19
C GLY A 53 -8.68 -9.82 -1.21
N VAL A 54 -9.60 -8.95 -1.64
CA VAL A 54 -9.52 -8.34 -2.96
C VAL A 54 -9.55 -6.82 -2.86
N VAL A 55 -8.68 -6.15 -3.61
CA VAL A 55 -8.63 -4.70 -3.58
C VAL A 55 -9.83 -4.07 -4.26
N LYS A 56 -10.27 -2.95 -3.71
CA LYS A 56 -11.41 -2.22 -4.26
C LYS A 56 -10.94 -0.85 -4.72
N GLU A 57 -10.18 -0.20 -3.85
CA GLU A 57 -9.67 1.12 -4.15
C GLU A 57 -8.17 1.09 -4.37
N VAL A 58 -7.63 2.23 -4.80
CA VAL A 58 -6.20 2.36 -5.07
C VAL A 58 -5.79 3.81 -5.19
N LYS A 59 -4.77 4.20 -4.44
CA LYS A 59 -4.29 5.57 -4.45
C LYS A 59 -2.77 5.61 -4.26
N VAL A 60 -2.04 5.26 -5.30
CA VAL A 60 -0.59 5.23 -5.24
C VAL A 60 0.00 4.98 -6.64
N LYS A 61 1.23 5.42 -6.83
CA LYS A 61 1.91 5.26 -8.11
C LYS A 61 3.43 5.41 -7.93
N VAL A 62 4.11 5.68 -9.04
CA VAL A 62 5.56 5.86 -9.00
C VAL A 62 5.95 7.31 -9.26
N GLY A 63 5.77 8.15 -8.24
CA GLY A 63 6.11 9.56 -8.38
C GLY A 63 5.05 10.48 -7.80
N ASP A 64 4.51 10.11 -6.65
CA ASP A 64 3.47 10.91 -6.01
C ASP A 64 3.83 11.18 -4.55
N LYS A 65 3.58 12.41 -4.10
CA LYS A 65 3.87 12.79 -2.72
C LYS A 65 2.88 12.16 -1.76
N ILE A 66 3.37 11.21 -0.96
CA ILE A 66 2.53 10.52 0.01
C ILE A 66 3.28 10.35 1.34
N SER A 67 2.54 9.94 2.38
CA SER A 67 3.14 9.75 3.70
C SER A 67 2.37 8.70 4.50
N GLU A 68 3.02 8.19 5.55
CA GLU A 68 2.41 7.18 6.42
C GLU A 68 0.95 7.50 6.72
N GLY A 69 0.05 6.73 6.11
CA GLY A 69 -1.37 6.95 6.33
C GLY A 69 -2.02 7.75 5.22
N GLY A 70 -2.15 7.13 4.05
CA GLY A 70 -2.76 7.82 2.93
C GLY A 70 -3.82 6.97 2.24
N LEU A 71 -4.34 5.98 2.96
CA LEU A 71 -5.37 5.09 2.42
C LEU A 71 -5.01 4.66 0.99
N ILE A 72 -3.84 4.06 0.85
CA ILE A 72 -3.38 3.60 -0.45
C ILE A 72 -4.45 2.76 -1.16
N VAL A 73 -4.66 1.54 -0.70
CA VAL A 73 -5.65 0.66 -1.31
C VAL A 73 -6.50 -0.06 -0.28
N VAL A 74 -7.77 -0.26 -0.63
CA VAL A 74 -8.72 -0.95 0.23
C VAL A 74 -8.96 -2.36 -0.30
N VAL A 75 -8.99 -3.34 0.59
CA VAL A 75 -9.20 -4.72 0.19
C VAL A 75 -10.34 -5.39 0.93
N GLU A 76 -10.75 -6.55 0.44
CA GLU A 76 -11.84 -7.30 1.04
C GLU A 76 -11.30 -8.46 1.88
N ALA A 77 -10.30 -8.16 2.72
CA ALA A 77 -9.67 -9.14 3.58
C ALA A 77 -10.66 -10.17 4.12
N GLU A 78 -10.21 -11.41 4.23
CA GLU A 78 -11.05 -12.51 4.71
C GLU A 78 -12.40 -12.50 3.99
N GLY A 79 -12.39 -11.98 2.76
CA GLY A 79 -13.60 -11.93 1.97
C GLY A 79 -14.32 -13.25 1.91
N THR A 80 -15.63 -13.20 1.63
CA THR A 80 -16.43 -14.41 1.54
C THR A 80 -16.91 -14.64 0.11
N ALA A 81 -17.06 -13.56 -0.63
CA ALA A 81 -17.51 -13.64 -2.02
C ALA A 81 -16.35 -13.97 -2.96
N ALA A 1 -14.73 -6.60 7.78
CA ALA A 1 -15.22 -6.75 6.38
C ALA A 1 -14.14 -6.41 5.38
N LEU A 2 -13.98 -5.12 5.09
CA LEU A 2 -12.99 -4.65 4.15
C LEU A 2 -11.77 -4.09 4.88
N VAL A 3 -10.77 -3.66 4.12
CA VAL A 3 -9.54 -3.12 4.69
C VAL A 3 -9.02 -1.96 3.84
N GLU A 4 -8.16 -1.14 4.44
CA GLU A 4 -7.56 0.00 3.76
C GLU A 4 -6.07 0.08 4.06
N LEU A 5 -5.24 -0.04 3.02
CA LEU A 5 -3.80 0.02 3.20
C LEU A 5 -3.36 1.43 3.57
N LYS A 6 -2.16 1.53 4.13
CA LYS A 6 -1.63 2.81 4.55
C LYS A 6 -0.12 2.91 4.32
N VAL A 7 0.34 4.10 3.94
CA VAL A 7 1.75 4.35 3.68
C VAL A 7 2.64 3.66 4.72
N PRO A 8 3.78 3.07 4.30
CA PRO A 8 4.68 2.36 5.20
C PRO A 8 5.50 3.30 6.08
N ASP A 9 6.50 2.74 6.73
CA ASP A 9 7.39 3.49 7.62
C ASP A 9 8.68 3.86 6.91
N ILE A 10 8.65 4.95 6.16
CA ILE A 10 9.83 5.41 5.43
C ILE A 10 10.83 6.12 6.34
N GLY A 11 10.50 6.22 7.63
CA GLY A 11 11.40 6.87 8.57
C GLY A 11 11.44 8.38 8.41
N GLY A 12 11.80 8.84 7.21
CA GLY A 12 11.88 10.27 6.96
C GLY A 12 10.75 11.07 7.59
N HIS A 13 9.62 11.15 6.90
CA HIS A 13 8.47 11.88 7.42
C HIS A 13 7.29 11.80 6.45
N GLU A 14 6.23 12.54 6.75
CA GLU A 14 5.05 12.55 5.90
C GLU A 14 5.36 13.15 4.54
N ASN A 15 4.38 13.12 3.64
CA ASN A 15 4.53 13.65 2.29
C ASN A 15 5.87 13.25 1.68
N VAL A 16 5.96 12.01 1.21
CA VAL A 16 7.17 11.51 0.59
C VAL A 16 6.90 11.05 -0.84
N ASP A 17 7.91 10.53 -1.51
CA ASP A 17 7.75 10.06 -2.88
C ASP A 17 7.75 8.54 -2.95
N ILE A 18 6.65 7.97 -3.42
CA ILE A 18 6.52 6.53 -3.57
C ILE A 18 7.68 6.02 -4.43
N ILE A 19 7.91 4.71 -4.42
CA ILE A 19 9.03 4.16 -5.20
C ILE A 19 8.64 2.89 -5.96
N ALA A 20 7.38 2.49 -5.87
CA ALA A 20 6.91 1.30 -6.56
C ALA A 20 5.39 1.22 -6.57
N VAL A 21 4.84 0.55 -7.58
CA VAL A 21 3.40 0.40 -7.71
C VAL A 21 3.04 -1.02 -8.13
N GLU A 22 2.25 -1.70 -7.30
CA GLU A 22 1.85 -3.07 -7.59
C GLU A 22 0.46 -3.35 -7.03
N VAL A 23 -0.52 -2.60 -7.50
CA VAL A 23 -1.90 -2.78 -7.04
C VAL A 23 -2.88 -2.58 -8.19
N ASN A 24 -3.55 -3.66 -8.55
CA ASN A 24 -4.53 -3.63 -9.62
C ASN A 24 -5.90 -4.05 -9.12
N VAL A 25 -6.71 -3.06 -8.78
CA VAL A 25 -8.06 -3.30 -8.26
C VAL A 25 -8.76 -4.44 -9.02
N GLY A 26 -9.06 -5.51 -8.30
CA GLY A 26 -9.72 -6.66 -8.90
C GLY A 26 -8.87 -7.91 -8.86
N ASP A 27 -7.82 -7.89 -8.04
CA ASP A 27 -6.93 -9.04 -7.91
C ASP A 27 -6.93 -9.57 -6.48
N THR A 28 -6.62 -10.85 -6.33
CA THR A 28 -6.58 -11.48 -5.00
C THR A 28 -5.39 -10.97 -4.21
N ILE A 29 -5.56 -10.87 -2.90
CA ILE A 29 -4.49 -10.40 -2.02
C ILE A 29 -4.40 -11.25 -0.76
N ALA A 30 -3.22 -11.28 -0.17
CA ALA A 30 -3.00 -12.05 1.05
C ALA A 30 -2.22 -11.22 2.08
N VAL A 31 -1.86 -11.86 3.19
CA VAL A 31 -1.12 -11.19 4.24
C VAL A 31 0.39 -11.36 4.05
N ASP A 32 0.85 -11.12 2.83
CA ASP A 32 2.27 -11.25 2.52
C ASP A 32 2.51 -11.10 1.02
N ASP A 33 2.29 -9.89 0.50
CA ASP A 33 2.48 -9.61 -0.92
C ASP A 33 2.80 -8.15 -1.14
N THR A 34 4.06 -7.86 -1.48
CA THR A 34 4.50 -6.49 -1.72
C THR A 34 3.53 -5.73 -2.61
N LEU A 35 2.97 -4.66 -2.05
CA LEU A 35 2.03 -3.81 -2.78
C LEU A 35 2.78 -2.65 -3.42
N ILE A 36 3.74 -2.10 -2.68
CA ILE A 36 4.54 -0.98 -3.18
C ILE A 36 5.83 -0.84 -2.39
N THR A 37 6.62 0.18 -2.72
CA THR A 37 7.86 0.45 -2.03
C THR A 37 8.06 1.96 -1.88
N LEU A 38 7.94 2.44 -0.65
CA LEU A 38 8.07 3.87 -0.37
C LEU A 38 9.50 4.22 0.06
N GLU A 39 9.87 5.49 -0.13
CA GLU A 39 11.19 5.97 0.25
C GLU A 39 11.23 7.49 0.23
N THR A 40 11.98 8.07 1.16
CA THR A 40 12.12 9.51 1.25
C THR A 40 13.47 9.98 0.73
N ASP A 41 14.53 9.48 1.35
CA ASP A 41 15.89 9.83 0.96
C ASP A 41 16.90 9.02 1.75
N LYS A 42 16.62 8.79 3.02
CA LYS A 42 17.52 8.03 3.88
C LYS A 42 16.79 6.84 4.52
N ALA A 43 15.87 6.24 3.77
CA ALA A 43 15.12 5.10 4.26
C ALA A 43 14.08 4.64 3.23
N THR A 44 14.06 3.33 2.98
CA THR A 44 13.12 2.76 2.02
C THR A 44 12.21 1.75 2.71
N MET A 45 10.90 2.05 2.72
CA MET A 45 9.93 1.16 3.34
C MET A 45 8.84 0.76 2.36
N ASP A 46 8.61 -0.54 2.23
CA ASP A 46 7.59 -1.06 1.33
C ASP A 46 6.45 -1.71 2.12
N VAL A 47 5.41 -2.13 1.40
CA VAL A 47 4.27 -2.76 2.05
C VAL A 47 4.04 -4.16 1.50
N PRO A 48 4.18 -5.20 2.36
CA PRO A 48 3.98 -6.59 1.96
C PRO A 48 2.52 -7.02 2.08
N ALA A 49 1.60 -6.12 1.75
CA ALA A 49 0.18 -6.42 1.83
C ALA A 49 -0.18 -7.09 3.14
N GLU A 50 -0.58 -6.29 4.13
CA GLU A 50 -0.94 -6.82 5.44
C GLU A 50 -2.43 -7.07 5.51
N VAL A 51 -2.90 -7.99 4.68
CA VAL A 51 -4.32 -8.33 4.63
C VAL A 51 -4.64 -9.10 3.34
N ALA A 52 -5.62 -9.99 3.41
CA ALA A 52 -6.03 -10.77 2.26
C ALA A 52 -7.23 -10.13 1.59
N GLY A 53 -7.86 -10.86 0.66
CA GLY A 53 -9.04 -10.34 -0.03
C GLY A 53 -8.75 -9.83 -1.43
N VAL A 54 -9.49 -8.80 -1.83
CA VAL A 54 -9.34 -8.20 -3.15
C VAL A 54 -9.40 -6.68 -3.08
N VAL A 55 -8.51 -6.00 -3.77
CA VAL A 55 -8.47 -4.55 -3.76
C VAL A 55 -9.69 -3.95 -4.47
N LYS A 56 -10.13 -2.81 -3.98
CA LYS A 56 -11.26 -2.10 -4.55
C LYS A 56 -10.81 -0.75 -5.03
N GLU A 57 -10.12 -0.03 -4.16
CA GLU A 57 -9.65 1.30 -4.49
C GLU A 57 -8.13 1.36 -4.38
N VAL A 58 -7.57 2.44 -4.93
CA VAL A 58 -6.13 2.65 -4.90
C VAL A 58 -5.81 4.15 -4.95
N LYS A 59 -4.83 4.55 -4.15
CA LYS A 59 -4.44 5.95 -4.08
C LYS A 59 -2.93 6.07 -3.98
N VAL A 60 -2.23 5.54 -4.97
CA VAL A 60 -0.77 5.58 -4.98
C VAL A 60 -0.24 5.44 -6.41
N LYS A 61 0.84 6.14 -6.69
CA LYS A 61 1.47 6.12 -8.01
C LYS A 61 2.97 6.27 -7.90
N VAL A 62 3.65 6.38 -9.04
CA VAL A 62 5.10 6.54 -9.07
C VAL A 62 5.50 8.00 -9.23
N GLY A 63 5.71 8.67 -8.11
CA GLY A 63 6.09 10.08 -8.16
C GLY A 63 5.05 10.99 -7.55
N ASP A 64 4.39 10.51 -6.49
CA ASP A 64 3.36 11.29 -5.82
C ASP A 64 3.74 11.53 -4.36
N LYS A 65 2.95 12.36 -3.68
CA LYS A 65 3.20 12.69 -2.28
C LYS A 65 2.35 11.81 -1.37
N ILE A 66 3.02 11.09 -0.47
CA ILE A 66 2.34 10.20 0.47
C ILE A 66 2.78 10.47 1.91
N SER A 67 1.98 10.02 2.87
CA SER A 67 2.30 10.22 4.29
C SER A 67 2.06 8.94 5.09
N GLU A 68 3.08 8.52 5.83
CA GLU A 68 2.99 7.32 6.67
C GLU A 68 1.64 7.22 7.36
N GLY A 69 0.86 6.21 7.02
CA GLY A 69 -0.45 6.02 7.63
C GLY A 69 -1.56 6.77 6.90
N GLY A 70 -1.83 6.39 5.67
CA GLY A 70 -2.88 7.03 4.91
C GLY A 70 -3.80 6.04 4.23
N LEU A 71 -4.60 6.52 3.29
CA LEU A 71 -5.52 5.64 2.58
C LEU A 71 -5.00 5.36 1.17
N ILE A 72 -4.21 4.30 1.04
CA ILE A 72 -3.63 3.93 -0.23
C ILE A 72 -4.58 3.02 -1.02
N VAL A 73 -4.59 1.73 -0.69
CA VAL A 73 -5.45 0.78 -1.38
C VAL A 73 -6.39 0.06 -0.42
N VAL A 74 -7.65 -0.05 -0.82
CA VAL A 74 -8.66 -0.73 -0.02
C VAL A 74 -8.96 -2.10 -0.59
N VAL A 75 -9.23 -3.07 0.29
CA VAL A 75 -9.51 -4.43 -0.13
C VAL A 75 -10.79 -4.97 0.49
N GLU A 76 -11.28 -6.07 -0.08
CA GLU A 76 -12.50 -6.71 0.40
C GLU A 76 -12.19 -7.63 1.57
N ALA A 77 -10.96 -8.13 1.62
CA ALA A 77 -10.52 -9.02 2.68
C ALA A 77 -11.34 -10.30 2.73
N GLU A 78 -10.67 -11.42 2.49
CA GLU A 78 -11.30 -12.73 2.49
C GLU A 78 -12.62 -12.70 1.73
N GLY A 79 -12.53 -12.33 0.46
CA GLY A 79 -13.72 -12.26 -0.38
C GLY A 79 -14.17 -13.63 -0.85
N THR A 80 -15.37 -14.03 -0.43
CA THR A 80 -15.91 -15.32 -0.81
C THR A 80 -16.96 -15.17 -1.92
N ALA A 81 -16.85 -16.00 -2.94
CA ALA A 81 -17.78 -15.97 -4.07
C ALA A 81 -17.75 -14.61 -4.76
N ALA A 1 -12.20 -8.06 9.07
CA ALA A 1 -12.98 -7.33 8.04
C ALA A 1 -12.07 -6.79 6.94
N LEU A 2 -12.57 -5.82 6.18
CA LEU A 2 -11.81 -5.22 5.11
C LEU A 2 -10.59 -4.48 5.66
N VAL A 3 -9.73 -4.02 4.75
CA VAL A 3 -8.52 -3.29 5.15
C VAL A 3 -8.27 -2.11 4.22
N GLU A 4 -7.71 -1.04 4.77
CA GLU A 4 -7.40 0.16 4.01
C GLU A 4 -5.93 0.51 4.14
N LEU A 5 -5.14 0.15 3.12
CA LEU A 5 -3.71 0.44 3.14
C LEU A 5 -3.46 1.94 3.15
N LYS A 6 -2.60 2.39 4.06
CA LYS A 6 -2.28 3.81 4.17
C LYS A 6 -0.76 4.04 4.19
N VAL A 7 -0.08 3.56 3.17
CA VAL A 7 1.37 3.73 3.06
C VAL A 7 2.09 3.13 4.27
N PRO A 8 3.31 2.59 4.06
CA PRO A 8 4.10 1.99 5.14
C PRO A 8 5.07 2.97 5.77
N ASP A 9 5.84 2.48 6.73
CA ASP A 9 6.83 3.31 7.40
C ASP A 9 7.90 3.74 6.41
N ILE A 10 8.80 4.61 6.86
CA ILE A 10 9.87 5.09 5.99
C ILE A 10 10.92 5.87 6.77
N GLY A 11 11.09 5.53 8.06
CA GLY A 11 12.08 6.20 8.90
C GLY A 11 12.18 7.69 8.63
N GLY A 12 11.46 8.48 9.41
CA GLY A 12 11.51 9.93 9.25
C GLY A 12 10.20 10.60 9.63
N HIS A 13 9.45 11.04 8.63
CA HIS A 13 8.17 11.71 8.87
C HIS A 13 7.22 11.51 7.69
N GLU A 14 6.06 12.15 7.77
CA GLU A 14 5.06 12.05 6.72
C GLU A 14 5.55 12.70 5.42
N ASN A 15 4.63 12.88 4.49
CA ASN A 15 4.93 13.49 3.21
C ASN A 15 6.23 12.95 2.61
N VAL A 16 6.10 11.94 1.76
CA VAL A 16 7.26 11.34 1.10
C VAL A 16 6.93 10.97 -0.34
N ASP A 17 7.87 10.34 -1.03
CA ASP A 17 7.66 9.94 -2.42
C ASP A 17 7.58 8.43 -2.56
N ILE A 18 6.65 7.96 -3.39
CA ILE A 18 6.48 6.54 -3.64
C ILE A 18 7.62 6.03 -4.50
N ILE A 19 7.80 4.72 -4.51
CA ILE A 19 8.88 4.12 -5.30
C ILE A 19 8.40 2.89 -6.08
N ALA A 20 7.17 2.44 -5.84
CA ALA A 20 6.66 1.28 -6.53
C ALA A 20 5.14 1.31 -6.65
N VAL A 21 4.61 0.61 -7.66
CA VAL A 21 3.17 0.56 -7.89
C VAL A 21 2.75 -0.78 -8.48
N GLU A 22 1.79 -1.43 -7.83
CA GLU A 22 1.29 -2.72 -8.29
C GLU A 22 -0.15 -2.95 -7.84
N VAL A 23 -0.91 -1.86 -7.76
CA VAL A 23 -2.30 -1.93 -7.35
C VAL A 23 -3.22 -1.34 -8.42
N ASN A 24 -4.17 -2.15 -8.87
CA ASN A 24 -5.12 -1.71 -9.89
C ASN A 24 -6.56 -2.11 -9.54
N VAL A 25 -6.76 -2.59 -8.32
CA VAL A 25 -8.08 -3.01 -7.88
C VAL A 25 -8.59 -4.17 -8.71
N GLY A 26 -9.09 -5.21 -8.03
CA GLY A 26 -9.59 -6.38 -8.72
C GLY A 26 -8.73 -7.60 -8.50
N ASP A 27 -7.46 -7.37 -8.14
CA ASP A 27 -6.53 -8.47 -7.89
C ASP A 27 -6.53 -8.83 -6.42
N THR A 28 -6.47 -10.14 -6.14
CA THR A 28 -6.46 -10.62 -4.76
C THR A 28 -5.16 -10.24 -4.08
N ILE A 29 -5.15 -10.29 -2.76
CA ILE A 29 -3.96 -9.96 -1.97
C ILE A 29 -3.85 -10.85 -0.75
N ALA A 30 -2.68 -11.44 -0.55
CA ALA A 30 -2.45 -12.31 0.60
C ALA A 30 -1.97 -11.52 1.81
N VAL A 31 -1.63 -12.22 2.88
CA VAL A 31 -1.15 -11.57 4.10
C VAL A 31 0.36 -11.39 4.08
N ASP A 32 0.90 -11.01 2.93
CA ASP A 32 2.35 -10.80 2.79
C ASP A 32 2.73 -10.65 1.32
N ASP A 33 2.29 -9.55 0.71
CA ASP A 33 2.61 -9.30 -0.71
C ASP A 33 2.87 -7.82 -0.94
N THR A 34 4.10 -7.51 -1.35
CA THR A 34 4.50 -6.14 -1.62
C THR A 34 3.63 -5.51 -2.69
N LEU A 35 2.86 -4.50 -2.30
CA LEU A 35 2.00 -3.78 -3.23
C LEU A 35 2.76 -2.62 -3.84
N ILE A 36 3.52 -1.93 -2.99
CA ILE A 36 4.34 -0.80 -3.44
C ILE A 36 5.58 -0.66 -2.58
N THR A 37 6.34 0.39 -2.85
CA THR A 37 7.55 0.68 -2.09
C THR A 37 7.57 2.15 -1.71
N LEU A 38 8.22 2.48 -0.61
CA LEU A 38 8.29 3.87 -0.16
C LEU A 38 9.72 4.23 0.25
N GLU A 39 9.96 5.53 0.42
CA GLU A 39 11.29 5.99 0.81
C GLU A 39 11.29 7.50 1.07
N THR A 40 12.35 7.97 1.74
CA THR A 40 12.47 9.38 2.06
C THR A 40 13.75 9.96 1.46
N ASP A 41 14.89 9.60 2.02
CA ASP A 41 16.17 10.08 1.54
C ASP A 41 17.31 9.16 2.00
N LYS A 42 16.96 7.90 2.25
CA LYS A 42 17.95 6.92 2.69
C LYS A 42 17.28 5.58 3.00
N ALA A 43 16.14 5.63 3.67
CA ALA A 43 15.40 4.42 4.02
C ALA A 43 14.27 4.16 3.03
N THR A 44 14.22 2.94 2.49
CA THR A 44 13.18 2.57 1.55
C THR A 44 12.30 1.46 2.10
N MET A 45 11.03 1.77 2.31
CA MET A 45 10.08 0.80 2.85
C MET A 45 9.16 0.26 1.74
N ASP A 46 8.08 -0.39 2.15
CA ASP A 46 7.12 -0.95 1.21
C ASP A 46 5.92 -1.55 1.94
N VAL A 47 4.86 -1.84 1.19
CA VAL A 47 3.66 -2.42 1.77
C VAL A 47 3.46 -3.86 1.31
N PRO A 48 3.76 -4.84 2.20
CA PRO A 48 3.61 -6.25 1.89
C PRO A 48 2.21 -6.76 2.23
N ALA A 49 1.20 -5.97 1.92
CA ALA A 49 -0.18 -6.34 2.21
C ALA A 49 -0.35 -6.64 3.70
N GLU A 50 -1.58 -6.93 4.11
CA GLU A 50 -1.86 -7.23 5.50
C GLU A 50 -3.20 -7.92 5.66
N VAL A 51 -3.52 -8.80 4.72
CA VAL A 51 -4.80 -9.53 4.76
C VAL A 51 -4.98 -10.40 3.52
N ALA A 52 -5.98 -11.28 3.56
CA ALA A 52 -6.26 -12.18 2.46
C ALA A 52 -7.57 -11.85 1.76
N GLY A 53 -7.51 -11.04 0.72
CA GLY A 53 -8.72 -10.69 0.00
C GLY A 53 -8.47 -10.06 -1.35
N VAL A 54 -9.27 -9.05 -1.69
CA VAL A 54 -9.14 -8.36 -2.96
C VAL A 54 -9.20 -6.85 -2.78
N VAL A 55 -8.45 -6.11 -3.60
CA VAL A 55 -8.45 -4.65 -3.51
C VAL A 55 -9.71 -4.06 -4.10
N LYS A 56 -10.15 -2.97 -3.50
CA LYS A 56 -11.35 -2.27 -3.96
C LYS A 56 -10.96 -0.88 -4.45
N GLU A 57 -10.16 -0.21 -3.64
CA GLU A 57 -9.73 1.13 -3.99
C GLU A 57 -8.25 1.17 -4.35
N VAL A 58 -7.82 2.28 -4.93
CA VAL A 58 -6.43 2.46 -5.34
C VAL A 58 -6.11 3.93 -5.56
N LYS A 59 -5.10 4.43 -4.87
CA LYS A 59 -4.70 5.83 -5.01
C LYS A 59 -3.20 5.98 -4.78
N VAL A 60 -2.43 5.70 -5.83
CA VAL A 60 -0.98 5.79 -5.76
C VAL A 60 -0.35 5.57 -7.13
N LYS A 61 0.82 6.18 -7.33
CA LYS A 61 1.53 6.06 -8.60
C LYS A 61 3.04 6.17 -8.38
N VAL A 62 3.78 6.20 -9.48
CA VAL A 62 5.24 6.29 -9.41
C VAL A 62 5.71 7.72 -9.69
N GLY A 63 5.58 8.58 -8.69
CA GLY A 63 5.99 9.96 -8.83
C GLY A 63 5.03 10.93 -8.19
N ASP A 64 4.55 10.59 -7.01
CA ASP A 64 3.61 11.45 -6.29
C ASP A 64 4.02 11.59 -4.82
N LYS A 65 3.45 12.59 -4.16
CA LYS A 65 3.76 12.84 -2.76
C LYS A 65 2.84 12.04 -1.85
N ILE A 66 3.38 10.98 -1.27
CA ILE A 66 2.62 10.12 -0.38
C ILE A 66 3.41 9.83 0.89
N SER A 67 2.72 9.33 1.92
CA SER A 67 3.38 9.02 3.19
C SER A 67 2.48 8.18 4.08
N GLU A 68 3.05 7.64 5.14
CA GLU A 68 2.31 6.81 6.09
C GLU A 68 0.97 7.44 6.46
N GLY A 69 -0.07 7.07 5.71
CA GLY A 69 -1.39 7.61 5.95
C GLY A 69 -1.98 8.27 4.71
N GLY A 70 -2.09 7.51 3.63
CA GLY A 70 -2.65 8.05 2.41
C GLY A 70 -3.77 7.21 1.83
N LEU A 71 -4.23 6.22 2.60
CA LEU A 71 -5.30 5.34 2.16
C LEU A 71 -5.05 4.86 0.74
N ILE A 72 -3.82 4.41 0.49
CA ILE A 72 -3.42 3.92 -0.82
C ILE A 72 -4.51 3.02 -1.44
N VAL A 73 -4.59 1.79 -0.95
CA VAL A 73 -5.57 0.84 -1.47
C VAL A 73 -6.27 0.08 -0.35
N VAL A 74 -7.54 -0.25 -0.58
CA VAL A 74 -8.34 -1.00 0.38
C VAL A 74 -8.60 -2.41 -0.15
N VAL A 75 -8.55 -3.39 0.74
CA VAL A 75 -8.77 -4.77 0.33
C VAL A 75 -9.92 -5.43 1.09
N GLU A 76 -10.42 -6.54 0.53
CA GLU A 76 -11.52 -7.27 1.13
C GLU A 76 -11.08 -7.95 2.43
N ALA A 77 -9.88 -8.54 2.41
CA ALA A 77 -9.33 -9.20 3.58
C ALA A 77 -10.22 -10.34 4.06
N GLU A 78 -9.62 -11.50 4.28
CA GLU A 78 -10.33 -12.70 4.73
C GLU A 78 -11.70 -12.83 4.08
N GLY A 79 -11.71 -12.91 2.76
CA GLY A 79 -12.97 -13.03 2.04
C GLY A 79 -13.37 -14.47 1.83
N THR A 80 -13.79 -14.80 0.61
CA THR A 80 -14.22 -16.15 0.27
C THR A 80 -14.78 -16.22 -1.14
N ALA A 81 -14.08 -16.94 -2.01
CA ALA A 81 -14.51 -17.08 -3.40
C ALA A 81 -13.74 -18.19 -4.10
N ALA A 1 -14.95 -8.17 6.86
CA ALA A 1 -15.02 -6.81 6.27
C ALA A 1 -13.79 -6.51 5.42
N LEU A 2 -13.72 -5.30 4.88
CA LEU A 2 -12.60 -4.88 4.05
C LEU A 2 -11.50 -4.24 4.90
N VAL A 3 -10.39 -3.91 4.27
CA VAL A 3 -9.27 -3.29 4.95
C VAL A 3 -8.87 -1.99 4.25
N GLU A 4 -8.11 -1.15 4.96
CA GLU A 4 -7.66 0.12 4.42
C GLU A 4 -6.14 0.24 4.51
N LEU A 5 -5.44 -0.21 3.47
CA LEU A 5 -3.99 -0.14 3.44
C LEU A 5 -3.51 1.27 3.76
N LYS A 6 -2.30 1.37 4.32
CA LYS A 6 -1.75 2.67 4.67
C LYS A 6 -0.26 2.74 4.36
N VAL A 7 0.21 3.96 4.07
CA VAL A 7 1.61 4.21 3.76
C VAL A 7 2.52 3.51 4.77
N PRO A 8 3.67 2.99 4.32
CA PRO A 8 4.61 2.29 5.20
C PRO A 8 5.33 3.25 6.15
N ASP A 9 6.37 2.73 6.80
CA ASP A 9 7.16 3.51 7.72
C ASP A 9 8.41 4.06 7.05
N ILE A 10 8.24 5.11 6.25
CA ILE A 10 9.36 5.72 5.55
C ILE A 10 10.02 6.78 6.41
N GLY A 11 10.52 6.36 7.57
CA GLY A 11 11.18 7.24 8.52
C GLY A 11 11.77 8.50 7.91
N GLY A 12 10.93 9.52 7.76
CA GLY A 12 11.38 10.77 7.18
C GLY A 12 10.43 11.92 7.50
N HIS A 13 9.19 11.80 7.02
CA HIS A 13 8.17 12.83 7.25
C HIS A 13 6.94 12.58 6.39
N GLU A 14 5.82 13.15 6.81
CA GLU A 14 4.57 13.00 6.06
C GLU A 14 4.60 13.81 4.78
N ASN A 15 5.51 13.42 3.89
CA ASN A 15 5.67 14.10 2.61
C ASN A 15 6.78 13.43 1.81
N VAL A 16 6.63 12.13 1.58
CA VAL A 16 7.63 11.37 0.85
C VAL A 16 7.14 11.03 -0.55
N ASP A 17 7.92 10.26 -1.28
CA ASP A 17 7.57 9.86 -2.64
C ASP A 17 7.60 8.35 -2.79
N ILE A 18 6.53 7.79 -3.35
CA ILE A 18 6.45 6.36 -3.54
C ILE A 18 7.49 5.92 -4.56
N ILE A 19 7.80 4.63 -4.56
CA ILE A 19 8.80 4.10 -5.48
C ILE A 19 8.22 2.92 -6.28
N ALA A 20 7.42 2.11 -5.61
CA ALA A 20 6.81 0.95 -6.25
C ALA A 20 5.30 1.05 -6.24
N VAL A 21 4.65 0.21 -7.04
CA VAL A 21 3.20 0.20 -7.11
C VAL A 21 2.68 -1.13 -7.67
N GLU A 22 1.94 -1.86 -6.85
CA GLU A 22 1.39 -3.15 -7.25
C GLU A 22 -0.07 -3.27 -6.84
N VAL A 23 -0.91 -2.38 -7.36
CA VAL A 23 -2.32 -2.39 -7.04
C VAL A 23 -3.16 -1.98 -8.25
N ASN A 24 -4.02 -2.89 -8.71
CA ASN A 24 -4.88 -2.61 -9.85
C ASN A 24 -6.35 -2.70 -9.47
N VAL A 25 -6.64 -2.53 -8.20
CA VAL A 25 -8.00 -2.60 -7.69
C VAL A 25 -8.56 -4.01 -7.81
N GLY A 26 -9.14 -4.33 -8.96
CA GLY A 26 -9.69 -5.65 -9.17
C GLY A 26 -8.62 -6.70 -9.28
N ASP A 27 -7.85 -6.86 -8.20
CA ASP A 27 -6.78 -7.85 -8.18
C ASP A 27 -6.87 -8.72 -6.92
N THR A 28 -6.06 -9.76 -6.88
CA THR A 28 -6.06 -10.68 -5.74
C THR A 28 -4.88 -10.37 -4.81
N ILE A 29 -5.16 -10.37 -3.51
CA ILE A 29 -4.13 -10.10 -2.51
C ILE A 29 -4.14 -11.13 -1.39
N ALA A 30 -2.98 -11.33 -0.77
CA ALA A 30 -2.86 -12.28 0.33
C ALA A 30 -2.03 -11.71 1.47
N VAL A 31 -1.95 -12.44 2.57
CA VAL A 31 -1.20 -11.99 3.74
C VAL A 31 0.30 -12.21 3.54
N ASP A 32 0.85 -11.68 2.45
CA ASP A 32 2.27 -11.81 2.14
C ASP A 32 2.54 -11.51 0.67
N ASP A 33 2.42 -10.24 0.29
CA ASP A 33 2.64 -9.82 -1.09
C ASP A 33 3.07 -8.37 -1.15
N THR A 34 4.21 -8.11 -1.78
CA THR A 34 4.73 -6.76 -1.91
C THR A 34 3.75 -5.87 -2.65
N LEU A 35 3.27 -4.85 -1.97
CA LEU A 35 2.33 -3.90 -2.56
C LEU A 35 3.09 -2.74 -3.19
N ILE A 36 4.14 -2.29 -2.50
CA ILE A 36 4.97 -1.21 -2.99
C ILE A 36 6.35 -1.24 -2.33
N THR A 37 7.06 -0.12 -2.40
CA THR A 37 8.38 0.00 -1.80
C THR A 37 8.70 1.47 -1.55
N LEU A 38 7.78 2.13 -0.85
CA LEU A 38 7.92 3.55 -0.52
C LEU A 38 9.35 3.90 -0.09
N GLU A 39 9.66 5.19 -0.09
CA GLU A 39 10.99 5.65 0.30
C GLU A 39 11.02 7.18 0.38
N THR A 40 11.94 7.70 1.20
CA THR A 40 12.09 9.14 1.37
C THR A 40 13.28 9.65 0.57
N ASP A 41 14.48 9.53 1.16
CA ASP A 41 15.70 9.95 0.52
C ASP A 41 16.89 9.13 0.99
N LYS A 42 16.60 7.93 1.50
CA LYS A 42 17.64 7.04 1.99
C LYS A 42 17.04 5.74 2.52
N ALA A 43 15.94 5.86 3.25
CA ALA A 43 15.27 4.70 3.81
C ALA A 43 14.10 4.24 2.95
N THR A 44 14.30 3.15 2.23
CA THR A 44 13.25 2.61 1.36
C THR A 44 12.41 1.59 2.11
N MET A 45 11.12 1.91 2.30
CA MET A 45 10.22 1.03 3.01
C MET A 45 9.43 0.15 2.04
N ASP A 46 9.27 -1.12 2.40
CA ASP A 46 8.54 -2.07 1.58
C ASP A 46 7.34 -2.64 2.33
N VAL A 47 6.24 -2.88 1.61
CA VAL A 47 5.04 -3.42 2.22
C VAL A 47 4.64 -4.74 1.55
N PRO A 48 4.73 -5.86 2.29
CA PRO A 48 4.36 -7.18 1.77
C PRO A 48 2.89 -7.49 1.98
N ALA A 49 2.04 -6.47 1.86
CA ALA A 49 0.60 -6.64 2.05
C ALA A 49 0.28 -7.30 3.38
N GLU A 50 -0.99 -7.28 3.75
CA GLU A 50 -1.43 -7.88 5.00
C GLU A 50 -2.94 -8.04 5.01
N VAL A 51 -3.43 -8.92 4.17
CA VAL A 51 -4.87 -9.16 4.07
C VAL A 51 -5.18 -10.32 3.14
N ALA A 52 -6.46 -10.68 3.04
CA ALA A 52 -6.87 -11.79 2.18
C ALA A 52 -8.16 -11.47 1.44
N GLY A 53 -8.06 -10.69 0.37
CA GLY A 53 -9.26 -10.37 -0.37
C GLY A 53 -8.98 -9.73 -1.72
N VAL A 54 -9.80 -8.74 -2.06
CA VAL A 54 -9.68 -8.04 -3.32
C VAL A 54 -9.70 -6.53 -3.11
N VAL A 55 -8.85 -5.81 -3.84
CA VAL A 55 -8.79 -4.35 -3.71
C VAL A 55 -9.91 -3.68 -4.48
N LYS A 56 -10.38 -2.58 -3.94
CA LYS A 56 -11.44 -1.80 -4.57
C LYS A 56 -10.93 -0.42 -4.89
N GLU A 57 -10.21 0.15 -3.93
CA GLU A 57 -9.66 1.47 -4.08
C GLU A 57 -8.15 1.43 -4.20
N VAL A 58 -7.59 2.49 -4.79
CA VAL A 58 -6.15 2.59 -4.98
C VAL A 58 -5.73 4.06 -4.99
N LYS A 59 -4.88 4.43 -4.04
CA LYS A 59 -4.41 5.80 -3.93
C LYS A 59 -2.89 5.84 -3.81
N VAL A 60 -2.21 5.48 -4.88
CA VAL A 60 -0.75 5.46 -4.90
C VAL A 60 -0.23 5.20 -6.31
N LYS A 61 0.98 5.68 -6.57
CA LYS A 61 1.62 5.50 -7.87
C LYS A 61 3.09 5.90 -7.81
N VAL A 62 3.82 5.61 -8.87
CA VAL A 62 5.24 5.94 -8.93
C VAL A 62 5.46 7.40 -9.33
N GLY A 63 5.48 8.29 -8.33
CA GLY A 63 5.68 9.69 -8.60
C GLY A 63 4.63 10.57 -7.94
N ASP A 64 4.38 10.33 -6.67
CA ASP A 64 3.39 11.10 -5.92
C ASP A 64 3.87 11.39 -4.50
N LYS A 65 3.09 12.15 -3.75
CA LYS A 65 3.43 12.51 -2.38
C LYS A 65 2.60 11.70 -1.39
N ILE A 66 3.12 11.53 -0.19
CA ILE A 66 2.43 10.77 0.85
C ILE A 66 2.57 11.42 2.23
N SER A 67 1.85 10.89 3.20
CA SER A 67 1.88 11.42 4.57
C SER A 67 1.70 10.30 5.59
N GLU A 68 2.45 9.22 5.41
CA GLU A 68 2.38 8.06 6.32
C GLU A 68 0.95 7.75 6.74
N GLY A 69 0.08 7.56 5.75
CA GLY A 69 -1.31 7.27 6.04
C GLY A 69 -2.27 8.01 5.14
N GLY A 70 -2.30 7.63 3.86
CA GLY A 70 -3.17 8.29 2.91
C GLY A 70 -4.20 7.34 2.33
N LEU A 71 -4.58 6.32 3.09
CA LEU A 71 -5.56 5.34 2.63
C LEU A 71 -5.21 4.86 1.23
N ILE A 72 -4.00 4.33 1.08
CA ILE A 72 -3.52 3.83 -0.19
C ILE A 72 -4.58 2.97 -0.89
N VAL A 73 -4.64 1.69 -0.51
CA VAL A 73 -5.61 0.78 -1.12
C VAL A 73 -6.53 0.16 -0.08
N VAL A 74 -7.67 -0.34 -0.56
CA VAL A 74 -8.66 -0.99 0.31
C VAL A 74 -9.04 -2.35 -0.26
N VAL A 75 -8.81 -3.40 0.53
CA VAL A 75 -9.10 -4.76 0.08
C VAL A 75 -10.25 -5.39 0.85
N GLU A 76 -10.89 -6.38 0.22
CA GLU A 76 -12.00 -7.10 0.84
C GLU A 76 -11.49 -7.86 2.06
N ALA A 77 -10.23 -8.28 1.98
CA ALA A 77 -9.58 -9.01 3.07
C ALA A 77 -10.37 -10.24 3.53
N GLU A 78 -9.66 -11.16 4.18
CA GLU A 78 -10.25 -12.40 4.69
C GLU A 78 -10.58 -13.36 3.56
N GLY A 79 -11.50 -12.97 2.70
CA GLY A 79 -11.89 -13.82 1.58
C GLY A 79 -13.08 -14.70 1.91
N THR A 80 -13.48 -15.53 0.96
CA THR A 80 -14.61 -16.43 1.15
C THR A 80 -14.81 -17.32 -0.08
N ALA A 81 -14.84 -16.70 -1.26
CA ALA A 81 -15.03 -17.43 -2.50
C ALA A 81 -14.23 -16.78 -3.64
N ALA A 1 -13.82 -7.90 7.92
CA ALA A 1 -14.43 -7.03 6.88
C ALA A 1 -13.37 -6.45 5.96
N LEU A 2 -13.77 -5.51 5.12
CA LEU A 2 -12.85 -4.87 4.18
C LEU A 2 -11.63 -4.32 4.91
N VAL A 3 -10.67 -3.82 4.15
CA VAL A 3 -9.45 -3.26 4.72
C VAL A 3 -9.01 -2.02 3.95
N GLU A 4 -8.29 -1.13 4.65
CA GLU A 4 -7.79 0.10 4.03
C GLU A 4 -6.30 0.24 4.31
N LEU A 5 -5.48 -0.09 3.31
CA LEU A 5 -4.03 0.01 3.45
C LEU A 5 -3.60 1.44 3.73
N LYS A 6 -2.41 1.59 4.32
CA LYS A 6 -1.88 2.91 4.65
C LYS A 6 -0.38 2.98 4.42
N VAL A 7 0.08 4.14 3.99
CA VAL A 7 1.51 4.36 3.72
C VAL A 7 2.36 3.88 4.90
N PRO A 8 3.52 3.26 4.60
CA PRO A 8 4.43 2.76 5.65
C PRO A 8 5.06 3.90 6.45
N ASP A 9 6.09 3.55 7.21
CA ASP A 9 6.80 4.53 8.03
C ASP A 9 8.00 5.13 7.29
N ILE A 10 8.37 4.50 6.17
CA ILE A 10 9.50 4.95 5.35
C ILE A 10 10.63 5.55 6.18
N GLY A 11 10.82 5.03 7.40
CA GLY A 11 11.86 5.51 8.29
C GLY A 11 12.09 7.01 8.21
N GLY A 12 11.03 7.76 7.93
CA GLY A 12 11.14 9.20 7.83
C GLY A 12 9.93 9.92 8.40
N HIS A 13 9.41 10.88 7.64
CA HIS A 13 8.25 11.65 8.07
C HIS A 13 7.19 11.68 6.98
N GLU A 14 6.26 12.62 7.09
CA GLU A 14 5.19 12.76 6.11
C GLU A 14 5.73 13.22 4.76
N ASN A 15 4.83 13.38 3.80
CA ASN A 15 5.20 13.81 2.46
C ASN A 15 6.44 13.08 1.95
N VAL A 16 6.23 12.01 1.21
CA VAL A 16 7.33 11.21 0.66
C VAL A 16 6.95 10.65 -0.70
N ASP A 17 7.88 10.70 -1.65
CA ASP A 17 7.65 10.21 -2.99
C ASP A 17 7.59 8.67 -3.01
N ILE A 18 6.51 8.14 -3.56
CA ILE A 18 6.35 6.70 -3.67
C ILE A 18 7.53 6.11 -4.42
N ILE A 19 7.71 4.79 -4.37
CA ILE A 19 8.86 4.19 -5.05
C ILE A 19 8.48 2.86 -5.72
N ALA A 20 7.19 2.55 -5.77
CA ALA A 20 6.72 1.32 -6.38
C ALA A 20 5.20 1.23 -6.36
N VAL A 21 4.62 0.62 -7.39
CA VAL A 21 3.18 0.48 -7.48
C VAL A 21 2.80 -0.91 -7.98
N GLU A 22 1.97 -1.61 -7.20
CA GLU A 22 1.55 -2.96 -7.56
C GLU A 22 0.14 -3.24 -7.04
N VAL A 23 -0.73 -2.23 -7.10
CA VAL A 23 -2.09 -2.37 -6.63
C VAL A 23 -3.10 -2.13 -7.75
N ASN A 24 -3.80 -3.19 -8.13
CA ASN A 24 -4.80 -3.10 -9.19
C ASN A 24 -6.15 -3.56 -8.68
N VAL A 25 -6.97 -2.59 -8.30
CA VAL A 25 -8.32 -2.85 -7.79
C VAL A 25 -9.00 -3.99 -8.53
N GLY A 26 -9.20 -5.11 -7.85
CA GLY A 26 -9.83 -6.26 -8.46
C GLY A 26 -8.91 -7.47 -8.53
N ASP A 27 -7.89 -7.47 -7.68
CA ASP A 27 -6.94 -8.58 -7.65
C ASP A 27 -6.86 -9.19 -6.25
N THR A 28 -6.70 -10.50 -6.19
CA THR A 28 -6.61 -11.22 -4.92
C THR A 28 -5.30 -10.90 -4.23
N ILE A 29 -5.39 -10.47 -2.98
CA ILE A 29 -4.21 -10.14 -2.19
C ILE A 29 -3.95 -11.19 -1.11
N ALA A 30 -2.78 -11.10 -0.48
CA ALA A 30 -2.41 -12.06 0.57
C ALA A 30 -1.84 -11.32 1.78
N VAL A 31 -1.43 -12.10 2.79
CA VAL A 31 -0.86 -11.53 4.00
C VAL A 31 0.66 -11.51 3.93
N ASP A 32 1.19 -11.30 2.72
CA ASP A 32 2.63 -11.25 2.51
C ASP A 32 2.97 -11.10 1.04
N ASP A 33 2.53 -9.99 0.44
CA ASP A 33 2.79 -9.74 -0.97
C ASP A 33 3.11 -8.27 -1.19
N THR A 34 4.37 -7.96 -1.49
CA THR A 34 4.79 -6.59 -1.72
C THR A 34 3.86 -5.89 -2.70
N LEU A 35 3.20 -4.85 -2.20
CA LEU A 35 2.29 -4.07 -3.02
C LEU A 35 3.02 -2.86 -3.58
N ILE A 36 3.79 -2.20 -2.73
CA ILE A 36 4.56 -1.03 -3.14
C ILE A 36 5.84 -0.88 -2.33
N THR A 37 6.54 0.22 -2.56
CA THR A 37 7.77 0.50 -1.83
C THR A 37 7.92 2.02 -1.69
N LEU A 38 7.73 2.51 -0.48
CA LEU A 38 7.82 3.94 -0.21
C LEU A 38 9.24 4.31 0.23
N GLU A 39 9.63 5.56 -0.05
CA GLU A 39 10.96 6.03 0.32
C GLU A 39 10.98 7.55 0.46
N THR A 40 11.84 8.05 1.33
CA THR A 40 11.96 9.49 1.57
C THR A 40 13.31 10.01 1.07
N ASP A 41 14.38 9.50 1.64
CA ASP A 41 15.72 9.91 1.26
C ASP A 41 16.78 8.99 1.86
N LYS A 42 16.57 8.60 3.12
CA LYS A 42 17.51 7.72 3.81
C LYS A 42 16.77 6.55 4.46
N ALA A 43 15.75 6.06 3.78
CA ALA A 43 14.95 4.94 4.30
C ALA A 43 13.87 4.54 3.32
N THR A 44 13.93 3.29 2.85
CA THR A 44 12.94 2.79 1.90
C THR A 44 12.09 1.69 2.54
N MET A 45 10.79 1.92 2.59
CA MET A 45 9.86 0.96 3.17
C MET A 45 9.06 0.25 2.09
N ASP A 46 8.62 -0.97 2.39
CA ASP A 46 7.83 -1.76 1.45
C ASP A 46 6.61 -2.36 2.14
N VAL A 47 5.50 -2.43 1.41
CA VAL A 47 4.27 -2.99 1.97
C VAL A 47 3.99 -4.38 1.41
N PRO A 48 4.17 -5.43 2.24
CA PRO A 48 3.94 -6.81 1.83
C PRO A 48 2.49 -7.24 2.05
N ALA A 49 1.55 -6.33 1.79
CA ALA A 49 0.13 -6.63 1.95
C ALA A 49 -0.14 -7.37 3.26
N GLU A 50 -0.49 -6.62 4.30
CA GLU A 50 -0.76 -7.21 5.61
C GLU A 50 -2.22 -7.64 5.72
N VAL A 51 -2.65 -8.46 4.75
CA VAL A 51 -4.02 -8.95 4.72
C VAL A 51 -4.38 -9.47 3.32
N ALA A 52 -5.13 -10.56 3.27
CA ALA A 52 -5.55 -11.15 2.01
C ALA A 52 -6.79 -10.43 1.50
N GLY A 53 -7.50 -11.06 0.57
CA GLY A 53 -8.70 -10.46 0.03
C GLY A 53 -8.52 -9.94 -1.38
N VAL A 54 -9.20 -8.83 -1.69
CA VAL A 54 -9.12 -8.22 -3.02
C VAL A 54 -9.20 -6.70 -2.93
N VAL A 55 -8.38 -6.00 -3.71
CA VAL A 55 -8.40 -4.54 -3.68
C VAL A 55 -9.59 -3.98 -4.43
N LYS A 56 -10.07 -2.84 -3.94
CA LYS A 56 -11.19 -2.15 -4.54
C LYS A 56 -10.76 -0.76 -4.97
N GLU A 57 -10.08 -0.08 -4.06
CA GLU A 57 -9.62 1.26 -4.32
C GLU A 57 -8.10 1.30 -4.47
N VAL A 58 -7.59 2.46 -4.87
CA VAL A 58 -6.15 2.66 -5.05
C VAL A 58 -5.82 4.15 -5.14
N LYS A 59 -4.74 4.53 -4.48
CA LYS A 59 -4.31 5.92 -4.49
C LYS A 59 -2.80 6.01 -4.28
N VAL A 60 -2.06 5.55 -5.29
CA VAL A 60 -0.61 5.56 -5.22
C VAL A 60 -0.01 5.22 -6.59
N LYS A 61 1.20 5.72 -6.82
CA LYS A 61 1.89 5.48 -8.09
C LYS A 61 3.32 6.00 -8.00
N VAL A 62 3.98 6.09 -9.15
CA VAL A 62 5.35 6.58 -9.20
C VAL A 62 5.41 8.01 -9.73
N GLY A 63 5.35 8.98 -8.82
CA GLY A 63 5.41 10.37 -9.21
C GLY A 63 4.71 11.29 -8.22
N ASP A 64 3.83 10.72 -7.41
CA ASP A 64 3.09 11.51 -6.42
C ASP A 64 3.73 11.40 -5.04
N LYS A 65 3.31 12.26 -4.13
CA LYS A 65 3.83 12.26 -2.77
C LYS A 65 2.86 11.59 -1.81
N ILE A 66 3.39 10.72 -0.95
CA ILE A 66 2.56 10.00 0.01
C ILE A 66 3.11 10.16 1.43
N SER A 67 2.29 9.86 2.43
CA SER A 67 2.69 9.97 3.83
C SER A 67 2.03 8.89 4.67
N GLU A 68 2.77 8.40 5.67
CA GLU A 68 2.27 7.37 6.58
C GLU A 68 0.81 7.62 6.97
N GLY A 69 -0.09 6.83 6.40
CA GLY A 69 -1.51 6.99 6.69
C GLY A 69 -2.21 7.87 5.68
N GLY A 70 -2.38 7.35 4.46
CA GLY A 70 -3.05 8.12 3.42
C GLY A 70 -4.08 7.30 2.67
N LEU A 71 -4.54 6.21 3.29
CA LEU A 71 -5.53 5.33 2.68
C LEU A 71 -5.14 5.00 1.24
N ILE A 72 -3.96 4.38 1.08
CA ILE A 72 -3.48 4.01 -0.23
C ILE A 72 -4.53 3.20 -0.99
N VAL A 73 -4.68 1.92 -0.62
CA VAL A 73 -5.64 1.06 -1.28
C VAL A 73 -6.52 0.33 -0.27
N VAL A 74 -7.75 0.06 -0.67
CA VAL A 74 -8.72 -0.64 0.18
C VAL A 74 -9.07 -1.98 -0.43
N VAL A 75 -9.08 -3.03 0.38
CA VAL A 75 -9.38 -4.36 -0.11
C VAL A 75 -10.58 -4.98 0.61
N GLU A 76 -10.94 -6.19 0.18
CA GLU A 76 -12.06 -6.91 0.76
C GLU A 76 -11.62 -7.64 2.02
N ALA A 77 -10.37 -8.10 2.02
CA ALA A 77 -9.81 -8.80 3.16
C ALA A 77 -10.43 -10.17 3.32
N GLU A 78 -10.85 -10.74 2.21
CA GLU A 78 -11.45 -12.07 2.18
C GLU A 78 -10.60 -13.04 2.96
N GLY A 79 -9.42 -13.32 2.44
CA GLY A 79 -8.49 -14.24 3.08
C GLY A 79 -9.16 -15.50 3.57
N THR A 80 -9.18 -16.53 2.74
CA THR A 80 -9.79 -17.80 3.11
C THR A 80 -8.78 -18.94 3.05
N ALA A 81 -8.23 -19.30 4.21
CA ALA A 81 -7.24 -20.37 4.30
C ALA A 81 -7.84 -21.61 4.93
N ALA A 1 -13.22 -8.56 7.94
CA ALA A 1 -13.77 -7.34 7.27
C ALA A 1 -12.74 -6.71 6.35
N LEU A 2 -13.18 -5.76 5.53
CA LEU A 2 -12.31 -5.08 4.59
C LEU A 2 -11.11 -4.47 5.32
N VAL A 3 -10.20 -3.87 4.56
CA VAL A 3 -9.01 -3.25 5.12
C VAL A 3 -8.64 -1.97 4.35
N GLU A 4 -7.83 -1.13 4.98
CA GLU A 4 -7.38 0.10 4.37
C GLU A 4 -5.87 0.25 4.49
N LEU A 5 -5.17 -0.07 3.41
CA LEU A 5 -3.70 0.01 3.39
C LEU A 5 -3.23 1.43 3.71
N LYS A 6 -1.95 1.56 4.05
CA LYS A 6 -1.39 2.85 4.39
C LYS A 6 0.12 2.89 4.12
N VAL A 7 0.64 4.09 3.90
CA VAL A 7 2.06 4.29 3.63
C VAL A 7 2.91 3.64 4.72
N PRO A 8 4.04 3.01 4.33
CA PRO A 8 4.95 2.34 5.27
C PRO A 8 5.77 3.33 6.10
N ASP A 9 6.76 2.79 6.80
CA ASP A 9 7.64 3.59 7.64
C ASP A 9 8.75 4.23 6.80
N ILE A 10 8.51 5.45 6.35
CA ILE A 10 9.48 6.17 5.54
C ILE A 10 10.04 7.37 6.28
N GLY A 11 10.84 7.10 7.31
CA GLY A 11 11.43 8.16 8.10
C GLY A 11 10.58 8.54 9.29
N GLY A 12 9.67 9.49 9.09
CA GLY A 12 8.80 9.93 10.17
C GLY A 12 8.09 11.23 9.86
N HIS A 13 7.63 11.38 8.62
CA HIS A 13 6.93 12.59 8.21
C HIS A 13 5.87 12.28 7.16
N GLU A 14 5.17 13.32 6.72
CA GLU A 14 4.12 13.15 5.72
C GLU A 14 4.45 13.93 4.44
N ASN A 15 5.29 13.31 3.61
CA ASN A 15 5.71 13.92 2.35
C ASN A 15 6.86 13.12 1.75
N VAL A 16 6.54 11.94 1.23
CA VAL A 16 7.56 11.08 0.64
C VAL A 16 7.10 10.51 -0.70
N ASP A 17 7.95 10.63 -1.71
CA ASP A 17 7.63 10.14 -3.04
C ASP A 17 7.65 8.61 -3.07
N ILE A 18 6.71 8.03 -3.79
CA ILE A 18 6.64 6.58 -3.91
C ILE A 18 7.73 6.09 -4.84
N ILE A 19 8.04 4.81 -4.76
CA ILE A 19 9.09 4.25 -5.61
C ILE A 19 8.55 3.07 -6.42
N ALA A 20 7.71 2.27 -5.79
CA ALA A 20 7.12 1.11 -6.44
C ALA A 20 5.60 1.24 -6.54
N VAL A 21 4.97 0.35 -7.27
CA VAL A 21 3.53 0.37 -7.42
C VAL A 21 3.00 -0.98 -7.88
N GLU A 22 2.06 -1.53 -7.11
CA GLU A 22 1.46 -2.83 -7.44
C GLU A 22 0.10 -2.98 -6.75
N VAL A 23 -0.95 -2.57 -7.44
CA VAL A 23 -2.30 -2.66 -6.89
C VAL A 23 -3.35 -2.50 -7.98
N ASN A 24 -4.09 -3.57 -8.23
CA ASN A 24 -5.13 -3.56 -9.24
C ASN A 24 -6.50 -3.74 -8.59
N VAL A 25 -7.17 -2.62 -8.34
CA VAL A 25 -8.49 -2.63 -7.72
C VAL A 25 -9.38 -3.72 -8.30
N GLY A 26 -9.37 -4.88 -7.66
CA GLY A 26 -10.18 -6.00 -8.13
C GLY A 26 -9.43 -7.31 -8.09
N ASP A 27 -8.10 -7.24 -7.98
CA ASP A 27 -7.28 -8.43 -7.94
C ASP A 27 -7.41 -9.14 -6.59
N THR A 28 -6.86 -10.36 -6.51
CA THR A 28 -6.91 -11.14 -5.28
C THR A 28 -5.63 -10.96 -4.46
N ILE A 29 -5.71 -10.16 -3.42
CA ILE A 29 -4.56 -9.91 -2.55
C ILE A 29 -4.40 -11.00 -1.50
N ALA A 30 -3.19 -11.14 -0.97
CA ALA A 30 -2.91 -12.16 0.04
C ALA A 30 -2.18 -11.53 1.23
N VAL A 31 -1.81 -12.36 2.19
CA VAL A 31 -1.10 -11.90 3.38
C VAL A 31 0.41 -11.94 3.18
N ASP A 32 0.85 -11.52 1.99
CA ASP A 32 2.28 -11.50 1.67
C ASP A 32 2.50 -11.17 0.21
N ASP A 33 2.30 -9.90 -0.15
CA ASP A 33 2.48 -9.46 -1.53
C ASP A 33 2.91 -8.00 -1.57
N THR A 34 4.18 -7.77 -1.92
CA THR A 34 4.71 -6.43 -1.99
C THR A 34 3.80 -5.50 -2.79
N LEU A 35 3.29 -4.47 -2.12
CA LEU A 35 2.42 -3.50 -2.76
C LEU A 35 3.22 -2.33 -3.30
N ILE A 36 4.24 -1.92 -2.54
CA ILE A 36 5.10 -0.82 -2.96
C ILE A 36 6.41 -0.81 -2.18
N THR A 37 7.25 0.18 -2.47
CA THR A 37 8.54 0.31 -1.80
C THR A 37 8.86 1.78 -1.55
N LEU A 38 7.96 2.47 -0.85
CA LEU A 38 8.13 3.89 -0.53
C LEU A 38 9.56 4.23 -0.13
N GLU A 39 9.88 5.52 -0.09
CA GLU A 39 11.22 5.95 0.29
C GLU A 39 11.27 7.46 0.52
N THR A 40 12.21 7.89 1.35
CA THR A 40 12.38 9.30 1.67
C THR A 40 13.51 9.91 0.86
N ASP A 41 14.74 9.56 1.22
CA ASP A 41 15.92 10.06 0.53
C ASP A 41 17.12 9.16 0.80
N LYS A 42 16.85 7.89 1.08
CA LYS A 42 17.91 6.93 1.37
C LYS A 42 17.31 5.59 1.82
N ALA A 43 16.29 5.67 2.67
CA ALA A 43 15.64 4.46 3.17
C ALA A 43 14.36 4.17 2.40
N THR A 44 14.27 2.96 1.84
CA THR A 44 13.09 2.56 1.08
C THR A 44 12.26 1.56 1.85
N MET A 45 11.01 1.93 2.15
CA MET A 45 10.10 1.05 2.88
C MET A 45 9.17 0.31 1.93
N ASP A 46 9.04 -1.00 2.13
CA ASP A 46 8.18 -1.82 1.29
C ASP A 46 7.06 -2.46 2.09
N VAL A 47 5.89 -2.57 1.47
CA VAL A 47 4.74 -3.17 2.13
C VAL A 47 4.37 -4.49 1.45
N PRO A 48 4.46 -5.61 2.18
CA PRO A 48 4.13 -6.94 1.66
C PRO A 48 2.65 -7.28 1.81
N ALA A 49 1.80 -6.25 1.82
CA ALA A 49 0.37 -6.45 1.96
C ALA A 49 0.03 -7.18 3.27
N GLU A 50 -1.16 -6.91 3.79
CA GLU A 50 -1.61 -7.54 5.02
C GLU A 50 -3.11 -7.77 4.97
N VAL A 51 -3.53 -8.72 4.15
CA VAL A 51 -4.95 -9.03 3.99
C VAL A 51 -5.16 -10.10 2.92
N ALA A 52 -6.26 -10.85 3.05
CA ALA A 52 -6.57 -11.91 2.10
C ALA A 52 -7.92 -11.69 1.45
N GLY A 53 -7.98 -10.77 0.49
CA GLY A 53 -9.24 -10.51 -0.19
C GLY A 53 -9.05 -9.86 -1.54
N VAL A 54 -9.78 -8.78 -1.80
CA VAL A 54 -9.71 -8.09 -3.07
C VAL A 54 -9.69 -6.57 -2.88
N VAL A 55 -8.85 -5.88 -3.65
CA VAL A 55 -8.75 -4.43 -3.56
C VAL A 55 -9.90 -3.74 -4.28
N LYS A 56 -10.31 -2.61 -3.74
CA LYS A 56 -11.40 -1.83 -4.32
C LYS A 56 -10.87 -0.48 -4.77
N GLU A 57 -10.12 0.15 -3.89
CA GLU A 57 -9.56 1.45 -4.17
C GLU A 57 -8.05 1.40 -4.34
N VAL A 58 -7.47 2.54 -4.71
CA VAL A 58 -6.03 2.65 -4.91
C VAL A 58 -5.60 4.11 -4.93
N LYS A 59 -4.63 4.45 -4.09
CA LYS A 59 -4.14 5.81 -3.99
C LYS A 59 -2.61 5.82 -3.92
N VAL A 60 -1.97 5.45 -5.02
CA VAL A 60 -0.51 5.41 -5.07
C VAL A 60 -0.04 5.16 -6.52
N LYS A 61 1.21 5.51 -6.77
CA LYS A 61 1.81 5.34 -8.08
C LYS A 61 3.31 5.63 -8.04
N VAL A 62 3.95 5.66 -9.21
CA VAL A 62 5.38 5.93 -9.29
C VAL A 62 5.64 7.38 -9.68
N GLY A 63 5.53 8.28 -8.71
CA GLY A 63 5.76 9.69 -8.98
C GLY A 63 4.79 10.59 -8.25
N ASP A 64 4.54 10.30 -6.99
CA ASP A 64 3.61 11.11 -6.19
C ASP A 64 4.04 11.13 -4.72
N LYS A 65 3.78 12.26 -4.06
CA LYS A 65 4.12 12.42 -2.65
C LYS A 65 3.15 11.66 -1.76
N ILE A 66 3.69 10.97 -0.76
CA ILE A 66 2.86 10.19 0.15
C ILE A 66 3.21 10.49 1.63
N SER A 67 2.40 9.94 2.53
CA SER A 67 2.62 10.15 3.95
C SER A 67 2.08 8.98 4.78
N GLU A 68 2.81 8.63 5.84
CA GLU A 68 2.41 7.52 6.71
C GLU A 68 0.92 7.57 7.04
N GLY A 69 0.14 6.80 6.30
CA GLY A 69 -1.30 6.77 6.52
C GLY A 69 -2.06 7.63 5.53
N GLY A 70 -1.96 7.27 4.25
CA GLY A 70 -2.66 8.02 3.22
C GLY A 70 -3.74 7.21 2.54
N LEU A 71 -4.21 6.17 3.24
CA LEU A 71 -5.26 5.30 2.70
C LEU A 71 -4.92 4.88 1.27
N ILE A 72 -3.72 4.32 1.09
CA ILE A 72 -3.27 3.87 -0.22
C ILE A 72 -4.35 3.04 -0.92
N VAL A 73 -4.45 1.77 -0.54
CA VAL A 73 -5.42 0.88 -1.14
C VAL A 73 -6.35 0.26 -0.10
N VAL A 74 -7.51 -0.20 -0.54
CA VAL A 74 -8.49 -0.82 0.34
C VAL A 74 -8.90 -2.19 -0.21
N VAL A 75 -8.90 -3.20 0.65
CA VAL A 75 -9.25 -4.54 0.21
C VAL A 75 -10.47 -5.09 0.94
N GLU A 76 -10.83 -6.32 0.59
CA GLU A 76 -11.97 -6.99 1.20
C GLU A 76 -11.53 -7.84 2.39
N ALA A 77 -10.36 -8.45 2.26
CA ALA A 77 -9.79 -9.28 3.32
C ALA A 77 -10.73 -10.43 3.72
N GLU A 78 -10.16 -11.63 3.83
CA GLU A 78 -10.92 -12.81 4.22
C GLU A 78 -12.29 -12.84 3.55
N GLY A 79 -12.30 -12.82 2.22
CA GLY A 79 -13.54 -12.85 1.47
C GLY A 79 -14.15 -14.23 1.43
N THR A 80 -13.33 -15.25 1.64
CA THR A 80 -13.79 -16.63 1.62
C THR A 80 -14.48 -16.96 0.31
N ALA A 81 -14.91 -18.21 0.17
CA ALA A 81 -15.59 -18.65 -1.05
C ALA A 81 -16.60 -19.76 -0.74
N ALA A 1 -13.27 -8.32 8.40
CA ALA A 1 -13.90 -7.30 7.51
C ALA A 1 -12.89 -6.75 6.52
N LEU A 2 -13.28 -5.68 5.83
CA LEU A 2 -12.41 -5.05 4.84
C LEU A 2 -11.14 -4.50 5.50
N VAL A 3 -10.22 -4.02 4.66
CA VAL A 3 -8.97 -3.46 5.17
C VAL A 3 -8.64 -2.15 4.46
N GLU A 4 -7.77 -1.36 5.08
CA GLU A 4 -7.36 -0.08 4.53
C GLU A 4 -5.84 0.07 4.60
N LEU A 5 -5.19 -0.10 3.45
CA LEU A 5 -3.73 0.02 3.38
C LEU A 5 -3.28 1.42 3.80
N LYS A 6 -2.02 1.53 4.19
CA LYS A 6 -1.49 2.82 4.62
C LYS A 6 0.00 2.94 4.30
N VAL A 7 0.42 4.15 3.96
CA VAL A 7 1.81 4.43 3.63
C VAL A 7 2.75 3.84 4.68
N PRO A 8 3.89 3.28 4.23
CA PRO A 8 4.88 2.67 5.14
C PRO A 8 5.72 3.69 5.88
N ASP A 9 6.76 3.21 6.53
CA ASP A 9 7.67 4.06 7.30
C ASP A 9 8.71 4.69 6.37
N ILE A 10 8.33 5.82 5.75
CA ILE A 10 9.23 6.52 4.85
C ILE A 10 9.82 7.76 5.52
N GLY A 11 10.65 7.53 6.54
CA GLY A 11 11.26 8.63 7.26
C GLY A 11 10.42 9.14 8.42
N GLY A 12 9.38 8.40 8.77
CA GLY A 12 8.52 8.80 9.86
C GLY A 12 7.90 10.17 9.65
N HIS A 13 7.90 10.64 8.41
CA HIS A 13 7.33 11.94 8.08
C HIS A 13 6.26 11.82 7.01
N GLU A 14 5.72 12.95 6.57
CA GLU A 14 4.68 12.96 5.55
C GLU A 14 5.22 13.41 4.21
N ASN A 15 4.35 13.39 3.20
CA ASN A 15 4.72 13.80 1.84
C ASN A 15 6.06 13.20 1.42
N VAL A 16 6.01 12.08 0.72
CA VAL A 16 7.22 11.42 0.24
C VAL A 16 7.03 10.96 -1.21
N ASP A 17 8.02 10.27 -1.74
CA ASP A 17 7.95 9.78 -3.11
C ASP A 17 7.96 8.26 -3.16
N ILE A 18 6.91 7.67 -3.71
CA ILE A 18 6.81 6.23 -3.84
C ILE A 18 7.85 5.72 -4.83
N ILE A 19 8.17 4.45 -4.74
CA ILE A 19 9.16 3.85 -5.63
C ILE A 19 8.61 2.61 -6.34
N ALA A 20 7.51 2.08 -5.84
CA ALA A 20 6.90 0.90 -6.44
C ALA A 20 5.39 0.89 -6.27
N VAL A 21 4.69 0.27 -7.21
CA VAL A 21 3.24 0.19 -7.16
C VAL A 21 2.75 -1.18 -7.61
N GLU A 22 1.98 -1.84 -6.76
CA GLU A 22 1.45 -3.16 -7.08
C GLU A 22 -0.04 -3.25 -6.79
N VAL A 23 -0.75 -2.14 -7.00
CA VAL A 23 -2.18 -2.09 -6.76
C VAL A 23 -2.91 -1.44 -7.93
N ASN A 24 -3.74 -2.23 -8.60
CA ASN A 24 -4.51 -1.74 -9.74
C ASN A 24 -6.00 -1.75 -9.45
N VAL A 25 -6.36 -1.88 -8.18
CA VAL A 25 -7.76 -1.90 -7.77
C VAL A 25 -8.49 -3.10 -8.38
N GLY A 26 -9.00 -3.98 -7.52
CA GLY A 26 -9.71 -5.15 -7.99
C GLY A 26 -8.79 -6.34 -8.21
N ASP A 27 -7.65 -6.33 -7.54
CA ASP A 27 -6.69 -7.42 -7.67
C ASP A 27 -6.66 -8.29 -6.42
N THR A 28 -6.39 -9.58 -6.60
CA THR A 28 -6.33 -10.51 -5.48
C THR A 28 -5.12 -10.23 -4.60
N ILE A 29 -5.33 -10.25 -3.28
CA ILE A 29 -4.26 -10.00 -2.34
C ILE A 29 -4.15 -11.12 -1.31
N ALA A 30 -2.99 -11.21 -0.66
CA ALA A 30 -2.76 -12.24 0.35
C ALA A 30 -2.15 -11.64 1.61
N VAL A 31 -1.81 -12.48 2.57
CA VAL A 31 -1.23 -12.02 3.82
C VAL A 31 0.30 -12.02 3.75
N ASP A 32 0.83 -11.57 2.61
CA ASP A 32 2.28 -11.53 2.40
C ASP A 32 2.59 -11.28 0.93
N ASP A 33 2.34 -10.07 0.46
CA ASP A 33 2.58 -9.71 -0.93
C ASP A 33 3.04 -8.26 -1.06
N THR A 34 4.23 -8.07 -1.61
CA THR A 34 4.77 -6.72 -1.78
C THR A 34 3.80 -5.85 -2.57
N LEU A 35 3.32 -4.80 -1.91
CA LEU A 35 2.41 -3.86 -2.54
C LEU A 35 3.18 -2.71 -3.15
N ILE A 36 4.25 -2.31 -2.48
CA ILE A 36 5.10 -1.22 -2.96
C ILE A 36 6.48 -1.29 -2.33
N THR A 37 7.30 -0.30 -2.64
CA THR A 37 8.65 -0.21 -2.10
C THR A 37 9.02 1.25 -1.87
N LEU A 38 8.06 1.95 -1.26
CA LEU A 38 8.21 3.37 -0.94
C LEU A 38 9.62 3.72 -0.46
N GLU A 39 9.92 5.02 -0.44
CA GLU A 39 11.22 5.50 0.00
C GLU A 39 11.27 7.02 0.05
N THR A 40 12.29 7.54 0.73
CA THR A 40 12.45 8.99 0.86
C THR A 40 13.79 9.42 0.28
N ASP A 41 14.27 10.59 0.72
CA ASP A 41 15.54 11.11 0.24
C ASP A 41 16.69 10.22 0.71
N LYS A 42 16.46 9.48 1.78
CA LYS A 42 17.48 8.59 2.33
C LYS A 42 16.85 7.56 3.26
N ALA A 43 15.87 6.82 2.76
CA ALA A 43 15.18 5.81 3.55
C ALA A 43 14.11 5.10 2.71
N THR A 44 14.33 3.82 2.44
CA THR A 44 13.39 3.03 1.65
C THR A 44 12.48 2.19 2.54
N MET A 45 11.22 2.09 2.14
CA MET A 45 10.24 1.32 2.90
C MET A 45 9.27 0.61 1.97
N ASP A 46 9.06 -0.69 2.22
CA ASP A 46 8.15 -1.48 1.41
C ASP A 46 7.04 -2.07 2.26
N VAL A 47 6.06 -2.72 1.61
CA VAL A 47 4.95 -3.32 2.33
C VAL A 47 4.52 -4.63 1.65
N PRO A 48 4.65 -5.76 2.38
CA PRO A 48 4.26 -7.08 1.87
C PRO A 48 2.81 -7.42 2.19
N ALA A 49 1.95 -6.42 2.15
CA ALA A 49 0.54 -6.62 2.45
C ALA A 49 0.36 -7.19 3.85
N GLU A 50 -0.84 -7.06 4.39
CA GLU A 50 -1.13 -7.57 5.74
C GLU A 50 -2.50 -8.22 5.79
N VAL A 51 -2.88 -8.88 4.69
CA VAL A 51 -4.18 -9.52 4.62
C VAL A 51 -4.51 -9.89 3.16
N ALA A 52 -5.34 -10.91 2.99
CA ALA A 52 -5.74 -11.35 1.66
C ALA A 52 -6.94 -10.54 1.19
N GLY A 53 -7.61 -11.02 0.14
CA GLY A 53 -8.78 -10.31 -0.37
C GLY A 53 -8.58 -9.69 -1.72
N VAL A 54 -9.39 -8.67 -2.02
CA VAL A 54 -9.33 -7.97 -3.30
C VAL A 54 -9.44 -6.46 -3.09
N VAL A 55 -8.56 -5.70 -3.75
CA VAL A 55 -8.59 -4.25 -3.63
C VAL A 55 -9.83 -3.64 -4.26
N LYS A 56 -10.32 -2.58 -3.64
CA LYS A 56 -11.50 -1.87 -4.13
C LYS A 56 -11.11 -0.45 -4.49
N GLU A 57 -10.33 0.16 -3.60
CA GLU A 57 -9.90 1.52 -3.80
C GLU A 57 -8.40 1.60 -4.06
N VAL A 58 -7.93 2.81 -4.37
CA VAL A 58 -6.51 3.05 -4.64
C VAL A 58 -6.25 4.53 -4.82
N LYS A 59 -5.15 5.01 -4.24
CA LYS A 59 -4.79 6.41 -4.33
C LYS A 59 -3.28 6.57 -4.21
N VAL A 60 -2.55 5.81 -5.01
CA VAL A 60 -1.10 5.84 -4.99
C VAL A 60 -0.52 5.39 -6.33
N LYS A 61 0.76 5.68 -6.54
CA LYS A 61 1.42 5.31 -7.78
C LYS A 61 2.93 5.56 -7.68
N VAL A 62 3.70 4.69 -8.32
CA VAL A 62 5.16 4.82 -8.31
C VAL A 62 5.60 6.19 -8.80
N GLY A 63 5.65 7.16 -7.89
CA GLY A 63 6.05 8.50 -8.25
C GLY A 63 4.99 9.53 -7.91
N ASP A 64 4.70 9.68 -6.63
CA ASP A 64 3.70 10.64 -6.17
C ASP A 64 3.98 11.09 -4.74
N LYS A 65 3.15 11.99 -4.23
CA LYS A 65 3.32 12.49 -2.87
C LYS A 65 2.44 11.71 -1.89
N ILE A 66 3.09 10.96 -1.01
CA ILE A 66 2.36 10.15 -0.03
C ILE A 66 2.82 10.46 1.40
N SER A 67 2.04 10.02 2.38
CA SER A 67 2.36 10.24 3.78
C SER A 67 1.89 9.07 4.64
N GLU A 68 2.69 8.71 5.64
CA GLU A 68 2.36 7.61 6.56
C GLU A 68 0.89 7.68 6.97
N GLY A 69 0.09 6.73 6.48
CA GLY A 69 -1.32 6.72 6.82
C GLY A 69 -2.15 7.64 5.95
N GLY A 70 -2.31 7.28 4.68
CA GLY A 70 -3.09 8.11 3.78
C GLY A 70 -4.25 7.35 3.14
N LEU A 71 -4.52 6.16 3.66
CA LEU A 71 -5.60 5.32 3.14
C LEU A 71 -5.34 5.00 1.67
N ILE A 72 -4.12 4.56 1.40
CA ILE A 72 -3.70 4.22 0.06
C ILE A 72 -4.73 3.35 -0.66
N VAL A 73 -4.69 2.04 -0.41
CA VAL A 73 -5.63 1.12 -1.05
C VAL A 73 -6.48 0.39 -0.01
N VAL A 74 -7.62 -0.11 -0.46
CA VAL A 74 -8.55 -0.85 0.41
C VAL A 74 -8.95 -2.16 -0.25
N VAL A 75 -9.07 -3.22 0.54
CA VAL A 75 -9.43 -4.52 0.00
C VAL A 75 -10.70 -5.08 0.64
N GLU A 76 -11.06 -6.28 0.21
CA GLU A 76 -12.25 -6.96 0.71
C GLU A 76 -11.88 -7.93 1.84
N ALA A 77 -10.65 -8.41 1.80
CA ALA A 77 -10.15 -9.33 2.81
C ALA A 77 -10.90 -10.66 2.78
N GLU A 78 -10.22 -11.70 2.29
CA GLU A 78 -10.81 -13.02 2.19
C GLU A 78 -12.20 -12.97 1.57
N GLY A 79 -12.34 -12.10 0.57
CA GLY A 79 -13.62 -11.95 -0.10
C GLY A 79 -14.73 -11.56 0.85
N THR A 80 -15.52 -12.54 1.27
CA THR A 80 -16.63 -12.30 2.18
C THR A 80 -16.31 -12.83 3.58
N ALA A 81 -15.43 -13.82 3.64
CA ALA A 81 -15.04 -14.41 4.91
C ALA A 81 -14.07 -13.52 5.66
N ALA A 1 -13.67 -6.97 8.61
CA ALA A 1 -13.94 -7.47 7.24
C ALA A 1 -12.90 -6.96 6.25
N LEU A 2 -13.12 -5.75 5.75
CA LEU A 2 -12.20 -5.14 4.80
C LEU A 2 -11.02 -4.48 5.51
N VAL A 3 -10.03 -4.05 4.73
CA VAL A 3 -8.85 -3.40 5.28
C VAL A 3 -8.49 -2.15 4.49
N GLU A 4 -7.89 -1.18 5.16
CA GLU A 4 -7.48 0.07 4.52
C GLU A 4 -5.97 0.24 4.64
N LEU A 5 -5.26 -0.01 3.54
CA LEU A 5 -3.80 0.12 3.54
C LEU A 5 -3.37 1.58 3.66
N LYS A 6 -2.12 1.79 4.06
CA LYS A 6 -1.58 3.13 4.21
C LYS A 6 -0.07 3.14 4.01
N VAL A 7 0.47 4.30 3.71
CA VAL A 7 1.89 4.46 3.49
C VAL A 7 2.70 3.83 4.64
N PRO A 8 3.81 3.17 4.31
CA PRO A 8 4.66 2.51 5.32
C PRO A 8 5.47 3.49 6.14
N ASP A 9 6.43 2.95 6.88
CA ASP A 9 7.30 3.75 7.73
C ASP A 9 8.55 4.19 6.97
N ILE A 10 8.43 5.31 6.26
CA ILE A 10 9.56 5.84 5.49
C ILE A 10 10.25 6.97 6.23
N GLY A 11 10.60 6.73 7.49
CA GLY A 11 11.27 7.74 8.28
C GLY A 11 10.42 8.22 9.45
N GLY A 12 9.48 9.11 9.18
CA GLY A 12 8.62 9.62 10.22
C GLY A 12 8.06 10.99 9.90
N HIS A 13 7.65 11.18 8.64
CA HIS A 13 7.10 12.45 8.20
C HIS A 13 6.06 12.24 7.10
N GLU A 14 5.23 13.25 6.86
CA GLU A 14 4.21 13.16 5.84
C GLU A 14 4.59 13.97 4.60
N ASN A 15 5.32 13.32 3.71
CA ASN A 15 5.78 13.93 2.46
C ASN A 15 6.92 13.10 1.88
N VAL A 16 6.57 11.98 1.27
CA VAL A 16 7.56 11.09 0.68
C VAL A 16 7.11 10.55 -0.66
N ASP A 17 8.01 10.58 -1.63
CA ASP A 17 7.71 10.10 -2.97
C ASP A 17 7.72 8.58 -3.01
N ILE A 18 6.74 7.99 -3.69
CA ILE A 18 6.65 6.55 -3.82
C ILE A 18 7.75 6.04 -4.75
N ILE A 19 8.04 4.76 -4.66
CA ILE A 19 9.08 4.18 -5.51
C ILE A 19 8.57 2.95 -6.28
N ALA A 20 7.50 2.34 -5.79
CA ALA A 20 6.95 1.15 -6.45
C ALA A 20 5.42 1.19 -6.45
N VAL A 21 4.83 0.43 -7.36
CA VAL A 21 3.37 0.37 -7.47
C VAL A 21 2.93 -1.03 -7.90
N GLU A 22 2.02 -1.62 -7.14
CA GLU A 22 1.51 -2.94 -7.44
C GLU A 22 0.06 -3.10 -6.95
N VAL A 23 -0.87 -2.52 -7.70
CA VAL A 23 -2.28 -2.60 -7.34
C VAL A 23 -3.17 -2.29 -8.55
N ASN A 24 -4.28 -3.03 -8.65
CA ASN A 24 -5.22 -2.85 -9.75
C ASN A 24 -6.66 -2.89 -9.26
N VAL A 25 -6.84 -2.68 -7.96
CA VAL A 25 -8.17 -2.68 -7.36
C VAL A 25 -8.80 -4.08 -7.43
N GLY A 26 -9.38 -4.40 -8.58
CA GLY A 26 -10.01 -5.69 -8.76
C GLY A 26 -8.99 -6.79 -8.94
N ASP A 27 -8.12 -6.95 -7.94
CA ASP A 27 -7.09 -7.97 -8.01
C ASP A 27 -7.10 -8.82 -6.75
N THR A 28 -6.40 -9.96 -6.78
CA THR A 28 -6.33 -10.85 -5.64
C THR A 28 -5.14 -10.51 -4.74
N ILE A 29 -5.43 -10.28 -3.47
CA ILE A 29 -4.38 -9.94 -2.50
C ILE A 29 -4.31 -10.96 -1.38
N ALA A 30 -3.09 -11.24 -0.93
CA ALA A 30 -2.87 -12.20 0.15
C ALA A 30 -2.04 -11.60 1.28
N VAL A 31 -1.64 -12.43 2.23
CA VAL A 31 -0.85 -11.98 3.36
C VAL A 31 0.65 -12.08 3.06
N ASP A 32 1.03 -11.64 1.87
CA ASP A 32 2.44 -11.66 1.46
C ASP A 32 2.57 -11.33 -0.02
N ASP A 33 2.39 -10.06 -0.35
CA ASP A 33 2.50 -9.61 -1.75
C ASP A 33 2.91 -8.14 -1.80
N THR A 34 4.20 -7.90 -2.02
CA THR A 34 4.71 -6.54 -2.10
C THR A 34 3.82 -5.64 -2.95
N LEU A 35 3.23 -4.64 -2.31
CA LEU A 35 2.36 -3.69 -2.99
C LEU A 35 3.17 -2.51 -3.50
N ILE A 36 4.10 -2.03 -2.67
CA ILE A 36 4.95 -0.91 -3.04
C ILE A 36 6.28 -0.94 -2.28
N THR A 37 7.11 0.07 -2.53
CA THR A 37 8.40 0.17 -1.85
C THR A 37 8.74 1.63 -1.59
N LEU A 38 7.85 2.31 -0.86
CA LEU A 38 8.04 3.73 -0.53
C LEU A 38 9.49 4.06 -0.19
N GLU A 39 9.81 5.35 -0.23
CA GLU A 39 11.15 5.82 0.08
C GLU A 39 11.21 7.34 0.07
N THR A 40 12.18 7.89 0.78
CA THR A 40 12.35 9.34 0.87
C THR A 40 13.76 9.74 0.42
N ASP A 41 14.70 9.66 1.35
CA ASP A 41 16.08 10.03 1.05
C ASP A 41 17.05 9.12 1.82
N LYS A 42 16.74 8.87 3.09
CA LYS A 42 17.58 8.01 3.92
C LYS A 42 16.77 6.88 4.54
N ALA A 43 15.92 6.26 3.73
CA ALA A 43 15.09 5.15 4.19
C ALA A 43 14.13 4.69 3.10
N THR A 44 14.01 3.37 2.96
CA THR A 44 13.12 2.79 1.96
C THR A 44 12.22 1.73 2.60
N MET A 45 10.91 1.94 2.51
CA MET A 45 9.94 1.01 3.08
C MET A 45 9.22 0.22 2.00
N ASP A 46 8.71 -0.95 2.38
CA ASP A 46 7.97 -1.81 1.46
C ASP A 46 6.79 -2.47 2.17
N VAL A 47 5.69 -2.65 1.45
CA VAL A 47 4.50 -3.27 2.02
C VAL A 47 4.17 -4.58 1.31
N PRO A 48 4.18 -5.71 2.05
CA PRO A 48 3.88 -7.01 1.50
C PRO A 48 2.39 -7.35 1.60
N ALA A 49 1.54 -6.32 1.56
CA ALA A 49 0.10 -6.51 1.65
C ALA A 49 -0.27 -7.37 2.86
N GLU A 50 -0.75 -6.71 3.91
CA GLU A 50 -1.15 -7.41 5.12
C GLU A 50 -2.65 -7.64 5.12
N VAL A 51 -3.10 -8.50 4.22
CA VAL A 51 -4.52 -8.81 4.09
C VAL A 51 -4.73 -10.14 3.39
N ALA A 52 -5.98 -10.45 3.09
CA ALA A 52 -6.31 -11.71 2.41
C ALA A 52 -7.67 -11.64 1.75
N GLY A 53 -7.79 -10.75 0.77
CA GLY A 53 -9.05 -10.61 0.07
C GLY A 53 -8.90 -9.99 -1.31
N VAL A 54 -9.54 -8.85 -1.51
CA VAL A 54 -9.49 -8.16 -2.80
C VAL A 54 -9.55 -6.64 -2.61
N VAL A 55 -8.76 -5.91 -3.40
CA VAL A 55 -8.74 -4.46 -3.31
C VAL A 55 -9.95 -3.85 -4.00
N LYS A 56 -10.30 -2.65 -3.56
CA LYS A 56 -11.42 -1.91 -4.13
C LYS A 56 -10.95 -0.53 -4.52
N GLU A 57 -10.22 0.10 -3.62
CA GLU A 57 -9.71 1.43 -3.86
C GLU A 57 -8.22 1.42 -4.11
N VAL A 58 -7.71 2.52 -4.65
CA VAL A 58 -6.28 2.65 -4.94
C VAL A 58 -5.90 4.12 -5.11
N LYS A 59 -4.93 4.57 -4.34
CA LYS A 59 -4.48 5.95 -4.40
C LYS A 59 -2.97 6.03 -4.19
N VAL A 60 -2.23 5.71 -5.23
CA VAL A 60 -0.78 5.73 -5.16
C VAL A 60 -0.18 5.47 -6.55
N LYS A 61 0.99 6.06 -6.79
CA LYS A 61 1.67 5.91 -8.06
C LYS A 61 3.18 5.76 -7.85
N VAL A 62 3.87 5.36 -8.91
CA VAL A 62 5.32 5.16 -8.83
C VAL A 62 6.06 6.48 -8.97
N GLY A 63 5.73 7.44 -8.12
CA GLY A 63 6.39 8.75 -8.17
C GLY A 63 5.47 9.88 -7.77
N ASP A 64 4.98 9.84 -6.53
CA ASP A 64 4.10 10.88 -6.03
C ASP A 64 4.28 11.08 -4.53
N LYS A 65 4.04 12.31 -4.07
CA LYS A 65 4.19 12.64 -2.65
C LYS A 65 3.18 11.88 -1.80
N ILE A 66 3.68 11.11 -0.83
CA ILE A 66 2.83 10.33 0.05
C ILE A 66 3.21 10.54 1.51
N SER A 67 2.37 10.04 2.42
CA SER A 67 2.62 10.18 3.84
C SER A 67 2.00 9.04 4.63
N GLU A 68 2.62 8.70 5.76
CA GLU A 68 2.12 7.63 6.62
C GLU A 68 0.64 7.82 6.92
N GLY A 69 -0.20 7.10 6.18
CA GLY A 69 -1.63 7.21 6.39
C GLY A 69 -2.33 7.94 5.27
N GLY A 70 -2.14 7.47 4.04
CA GLY A 70 -2.76 8.11 2.90
C GLY A 70 -3.87 7.26 2.30
N LEU A 71 -4.36 6.30 3.06
CA LEU A 71 -5.43 5.41 2.61
C LEU A 71 -5.14 4.92 1.19
N ILE A 72 -3.91 4.46 0.99
CA ILE A 72 -3.48 3.95 -0.32
C ILE A 72 -4.56 3.06 -0.95
N VAL A 73 -4.58 1.79 -0.56
CA VAL A 73 -5.57 0.86 -1.10
C VAL A 73 -6.33 0.14 0.00
N VAL A 74 -7.58 -0.20 -0.29
CA VAL A 74 -8.44 -0.89 0.66
C VAL A 74 -8.85 -2.24 0.09
N VAL A 75 -8.76 -3.29 0.90
CA VAL A 75 -9.10 -4.62 0.44
C VAL A 75 -10.25 -5.24 1.24
N GLU A 76 -10.80 -6.33 0.71
CA GLU A 76 -11.89 -7.02 1.36
C GLU A 76 -11.37 -7.88 2.52
N ALA A 77 -10.19 -8.46 2.33
CA ALA A 77 -9.57 -9.29 3.34
C ALA A 77 -10.46 -10.46 3.75
N GLU A 78 -9.83 -11.57 4.12
CA GLU A 78 -10.55 -12.78 4.54
C GLU A 78 -11.80 -13.02 3.71
N GLY A 79 -11.63 -13.07 2.39
CA GLY A 79 -12.76 -13.30 1.50
C GLY A 79 -12.63 -14.58 0.70
N THR A 80 -12.00 -14.49 -0.47
CA THR A 80 -11.83 -15.66 -1.33
C THR A 80 -10.39 -16.15 -1.25
N ALA A 81 -10.10 -17.23 -2.00
CA ALA A 81 -8.77 -17.80 -2.02
C ALA A 81 -8.69 -18.94 -3.03
N ALA A 1 -13.78 -7.62 7.46
CA ALA A 1 -14.37 -7.87 6.12
C ALA A 1 -13.56 -7.17 5.02
N LEU A 2 -13.14 -5.94 5.31
CA LEU A 2 -12.37 -5.16 4.36
C LEU A 2 -11.13 -4.57 5.01
N VAL A 3 -10.36 -3.80 4.25
CA VAL A 3 -9.15 -3.18 4.76
C VAL A 3 -8.82 -1.89 4.00
N GLU A 4 -7.99 -1.07 4.62
CA GLU A 4 -7.56 0.20 4.03
C GLU A 4 -6.05 0.37 4.20
N LEU A 5 -5.29 -0.09 3.22
CA LEU A 5 -3.84 0.01 3.27
C LEU A 5 -3.40 1.45 3.53
N LYS A 6 -2.12 1.63 3.82
CA LYS A 6 -1.58 2.95 4.09
C LYS A 6 -0.08 3.00 3.84
N VAL A 7 0.44 4.21 3.70
CA VAL A 7 1.87 4.40 3.47
C VAL A 7 2.69 3.68 4.54
N PRO A 8 3.81 3.04 4.16
CA PRO A 8 4.64 2.30 5.11
C PRO A 8 5.39 3.20 6.08
N ASP A 9 6.33 2.62 6.79
CA ASP A 9 7.13 3.35 7.76
C ASP A 9 8.45 3.79 7.16
N ILE A 10 8.38 4.60 6.10
CA ILE A 10 9.58 5.09 5.43
C ILE A 10 10.61 5.62 6.42
N GLY A 11 10.14 6.04 7.61
CA GLY A 11 11.05 6.55 8.62
C GLY A 11 11.66 7.88 8.24
N GLY A 12 10.80 8.86 7.96
CA GLY A 12 11.27 10.18 7.58
C GLY A 12 10.35 11.28 8.05
N HIS A 13 9.18 11.38 7.44
CA HIS A 13 8.20 12.41 7.80
C HIS A 13 7.04 12.40 6.82
N GLU A 14 6.11 13.34 7.00
CA GLU A 14 4.95 13.45 6.13
C GLU A 14 5.35 13.91 4.74
N ASN A 15 4.41 13.89 3.81
CA ASN A 15 4.67 14.31 2.43
C ASN A 15 6.00 13.76 1.93
N VAL A 16 5.96 12.58 1.32
CA VAL A 16 7.17 11.95 0.80
C VAL A 16 6.99 11.56 -0.67
N ASP A 17 7.73 10.57 -1.13
CA ASP A 17 7.64 10.13 -2.51
C ASP A 17 7.72 8.61 -2.63
N ILE A 18 6.67 8.02 -3.20
CA ILE A 18 6.63 6.57 -3.39
C ILE A 18 7.72 6.15 -4.37
N ILE A 19 8.03 4.86 -4.40
CA ILE A 19 9.07 4.38 -5.30
C ILE A 19 8.59 3.23 -6.19
N ALA A 20 7.44 2.65 -5.86
CA ALA A 20 6.91 1.54 -6.64
C ALA A 20 5.39 1.48 -6.56
N VAL A 21 4.79 0.76 -7.51
CA VAL A 21 3.33 0.62 -7.55
C VAL A 21 2.94 -0.75 -8.09
N GLU A 22 2.01 -1.41 -7.40
CA GLU A 22 1.54 -2.72 -7.81
C GLU A 22 0.20 -3.06 -7.18
N VAL A 23 -0.85 -2.43 -7.69
CA VAL A 23 -2.19 -2.65 -7.18
C VAL A 23 -3.24 -2.50 -8.26
N ASN A 24 -3.91 -3.61 -8.58
CA ASN A 24 -4.95 -3.60 -9.60
C ASN A 24 -6.29 -3.94 -8.99
N VAL A 25 -7.05 -2.92 -8.67
CA VAL A 25 -8.38 -3.08 -8.08
C VAL A 25 -9.17 -4.19 -8.78
N GLY A 26 -9.38 -5.29 -8.06
CA GLY A 26 -10.13 -6.40 -8.63
C GLY A 26 -9.31 -7.67 -8.71
N ASP A 27 -8.21 -7.72 -7.96
CA ASP A 27 -7.33 -8.89 -7.94
C ASP A 27 -7.23 -9.47 -6.53
N THR A 28 -7.03 -10.79 -6.45
CA THR A 28 -6.92 -11.46 -5.17
C THR A 28 -5.54 -11.23 -4.55
N ILE A 29 -5.51 -11.10 -3.23
CA ILE A 29 -4.26 -10.88 -2.51
C ILE A 29 -4.26 -11.59 -1.17
N ALA A 30 -3.08 -11.70 -0.56
CA ALA A 30 -2.95 -12.37 0.73
C ALA A 30 -2.23 -11.49 1.74
N VAL A 31 -1.89 -12.06 2.89
CA VAL A 31 -1.20 -11.33 3.94
C VAL A 31 0.31 -11.45 3.78
N ASP A 32 0.80 -11.30 2.55
CA ASP A 32 2.23 -11.40 2.29
C ASP A 32 2.52 -11.23 0.80
N ASP A 33 2.28 -10.03 0.28
CA ASP A 33 2.53 -9.74 -1.13
C ASP A 33 2.88 -8.27 -1.32
N THR A 34 4.15 -8.00 -1.60
CA THR A 34 4.62 -6.63 -1.78
C THR A 34 3.67 -5.82 -2.66
N LEU A 35 3.13 -4.76 -2.08
CA LEU A 35 2.22 -3.87 -2.79
C LEU A 35 2.99 -2.74 -3.45
N ILE A 36 3.91 -2.15 -2.69
CA ILE A 36 4.73 -1.06 -3.19
C ILE A 36 6.06 -0.95 -2.46
N THR A 37 6.86 0.03 -2.88
CA THR A 37 8.15 0.31 -2.27
C THR A 37 8.30 1.81 -2.17
N LEU A 38 8.39 2.32 -0.94
CA LEU A 38 8.50 3.76 -0.72
C LEU A 38 9.88 4.15 -0.18
N GLU A 39 10.08 5.46 -0.05
CA GLU A 39 11.34 5.99 0.44
C GLU A 39 11.27 7.52 0.56
N THR A 40 12.12 8.08 1.41
CA THR A 40 12.15 9.52 1.61
C THR A 40 13.57 10.05 1.52
N ASP A 41 14.43 9.54 2.40
CA ASP A 41 15.83 9.96 2.44
C ASP A 41 16.61 9.12 3.46
N LYS A 42 15.96 8.82 4.58
CA LYS A 42 16.60 8.03 5.63
C LYS A 42 16.67 6.55 5.24
N ALA A 43 15.74 6.14 4.38
CA ALA A 43 15.71 4.75 3.93
C ALA A 43 14.50 4.48 3.04
N THR A 44 14.47 3.31 2.42
CA THR A 44 13.36 2.92 1.55
C THR A 44 12.53 1.82 2.19
N MET A 45 11.21 2.03 2.21
CA MET A 45 10.30 1.05 2.80
C MET A 45 9.48 0.34 1.74
N ASP A 46 8.46 -0.39 2.20
CA ASP A 46 7.59 -1.14 1.31
C ASP A 46 6.48 -1.80 2.10
N VAL A 47 5.46 -2.31 1.40
CA VAL A 47 4.35 -2.98 2.07
C VAL A 47 4.10 -4.35 1.47
N PRO A 48 4.08 -5.41 2.31
CA PRO A 48 3.85 -6.77 1.87
C PRO A 48 2.37 -7.15 1.88
N ALA A 49 1.51 -6.16 1.65
CA ALA A 49 0.07 -6.38 1.64
C ALA A 49 -0.40 -7.07 2.91
N GLU A 50 -1.07 -6.31 3.78
CA GLU A 50 -1.57 -6.86 5.03
C GLU A 50 -3.07 -7.08 4.92
N VAL A 51 -3.44 -8.07 4.12
CA VAL A 51 -4.85 -8.39 3.91
C VAL A 51 -5.00 -9.82 3.40
N ALA A 52 -6.21 -10.18 2.98
CA ALA A 52 -6.48 -11.53 2.50
C ALA A 52 -7.74 -11.57 1.66
N GLY A 53 -7.76 -10.76 0.61
CA GLY A 53 -8.93 -10.72 -0.25
C GLY A 53 -8.66 -10.07 -1.60
N VAL A 54 -9.41 -9.01 -1.90
CA VAL A 54 -9.27 -8.31 -3.17
C VAL A 54 -9.31 -6.79 -2.98
N VAL A 55 -8.45 -6.07 -3.69
CA VAL A 55 -8.41 -4.62 -3.59
C VAL A 55 -9.63 -3.99 -4.23
N LYS A 56 -10.05 -2.86 -3.68
CA LYS A 56 -11.19 -2.13 -4.21
C LYS A 56 -10.75 -0.77 -4.69
N GLU A 57 -10.01 -0.07 -3.84
CA GLU A 57 -9.54 1.25 -4.17
C GLU A 57 -8.03 1.27 -4.37
N VAL A 58 -7.52 2.43 -4.79
CA VAL A 58 -6.08 2.59 -5.01
C VAL A 58 -5.73 4.07 -5.13
N LYS A 59 -4.72 4.49 -4.37
CA LYS A 59 -4.28 5.87 -4.38
C LYS A 59 -2.77 5.95 -4.14
N VAL A 60 -2.02 5.53 -5.16
CA VAL A 60 -0.56 5.54 -5.07
C VAL A 60 0.06 5.26 -6.43
N LYS A 61 1.24 5.84 -6.65
CA LYS A 61 1.95 5.68 -7.91
C LYS A 61 3.45 5.90 -7.71
N VAL A 62 4.19 5.89 -8.80
CA VAL A 62 5.64 6.10 -8.74
C VAL A 62 6.01 7.55 -9.00
N GLY A 63 5.84 8.39 -8.00
CA GLY A 63 6.16 9.80 -8.14
C GLY A 63 5.06 10.71 -7.62
N ASP A 64 4.55 10.39 -6.44
CA ASP A 64 3.49 11.19 -5.83
C ASP A 64 3.82 11.53 -4.37
N LYS A 65 3.02 12.42 -3.79
CA LYS A 65 3.23 12.84 -2.40
C LYS A 65 2.42 11.95 -1.45
N ILE A 66 3.13 11.20 -0.63
CA ILE A 66 2.47 10.30 0.32
C ILE A 66 3.02 10.47 1.74
N SER A 67 2.25 10.02 2.72
CA SER A 67 2.66 10.10 4.12
C SER A 67 2.18 8.89 4.90
N GLU A 68 2.95 8.50 5.91
CA GLU A 68 2.60 7.36 6.75
C GLU A 68 1.14 7.45 7.20
N GLY A 69 0.27 6.71 6.51
CA GLY A 69 -1.14 6.73 6.85
C GLY A 69 -1.94 7.64 5.95
N GLY A 70 -2.04 7.28 4.67
CA GLY A 70 -2.79 8.09 3.73
C GLY A 70 -3.79 7.29 2.93
N LEU A 71 -4.30 6.22 3.53
CA LEU A 71 -5.27 5.35 2.87
C LEU A 71 -4.89 5.09 1.41
N ILE A 72 -3.88 4.26 1.22
CA ILE A 72 -3.41 3.93 -0.11
C ILE A 72 -4.47 3.14 -0.90
N VAL A 73 -4.60 1.85 -0.57
CA VAL A 73 -5.56 1.00 -1.25
C VAL A 73 -6.46 0.24 -0.26
N VAL A 74 -7.69 -0.02 -0.67
CA VAL A 74 -8.63 -0.75 0.17
C VAL A 74 -8.73 -2.19 -0.30
N VAL A 75 -8.86 -3.12 0.66
CA VAL A 75 -8.94 -4.54 0.31
C VAL A 75 -10.16 -5.20 0.92
N GLU A 76 -10.62 -6.26 0.27
CA GLU A 76 -11.79 -7.01 0.72
C GLU A 76 -11.34 -8.30 1.40
N ALA A 77 -10.34 -8.17 2.27
CA ALA A 77 -9.79 -9.31 2.99
C ALA A 77 -10.86 -10.29 3.44
N GLU A 78 -10.46 -11.55 3.57
CA GLU A 78 -11.37 -12.61 3.99
C GLU A 78 -12.67 -12.56 3.21
N GLY A 79 -12.55 -12.40 1.89
CA GLY A 79 -13.72 -12.34 1.04
C GLY A 79 -14.42 -13.68 0.90
N THR A 80 -15.64 -13.77 1.44
CA THR A 80 -16.41 -15.00 1.37
C THR A 80 -16.71 -15.39 -0.08
N ALA A 81 -16.89 -16.68 -0.31
CA ALA A 81 -17.19 -17.18 -1.64
C ALA A 81 -16.10 -16.78 -2.63
N ALA A 1 -13.98 -8.24 7.46
CA ALA A 1 -14.37 -7.11 6.57
C ALA A 1 -13.19 -6.66 5.72
N LEU A 2 -13.37 -5.54 5.02
CA LEU A 2 -12.32 -5.00 4.16
C LEU A 2 -11.25 -4.30 4.98
N VAL A 3 -10.16 -3.92 4.32
CA VAL A 3 -9.05 -3.24 4.98
C VAL A 3 -8.69 -1.95 4.23
N GLU A 4 -7.97 -1.07 4.91
CA GLU A 4 -7.55 0.20 4.32
C GLU A 4 -6.03 0.34 4.41
N LEU A 5 -5.33 -0.14 3.38
CA LEU A 5 -3.88 -0.06 3.35
C LEU A 5 -3.40 1.36 3.64
N LYS A 6 -2.21 1.46 4.22
CA LYS A 6 -1.63 2.77 4.54
C LYS A 6 -0.14 2.80 4.24
N VAL A 7 0.35 3.98 3.92
CA VAL A 7 1.77 4.18 3.61
C VAL A 7 2.65 3.54 4.67
N PRO A 8 3.77 2.92 4.27
CA PRO A 8 4.69 2.26 5.20
C PRO A 8 5.49 3.25 6.02
N ASP A 9 6.53 2.74 6.67
CA ASP A 9 7.40 3.57 7.51
C ASP A 9 8.63 4.01 6.73
N ILE A 10 8.47 5.02 5.89
CA ILE A 10 9.57 5.54 5.09
C ILE A 10 10.44 6.50 5.90
N GLY A 11 10.96 6.01 7.02
CA GLY A 11 11.80 6.84 7.86
C GLY A 11 11.08 7.32 9.12
N GLY A 12 10.37 8.43 9.01
CA GLY A 12 9.65 8.96 10.15
C GLY A 12 9.12 10.37 9.89
N HIS A 13 8.65 10.61 8.67
CA HIS A 13 8.11 11.91 8.29
C HIS A 13 7.05 11.77 7.21
N GLU A 14 6.48 12.89 6.80
CA GLU A 14 5.44 12.89 5.77
C GLU A 14 5.94 13.50 4.48
N ASN A 15 5.03 13.73 3.56
CA ASN A 15 5.34 14.32 2.26
C ASN A 15 6.56 13.64 1.63
N VAL A 16 6.38 12.41 1.19
CA VAL A 16 7.47 11.66 0.56
C VAL A 16 7.06 11.23 -0.84
N ASP A 17 7.87 10.38 -1.47
CA ASP A 17 7.58 9.90 -2.82
C ASP A 17 7.62 8.38 -2.90
N ILE A 18 6.53 7.79 -3.36
CA ILE A 18 6.45 6.35 -3.51
C ILE A 18 7.52 5.86 -4.49
N ILE A 19 7.80 4.57 -4.49
CA ILE A 19 8.82 4.02 -5.38
C ILE A 19 8.30 2.85 -6.21
N ALA A 20 7.14 2.32 -5.84
CA ALA A 20 6.57 1.19 -6.57
C ALA A 20 5.05 1.20 -6.50
N VAL A 21 4.42 0.59 -7.50
CA VAL A 21 2.96 0.54 -7.57
C VAL A 21 2.48 -0.77 -8.19
N GLU A 22 1.79 -1.58 -7.40
CA GLU A 22 1.28 -2.86 -7.88
C GLU A 22 -0.24 -2.92 -7.79
N VAL A 23 -0.81 -2.22 -6.82
CA VAL A 23 -2.26 -2.21 -6.63
C VAL A 23 -2.95 -1.56 -7.82
N ASN A 24 -3.95 -2.26 -8.36
CA ASN A 24 -4.70 -1.76 -9.51
C ASN A 24 -6.20 -2.05 -9.36
N VAL A 25 -6.61 -2.44 -8.16
CA VAL A 25 -8.01 -2.75 -7.90
C VAL A 25 -8.47 -3.94 -8.74
N GLY A 26 -8.88 -5.01 -8.07
CA GLY A 26 -9.35 -6.19 -8.77
C GLY A 26 -8.33 -7.33 -8.74
N ASP A 27 -7.27 -7.17 -7.96
CA ASP A 27 -6.24 -8.20 -7.85
C ASP A 27 -6.39 -8.99 -6.55
N THR A 28 -6.02 -10.26 -6.60
CA THR A 28 -6.11 -11.13 -5.43
C THR A 28 -4.91 -10.92 -4.52
N ILE A 29 -5.14 -10.26 -3.39
CA ILE A 29 -4.08 -9.99 -2.42
C ILE A 29 -4.02 -11.06 -1.34
N ALA A 30 -2.84 -11.23 -0.74
CA ALA A 30 -2.65 -12.22 0.31
C ALA A 30 -2.10 -11.56 1.58
N VAL A 31 -1.84 -12.37 2.59
CA VAL A 31 -1.32 -11.86 3.85
C VAL A 31 0.20 -11.84 3.86
N ASP A 32 0.79 -11.38 2.75
CA ASP A 32 2.25 -11.30 2.62
C ASP A 32 2.62 -11.13 1.15
N ASP A 33 2.33 -9.96 0.60
CA ASP A 33 2.65 -9.67 -0.80
C ASP A 33 2.96 -8.20 -0.98
N THR A 34 4.17 -7.91 -1.45
CA THR A 34 4.58 -6.53 -1.67
C THR A 34 3.62 -5.81 -2.60
N LEU A 35 2.96 -4.80 -2.07
CA LEU A 35 2.02 -4.01 -2.85
C LEU A 35 2.77 -2.85 -3.50
N ILE A 36 3.63 -2.21 -2.72
CA ILE A 36 4.43 -1.10 -3.21
C ILE A 36 5.74 -0.98 -2.44
N THR A 37 6.52 0.02 -2.80
CA THR A 37 7.78 0.29 -2.15
C THR A 37 7.97 1.80 -2.09
N LEU A 38 8.11 2.34 -0.89
CA LEU A 38 8.25 3.78 -0.72
C LEU A 38 9.64 4.15 -0.21
N GLU A 39 9.96 5.43 -0.29
CA GLU A 39 11.26 5.93 0.16
C GLU A 39 11.26 7.44 0.22
N THR A 40 12.21 8.00 0.95
CA THR A 40 12.33 9.45 1.09
C THR A 40 13.67 9.94 0.58
N ASP A 41 14.74 9.41 1.18
CA ASP A 41 16.09 9.78 0.79
C ASP A 41 17.12 9.02 1.62
N LYS A 42 16.80 8.80 2.89
CA LYS A 42 17.69 8.07 3.78
C LYS A 42 17.11 6.72 4.21
N ALA A 43 15.82 6.52 3.94
CA ALA A 43 15.16 5.27 4.30
C ALA A 43 14.16 4.84 3.22
N THR A 44 14.16 3.55 2.93
CA THR A 44 13.25 2.99 1.92
C THR A 44 12.37 1.92 2.54
N MET A 45 11.05 2.06 2.35
CA MET A 45 10.10 1.09 2.90
C MET A 45 9.28 0.41 1.81
N ASP A 46 8.21 -0.25 2.23
CA ASP A 46 7.31 -0.96 1.32
C ASP A 46 6.18 -1.61 2.08
N VAL A 47 5.21 -2.16 1.37
CA VAL A 47 4.07 -2.81 2.00
C VAL A 47 3.88 -4.23 1.49
N PRO A 48 4.08 -5.26 2.36
CA PRO A 48 3.92 -6.66 2.00
C PRO A 48 2.50 -7.16 2.23
N ALA A 49 1.53 -6.27 2.10
CA ALA A 49 0.13 -6.63 2.31
C ALA A 49 -0.09 -7.23 3.69
N GLU A 50 -1.35 -7.31 4.11
CA GLU A 50 -1.68 -7.87 5.42
C GLU A 50 -3.16 -8.27 5.47
N VAL A 51 -3.61 -8.96 4.43
CA VAL A 51 -4.99 -9.40 4.34
C VAL A 51 -5.19 -10.30 3.13
N ALA A 52 -6.28 -11.07 3.13
CA ALA A 52 -6.57 -11.98 2.04
C ALA A 52 -7.90 -11.69 1.35
N GLY A 53 -7.88 -10.79 0.39
CA GLY A 53 -9.10 -10.46 -0.31
C GLY A 53 -8.86 -9.80 -1.66
N VAL A 54 -9.68 -8.81 -1.98
CA VAL A 54 -9.56 -8.10 -3.25
C VAL A 54 -9.56 -6.59 -3.03
N VAL A 55 -8.72 -5.88 -3.79
CA VAL A 55 -8.64 -4.42 -3.68
C VAL A 55 -9.81 -3.75 -4.35
N LYS A 56 -10.32 -2.71 -3.71
CA LYS A 56 -11.44 -1.94 -4.23
C LYS A 56 -10.94 -0.60 -4.69
N GLU A 57 -10.17 0.04 -3.82
CA GLU A 57 -9.63 1.36 -4.12
C GLU A 57 -8.12 1.30 -4.31
N VAL A 58 -7.57 2.38 -4.86
CA VAL A 58 -6.13 2.47 -5.10
C VAL A 58 -5.70 3.93 -5.14
N LYS A 59 -4.88 4.31 -4.18
CA LYS A 59 -4.39 5.68 -4.08
C LYS A 59 -2.87 5.71 -3.95
N VAL A 60 -2.19 5.44 -5.05
CA VAL A 60 -0.74 5.41 -5.05
C VAL A 60 -0.21 5.22 -6.48
N LYS A 61 0.98 5.75 -6.72
CA LYS A 61 1.62 5.65 -8.03
C LYS A 61 3.04 6.18 -7.98
N VAL A 62 3.99 5.39 -8.46
CA VAL A 62 5.39 5.79 -8.48
C VAL A 62 5.57 7.20 -9.01
N GLY A 63 5.78 8.15 -8.11
CA GLY A 63 5.97 9.54 -8.51
C GLY A 63 4.92 10.46 -7.93
N ASP A 64 4.36 10.07 -6.79
CA ASP A 64 3.35 10.88 -6.12
C ASP A 64 3.78 11.26 -4.72
N LYS A 65 2.97 12.07 -4.04
CA LYS A 65 3.27 12.51 -2.68
C LYS A 65 2.53 11.66 -1.66
N ILE A 66 3.15 11.46 -0.50
CA ILE A 66 2.55 10.67 0.56
C ILE A 66 2.82 11.29 1.94
N SER A 67 2.12 10.80 2.96
CA SER A 67 2.29 11.31 4.32
C SER A 67 2.13 10.19 5.34
N GLU A 68 2.84 9.09 5.12
CA GLU A 68 2.78 7.93 6.02
C GLU A 68 1.35 7.65 6.49
N GLY A 69 0.44 7.58 5.54
CA GLY A 69 -0.96 7.30 5.88
C GLY A 69 -1.92 8.05 4.99
N GLY A 70 -2.00 7.63 3.73
CA GLY A 70 -2.91 8.29 2.79
C GLY A 70 -3.94 7.35 2.21
N LEU A 71 -4.36 6.37 3.00
CA LEU A 71 -5.35 5.38 2.55
C LEU A 71 -5.03 4.90 1.15
N ILE A 72 -3.84 4.36 0.98
CA ILE A 72 -3.40 3.87 -0.33
C ILE A 72 -4.47 3.00 -0.99
N VAL A 73 -4.53 1.73 -0.61
CA VAL A 73 -5.51 0.81 -1.20
C VAL A 73 -6.43 0.21 -0.15
N VAL A 74 -7.53 -0.36 -0.60
CA VAL A 74 -8.51 -0.99 0.28
C VAL A 74 -8.88 -2.38 -0.26
N VAL A 75 -8.57 -3.41 0.53
CA VAL A 75 -8.86 -4.78 0.12
C VAL A 75 -10.01 -5.39 0.90
N GLU A 76 -10.62 -6.40 0.31
CA GLU A 76 -11.75 -7.09 0.92
C GLU A 76 -11.30 -7.87 2.16
N ALA A 77 -10.09 -8.42 2.10
CA ALA A 77 -9.53 -9.18 3.22
C ALA A 77 -10.41 -10.38 3.58
N GLU A 78 -9.76 -11.51 3.89
CA GLU A 78 -10.46 -12.73 4.27
C GLU A 78 -11.74 -12.93 3.47
N GLY A 79 -11.67 -12.66 2.16
CA GLY A 79 -12.83 -12.82 1.31
C GLY A 79 -12.52 -13.61 0.06
N THR A 80 -13.18 -14.75 -0.10
CA THR A 80 -12.97 -15.61 -1.26
C THR A 80 -11.49 -15.86 -1.49
N ALA A 81 -10.73 -15.95 -0.41
CA ALA A 81 -9.30 -16.19 -0.48
C ALA A 81 -8.77 -16.78 0.82
N ALA A 1 -13.77 -6.86 8.40
CA ALA A 1 -14.19 -7.24 7.02
C ALA A 1 -13.15 -6.80 5.99
N LEU A 2 -13.25 -5.55 5.55
CA LEU A 2 -12.31 -5.02 4.56
C LEU A 2 -11.15 -4.32 5.25
N VAL A 3 -10.19 -3.87 4.45
CA VAL A 3 -9.01 -3.18 4.98
C VAL A 3 -8.63 -2.00 4.08
N GLU A 4 -7.84 -1.09 4.64
CA GLU A 4 -7.38 0.08 3.89
C GLU A 4 -5.90 0.33 4.13
N LEU A 5 -5.12 0.34 3.06
CA LEU A 5 -3.68 0.57 3.16
C LEU A 5 -3.42 2.05 3.43
N LYS A 6 -2.29 2.34 4.05
CA LYS A 6 -1.95 3.72 4.39
C LYS A 6 -0.45 3.96 4.39
N VAL A 7 0.20 3.74 3.25
CA VAL A 7 1.64 3.96 3.13
C VAL A 7 2.40 3.06 4.11
N PRO A 8 3.59 2.57 3.74
CA PRO A 8 4.37 1.68 4.61
C PRO A 8 4.89 2.38 5.87
N ASP A 9 6.08 2.96 5.80
CA ASP A 9 6.66 3.65 6.94
C ASP A 9 8.14 3.94 6.71
N ILE A 10 8.44 4.65 5.62
CA ILE A 10 9.80 5.00 5.26
C ILE A 10 10.66 5.34 6.48
N GLY A 11 10.02 5.90 7.51
CA GLY A 11 10.73 6.25 8.73
C GLY A 11 11.45 7.59 8.61
N GLY A 12 10.79 8.55 7.99
CA GLY A 12 11.38 9.87 7.83
C GLY A 12 10.40 10.98 8.16
N HIS A 13 9.16 10.82 7.71
CA HIS A 13 8.12 11.83 7.95
C HIS A 13 6.87 11.52 7.14
N GLU A 14 5.77 12.14 7.52
CA GLU A 14 4.51 11.94 6.83
C GLU A 14 4.44 12.81 5.58
N ASN A 15 5.32 12.52 4.64
CA ASN A 15 5.40 13.25 3.38
C ASN A 15 6.56 12.73 2.56
N VAL A 16 6.31 11.67 1.79
CA VAL A 16 7.36 11.08 0.97
C VAL A 16 6.79 10.50 -0.31
N ASP A 17 7.57 10.59 -1.38
CA ASP A 17 7.14 10.09 -2.69
C ASP A 17 7.24 8.57 -2.74
N ILE A 18 6.30 7.96 -3.47
CA ILE A 18 6.28 6.51 -3.63
C ILE A 18 7.42 6.09 -4.53
N ILE A 19 7.74 4.80 -4.52
CA ILE A 19 8.85 4.31 -5.35
C ILE A 19 8.47 3.06 -6.16
N ALA A 20 7.28 2.54 -5.94
CA ALA A 20 6.83 1.34 -6.65
C ALA A 20 5.30 1.29 -6.71
N VAL A 21 4.77 0.66 -7.74
CA VAL A 21 3.32 0.54 -7.90
C VAL A 21 2.93 -0.85 -8.37
N GLU A 22 1.90 -1.41 -7.73
CA GLU A 22 1.42 -2.74 -8.08
C GLU A 22 -0.04 -2.92 -7.70
N VAL A 23 -0.76 -1.80 -7.61
CA VAL A 23 -2.17 -1.83 -7.25
C VAL A 23 -3.05 -1.30 -8.37
N ASN A 24 -3.99 -2.12 -8.82
CA ASN A 24 -4.88 -1.74 -9.89
C ASN A 24 -6.34 -2.09 -9.56
N VAL A 25 -6.60 -2.43 -8.31
CA VAL A 25 -7.94 -2.77 -7.87
C VAL A 25 -8.47 -3.99 -8.63
N GLY A 26 -8.80 -5.05 -7.91
CA GLY A 26 -9.31 -6.25 -8.53
C GLY A 26 -8.30 -7.38 -8.54
N ASP A 27 -7.16 -7.18 -7.89
CA ASP A 27 -6.12 -8.21 -7.82
C ASP A 27 -6.13 -8.91 -6.46
N THR A 28 -5.79 -10.19 -6.47
CA THR A 28 -5.76 -10.99 -5.24
C THR A 28 -4.61 -10.55 -4.35
N ILE A 29 -4.91 -10.36 -3.06
CA ILE A 29 -3.90 -9.94 -2.10
C ILE A 29 -3.82 -10.91 -0.93
N ALA A 30 -2.60 -11.13 -0.43
CA ALA A 30 -2.39 -12.03 0.68
C ALA A 30 -1.88 -11.28 1.91
N VAL A 31 -1.54 -12.02 2.95
CA VAL A 31 -1.04 -11.41 4.19
C VAL A 31 0.49 -11.27 4.16
N ASP A 32 1.03 -10.91 3.00
CA ASP A 32 2.47 -10.74 2.84
C ASP A 32 2.84 -10.60 1.37
N ASP A 33 2.37 -9.53 0.74
CA ASP A 33 2.66 -9.30 -0.67
C ASP A 33 2.93 -7.82 -0.93
N THR A 34 4.16 -7.50 -1.31
CA THR A 34 4.53 -6.12 -1.59
C THR A 34 3.60 -5.47 -2.59
N LEU A 35 2.88 -4.46 -2.15
CA LEU A 35 1.96 -3.72 -2.99
C LEU A 35 2.68 -2.55 -3.63
N ILE A 36 3.64 -2.00 -2.89
CA ILE A 36 4.45 -0.88 -3.37
C ILE A 36 5.72 -0.73 -2.54
N THR A 37 6.50 0.29 -2.86
CA THR A 37 7.73 0.57 -2.12
C THR A 37 7.91 2.07 -1.95
N LEU A 38 8.02 2.51 -0.71
CA LEU A 38 8.18 3.92 -0.42
C LEU A 38 9.63 4.25 -0.06
N GLU A 39 9.94 5.54 -0.01
CA GLU A 39 11.29 5.97 0.31
C GLU A 39 11.34 7.48 0.60
N THR A 40 12.46 7.91 1.18
CA THR A 40 12.64 9.32 1.51
C THR A 40 13.92 9.87 0.86
N ASP A 41 15.04 9.26 1.22
CA ASP A 41 16.34 9.67 0.69
C ASP A 41 17.43 8.69 1.10
N LYS A 42 17.37 8.23 2.35
CA LYS A 42 18.36 7.28 2.86
C LYS A 42 17.70 5.96 3.24
N ALA A 43 16.43 6.02 3.65
CA ALA A 43 15.71 4.81 4.05
C ALA A 43 14.55 4.52 3.10
N THR A 44 14.46 3.28 2.65
CA THR A 44 13.39 2.86 1.74
C THR A 44 12.47 1.84 2.40
N MET A 45 11.17 1.98 2.19
CA MET A 45 10.19 1.07 2.77
C MET A 45 9.27 0.49 1.70
N ASP A 46 8.32 -0.33 2.14
CA ASP A 46 7.37 -0.95 1.23
C ASP A 46 6.22 -1.59 2.02
N VAL A 47 5.12 -1.86 1.33
CA VAL A 47 3.96 -2.46 1.97
C VAL A 47 3.69 -3.88 1.46
N PRO A 48 3.93 -4.90 2.30
CA PRO A 48 3.72 -6.29 1.95
C PRO A 48 2.29 -6.74 2.26
N ALA A 49 1.32 -5.89 1.93
CA ALA A 49 -0.08 -6.20 2.18
C ALA A 49 -0.29 -6.54 3.65
N GLU A 50 -1.55 -6.66 4.06
CA GLU A 50 -1.87 -6.98 5.44
C GLU A 50 -3.25 -7.63 5.56
N VAL A 51 -3.62 -8.40 4.55
CA VAL A 51 -4.92 -9.06 4.54
C VAL A 51 -5.03 -10.02 3.36
N ALA A 52 -6.09 -10.84 3.35
CA ALA A 52 -6.30 -11.81 2.29
C ALA A 52 -7.63 -11.62 1.58
N GLY A 53 -7.65 -10.76 0.58
CA GLY A 53 -8.87 -10.52 -0.15
C GLY A 53 -8.63 -9.90 -1.52
N VAL A 54 -9.41 -8.88 -1.85
CA VAL A 54 -9.30 -8.21 -3.14
C VAL A 54 -9.33 -6.70 -2.96
N VAL A 55 -8.51 -5.98 -3.73
CA VAL A 55 -8.48 -4.52 -3.64
C VAL A 55 -9.71 -3.90 -4.28
N LYS A 56 -10.18 -2.82 -3.68
CA LYS A 56 -11.34 -2.10 -4.18
C LYS A 56 -10.90 -0.74 -4.71
N GLU A 57 -10.10 -0.06 -3.89
CA GLU A 57 -9.62 1.25 -4.26
C GLU A 57 -8.11 1.25 -4.48
N VAL A 58 -7.61 2.38 -4.99
CA VAL A 58 -6.19 2.55 -5.25
C VAL A 58 -5.84 4.03 -5.35
N LYS A 59 -4.95 4.47 -4.47
CA LYS A 59 -4.55 5.87 -4.44
C LYS A 59 -3.04 5.99 -4.31
N VAL A 60 -2.33 5.48 -5.32
CA VAL A 60 -0.88 5.52 -5.32
C VAL A 60 -0.33 5.13 -6.69
N LYS A 61 0.82 5.69 -7.02
CA LYS A 61 1.47 5.41 -8.30
C LYS A 61 2.98 5.28 -8.11
N VAL A 62 3.71 5.24 -9.24
CA VAL A 62 5.15 5.14 -9.19
C VAL A 62 5.82 6.51 -9.24
N GLY A 63 5.27 7.45 -8.49
CA GLY A 63 5.80 8.80 -8.47
C GLY A 63 4.81 9.82 -7.95
N ASP A 64 4.54 9.78 -6.65
CA ASP A 64 3.59 10.72 -6.05
C ASP A 64 3.86 10.87 -4.55
N LYS A 65 3.65 12.07 -4.04
CA LYS A 65 3.88 12.37 -2.62
C LYS A 65 2.87 11.62 -1.74
N ILE A 66 3.38 10.97 -0.71
CA ILE A 66 2.53 10.22 0.21
C ILE A 66 2.94 10.47 1.66
N SER A 67 2.21 9.85 2.59
CA SER A 67 2.50 10.03 4.01
C SER A 67 2.01 8.85 4.84
N GLU A 68 2.95 8.17 5.51
CA GLU A 68 2.64 7.02 6.36
C GLU A 68 1.34 7.22 7.13
N GLY A 69 0.22 6.79 6.56
CA GLY A 69 -1.06 6.94 7.22
C GLY A 69 -2.10 7.62 6.35
N GLY A 70 -2.26 7.14 5.11
CA GLY A 70 -3.24 7.74 4.22
C GLY A 70 -4.40 6.80 3.91
N LEU A 71 -4.59 6.51 2.63
CA LEU A 71 -5.65 5.62 2.19
C LEU A 71 -5.30 5.06 0.82
N ILE A 72 -4.05 4.64 0.68
CA ILE A 72 -3.54 4.08 -0.56
C ILE A 72 -4.57 3.15 -1.24
N VAL A 73 -4.63 1.90 -0.79
CA VAL A 73 -5.56 0.94 -1.40
C VAL A 73 -6.36 0.18 -0.35
N VAL A 74 -7.61 -0.09 -0.68
CA VAL A 74 -8.51 -0.83 0.20
C VAL A 74 -8.76 -2.23 -0.34
N VAL A 75 -8.80 -3.22 0.55
CA VAL A 75 -9.01 -4.60 0.13
C VAL A 75 -10.18 -5.25 0.85
N GLU A 76 -10.60 -6.40 0.34
CA GLU A 76 -11.72 -7.14 0.92
C GLU A 76 -11.29 -7.86 2.20
N ALA A 77 -10.08 -8.41 2.18
CA ALA A 77 -9.54 -9.12 3.34
C ALA A 77 -10.41 -10.30 3.73
N GLU A 78 -9.77 -11.45 3.97
CA GLU A 78 -10.46 -12.68 4.36
C GLU A 78 -11.79 -12.84 3.62
N GLY A 79 -11.84 -12.34 2.38
CA GLY A 79 -13.06 -12.44 1.60
C GLY A 79 -14.32 -12.16 2.40
N THR A 80 -14.67 -10.88 2.50
CA THR A 80 -15.86 -10.47 3.25
C THR A 80 -17.11 -11.16 2.70
N ALA A 81 -17.36 -12.38 3.18
CA ALA A 81 -18.52 -13.15 2.74
C ALA A 81 -18.61 -13.18 1.22
N ALA A 1 -12.09 -8.44 8.89
CA ALA A 1 -12.89 -7.53 8.02
C ALA A 1 -11.99 -6.83 6.99
N LEU A 2 -12.59 -5.94 6.20
CA LEU A 2 -11.85 -5.21 5.18
C LEU A 2 -10.62 -4.53 5.79
N VAL A 3 -9.78 -3.97 4.92
CA VAL A 3 -8.57 -3.29 5.35
C VAL A 3 -8.35 -2.03 4.52
N GLU A 4 -7.51 -1.13 5.04
CA GLU A 4 -7.21 0.12 4.35
C GLU A 4 -5.74 0.50 4.54
N LEU A 5 -4.92 0.24 3.53
CA LEU A 5 -3.50 0.57 3.59
C LEU A 5 -3.32 2.08 3.63
N LYS A 6 -2.43 2.55 4.51
CA LYS A 6 -2.20 3.99 4.64
C LYS A 6 -0.71 4.31 4.68
N VAL A 7 -0.01 4.03 3.58
CA VAL A 7 1.42 4.30 3.49
C VAL A 7 2.20 3.55 4.56
N PRO A 8 3.38 2.99 4.21
CA PRO A 8 4.21 2.24 5.16
C PRO A 8 4.89 3.14 6.18
N ASP A 9 5.86 2.56 6.88
CA ASP A 9 6.61 3.28 7.90
C ASP A 9 7.97 3.72 7.40
N ILE A 10 7.98 4.71 6.51
CA ILE A 10 9.24 5.22 5.96
C ILE A 10 10.10 5.87 7.03
N GLY A 11 9.52 6.12 8.20
CA GLY A 11 10.26 6.74 9.29
C GLY A 11 11.09 7.92 8.84
N GLY A 12 10.42 9.00 8.43
CA GLY A 12 11.13 10.18 7.99
C GLY A 12 10.28 11.43 8.13
N HIS A 13 9.14 11.44 7.47
CA HIS A 13 8.23 12.59 7.53
C HIS A 13 7.11 12.45 6.50
N GLU A 14 6.13 13.33 6.58
CA GLU A 14 5.00 13.29 5.65
C GLU A 14 5.46 13.65 4.24
N ASN A 15 4.52 13.60 3.30
CA ASN A 15 4.82 13.90 1.89
C ASN A 15 6.12 13.25 1.44
N VAL A 16 6.01 11.99 1.01
CA VAL A 16 7.17 11.24 0.55
C VAL A 16 6.97 10.74 -0.87
N ASP A 17 8.06 10.42 -1.55
CA ASP A 17 8.00 9.93 -2.91
C ASP A 17 7.95 8.41 -2.96
N ILE A 18 6.97 7.88 -3.68
CA ILE A 18 6.83 6.44 -3.81
C ILE A 18 7.84 5.91 -4.81
N ILE A 19 8.09 4.61 -4.75
CA ILE A 19 9.05 3.97 -5.64
C ILE A 19 8.41 2.78 -6.36
N ALA A 20 7.63 2.01 -5.61
CA ALA A 20 6.96 0.84 -6.16
C ALA A 20 5.45 0.99 -6.10
N VAL A 21 4.75 0.25 -6.94
CA VAL A 21 3.29 0.31 -6.98
C VAL A 21 2.71 -0.96 -7.58
N GLU A 22 1.96 -1.71 -6.77
CA GLU A 22 1.34 -2.95 -7.23
C GLU A 22 -0.10 -3.04 -6.74
N VAL A 23 -0.97 -2.23 -7.34
CA VAL A 23 -2.38 -2.22 -6.97
C VAL A 23 -3.27 -1.93 -8.18
N ASN A 24 -4.13 -2.88 -8.51
CA ASN A 24 -5.04 -2.73 -9.64
C ASN A 24 -6.50 -2.81 -9.19
N VAL A 25 -6.73 -2.61 -7.91
CA VAL A 25 -8.06 -2.66 -7.34
C VAL A 25 -8.64 -4.07 -7.43
N GLY A 26 -9.26 -4.40 -8.55
CA GLY A 26 -9.83 -5.71 -8.73
C GLY A 26 -8.77 -6.77 -8.91
N ASP A 27 -7.91 -6.92 -7.91
CA ASP A 27 -6.84 -7.90 -7.96
C ASP A 27 -6.85 -8.78 -6.73
N THR A 28 -6.17 -9.92 -6.81
CA THR A 28 -6.09 -10.86 -5.70
C THR A 28 -4.95 -10.51 -4.76
N ILE A 29 -5.27 -10.23 -3.50
CA ILE A 29 -4.27 -9.89 -2.50
C ILE A 29 -4.19 -10.94 -1.41
N ALA A 30 -2.97 -11.29 -1.01
CA ALA A 30 -2.76 -12.28 0.03
C ALA A 30 -1.91 -11.71 1.17
N VAL A 31 -1.47 -12.59 2.06
CA VAL A 31 -0.66 -12.17 3.20
C VAL A 31 0.83 -12.21 2.86
N ASP A 32 1.17 -11.72 1.68
CA ASP A 32 2.57 -11.71 1.23
C ASP A 32 2.67 -11.28 -0.23
N ASP A 33 2.37 -10.02 -0.50
CA ASP A 33 2.44 -9.49 -1.86
C ASP A 33 2.85 -8.02 -1.84
N THR A 34 4.11 -7.76 -2.15
CA THR A 34 4.63 -6.40 -2.17
C THR A 34 3.71 -5.46 -2.95
N LEU A 35 3.17 -4.47 -2.25
CA LEU A 35 2.29 -3.49 -2.87
C LEU A 35 3.10 -2.30 -3.34
N ILE A 36 4.11 -1.94 -2.55
CA ILE A 36 4.98 -0.82 -2.88
C ILE A 36 6.35 -0.97 -2.21
N THR A 37 7.07 0.13 -2.11
CA THR A 37 8.39 0.14 -1.50
C THR A 37 8.78 1.56 -1.12
N LEU A 38 7.78 2.30 -0.66
CA LEU A 38 7.94 3.70 -0.26
C LEU A 38 9.31 4.01 0.31
N GLU A 39 9.73 5.27 0.17
CA GLU A 39 11.02 5.72 0.65
C GLU A 39 11.12 7.25 0.59
N THR A 40 12.01 7.80 1.39
CA THR A 40 12.20 9.25 1.45
C THR A 40 13.65 9.61 1.16
N ASP A 41 14.54 9.07 1.98
CA ASP A 41 15.98 9.32 1.84
C ASP A 41 16.75 8.68 2.98
N LYS A 42 16.14 8.65 4.16
CA LYS A 42 16.77 8.08 5.35
C LYS A 42 16.58 6.56 5.37
N ALA A 43 15.42 6.10 4.90
CA ALA A 43 15.12 4.68 4.87
C ALA A 43 14.07 4.35 3.82
N THR A 44 14.06 3.09 3.39
CA THR A 44 13.10 2.63 2.39
C THR A 44 12.15 1.60 2.99
N MET A 45 10.86 1.91 2.98
CA MET A 45 9.87 1.00 3.54
C MET A 45 8.96 0.44 2.45
N ASP A 46 8.61 -0.84 2.60
CA ASP A 46 7.74 -1.51 1.66
C ASP A 46 6.56 -2.16 2.36
N VAL A 47 5.64 -2.71 1.59
CA VAL A 47 4.47 -3.36 2.16
C VAL A 47 4.10 -4.61 1.37
N PRO A 48 4.09 -5.79 2.02
CA PRO A 48 3.75 -7.05 1.39
C PRO A 48 2.27 -7.36 1.48
N ALA A 49 1.44 -6.32 1.48
CA ALA A 49 0.00 -6.48 1.57
C ALA A 49 -0.38 -7.42 2.72
N GLU A 50 -0.77 -6.84 3.84
CA GLU A 50 -1.15 -7.62 5.01
C GLU A 50 -2.66 -7.88 5.00
N VAL A 51 -3.11 -8.66 4.03
CA VAL A 51 -4.52 -8.98 3.91
C VAL A 51 -4.75 -10.07 2.87
N ALA A 52 -5.83 -10.83 3.06
CA ALA A 52 -6.16 -11.92 2.14
C ALA A 52 -7.54 -11.74 1.54
N GLY A 53 -7.65 -10.84 0.59
CA GLY A 53 -8.93 -10.60 -0.04
C GLY A 53 -8.81 -9.96 -1.41
N VAL A 54 -9.48 -8.82 -1.59
CA VAL A 54 -9.46 -8.10 -2.85
C VAL A 54 -9.47 -6.59 -2.64
N VAL A 55 -8.68 -5.87 -3.43
CA VAL A 55 -8.61 -4.42 -3.30
C VAL A 55 -9.79 -3.76 -4.02
N LYS A 56 -10.18 -2.60 -3.51
CA LYS A 56 -11.27 -1.85 -4.10
C LYS A 56 -10.77 -0.49 -4.54
N GLU A 57 -10.00 0.13 -3.66
CA GLU A 57 -9.46 1.45 -3.93
C GLU A 57 -7.95 1.40 -4.18
N VAL A 58 -7.43 2.49 -4.73
CA VAL A 58 -6.01 2.60 -5.03
C VAL A 58 -5.60 4.06 -5.11
N LYS A 59 -4.69 4.46 -4.22
CA LYS A 59 -4.22 5.83 -4.18
C LYS A 59 -2.69 5.88 -4.07
N VAL A 60 -2.03 5.53 -5.17
CA VAL A 60 -0.57 5.52 -5.20
C VAL A 60 -0.06 5.20 -6.61
N LYS A 61 1.19 5.54 -6.86
CA LYS A 61 1.80 5.29 -8.16
C LYS A 61 3.32 5.43 -8.09
N VAL A 62 3.95 5.60 -9.23
CA VAL A 62 5.40 5.74 -9.29
C VAL A 62 5.80 7.18 -9.62
N GLY A 63 5.61 8.08 -8.66
CA GLY A 63 5.96 9.47 -8.87
C GLY A 63 4.96 10.42 -8.24
N ASP A 64 4.54 10.11 -7.01
CA ASP A 64 3.57 10.95 -6.30
C ASP A 64 4.00 11.14 -4.85
N LYS A 65 3.28 12.01 -4.14
CA LYS A 65 3.57 12.29 -2.74
C LYS A 65 2.66 11.47 -1.83
N ILE A 66 3.25 10.83 -0.83
CA ILE A 66 2.48 10.01 0.11
C ILE A 66 2.99 10.20 1.54
N SER A 67 2.10 10.04 2.51
CA SER A 67 2.48 10.18 3.92
C SER A 67 1.80 9.13 4.79
N GLU A 68 2.55 8.61 5.76
CA GLU A 68 2.02 7.59 6.69
C GLU A 68 0.59 7.92 7.11
N GLY A 69 -0.37 7.35 6.37
CA GLY A 69 -1.77 7.61 6.67
C GLY A 69 -2.47 8.32 5.53
N GLY A 70 -2.44 7.73 4.34
CA GLY A 70 -3.07 8.35 3.19
C GLY A 70 -4.11 7.45 2.53
N LEU A 71 -4.48 6.37 3.20
CA LEU A 71 -5.46 5.43 2.66
C LEU A 71 -5.12 5.06 1.23
N ILE A 72 -3.93 4.52 1.04
CA ILE A 72 -3.47 4.11 -0.27
C ILE A 72 -4.46 3.17 -0.94
N VAL A 73 -4.56 1.95 -0.44
CA VAL A 73 -5.48 0.96 -1.00
C VAL A 73 -6.33 0.30 0.08
N VAL A 74 -7.52 -0.12 -0.32
CA VAL A 74 -8.45 -0.79 0.58
C VAL A 74 -8.81 -2.16 0.03
N VAL A 75 -8.80 -3.18 0.89
CA VAL A 75 -9.11 -4.53 0.46
C VAL A 75 -10.25 -5.15 1.24
N GLU A 76 -10.63 -6.35 0.82
CA GLU A 76 -11.73 -7.09 1.45
C GLU A 76 -11.21 -7.90 2.62
N ALA A 77 -10.05 -8.52 2.46
CA ALA A 77 -9.43 -9.33 3.50
C ALA A 77 -10.35 -10.46 3.95
N GLU A 78 -9.82 -11.68 3.91
CA GLU A 78 -10.59 -12.86 4.31
C GLU A 78 -11.99 -12.84 3.72
N GLY A 79 -12.10 -12.43 2.46
CA GLY A 79 -13.39 -12.36 1.81
C GLY A 79 -13.97 -13.74 1.53
N THR A 80 -13.30 -14.50 0.68
CA THR A 80 -13.75 -15.84 0.32
C THR A 80 -13.18 -16.87 1.29
N ALA A 81 -13.84 -18.02 1.38
CA ALA A 81 -13.40 -19.09 2.27
C ALA A 81 -13.06 -20.35 1.48
N ALA A 1 -14.53 -6.54 8.44
CA ALA A 1 -15.20 -6.23 7.15
C ALA A 1 -14.34 -5.28 6.31
N LEU A 2 -13.90 -5.76 5.14
CA LEU A 2 -13.09 -4.95 4.25
C LEU A 2 -11.82 -4.47 4.95
N VAL A 3 -10.96 -3.81 4.20
CA VAL A 3 -9.70 -3.30 4.75
C VAL A 3 -9.23 -2.07 3.98
N GLU A 4 -8.34 -1.29 4.60
CA GLU A 4 -7.80 -0.09 3.98
C GLU A 4 -6.31 0.04 4.26
N LEU A 5 -5.48 -0.18 3.25
CA LEU A 5 -4.04 -0.09 3.39
C LEU A 5 -3.61 1.34 3.66
N LYS A 6 -2.32 1.54 3.89
CA LYS A 6 -1.78 2.87 4.17
C LYS A 6 -0.29 2.94 3.85
N VAL A 7 0.21 4.16 3.72
CA VAL A 7 1.62 4.40 3.43
C VAL A 7 2.50 3.64 4.42
N PRO A 8 3.70 3.19 3.99
CA PRO A 8 4.61 2.44 4.85
C PRO A 8 5.17 3.28 5.99
N ASP A 9 6.31 2.86 6.51
CA ASP A 9 6.97 3.56 7.59
C ASP A 9 8.37 4.00 7.17
N ILE A 10 8.43 4.71 6.06
CA ILE A 10 9.70 5.18 5.53
C ILE A 10 10.59 5.80 6.61
N GLY A 11 9.96 6.30 7.67
CA GLY A 11 10.71 6.92 8.76
C GLY A 11 10.97 8.39 8.54
N GLY A 12 11.30 8.77 7.30
CA GLY A 12 11.59 10.15 6.99
C GLY A 12 10.53 11.10 7.54
N HIS A 13 9.50 11.36 6.75
CA HIS A 13 8.42 12.25 7.16
C HIS A 13 7.25 12.18 6.17
N GLU A 14 6.28 13.06 6.35
CA GLU A 14 5.12 13.10 5.49
C GLU A 14 5.50 13.55 4.08
N ASN A 15 4.52 13.55 3.18
CA ASN A 15 4.76 13.95 1.79
C ASN A 15 6.04 13.34 1.24
N VAL A 16 5.97 12.06 0.88
CA VAL A 16 7.12 11.35 0.33
C VAL A 16 6.79 10.80 -1.05
N ASP A 17 7.84 10.49 -1.82
CA ASP A 17 7.66 9.96 -3.16
C ASP A 17 7.75 8.44 -3.17
N ILE A 18 6.66 7.79 -3.57
CA ILE A 18 6.63 6.34 -3.63
C ILE A 18 7.69 5.84 -4.59
N ILE A 19 8.03 4.57 -4.50
CA ILE A 19 9.05 4.00 -5.37
C ILE A 19 8.50 2.84 -6.20
N ALA A 20 7.71 1.99 -5.55
CA ALA A 20 7.12 0.84 -6.21
C ALA A 20 5.60 0.94 -6.27
N VAL A 21 4.99 0.12 -7.12
CA VAL A 21 3.55 0.11 -7.27
C VAL A 21 3.04 -1.30 -7.56
N GLU A 22 1.92 -1.66 -6.92
CA GLU A 22 1.34 -2.98 -7.11
C GLU A 22 -0.13 -2.99 -6.71
N VAL A 23 -0.85 -1.94 -7.08
CA VAL A 23 -2.27 -1.82 -6.77
C VAL A 23 -3.05 -1.21 -7.93
N ASN A 24 -3.96 -1.98 -8.49
CA ASN A 24 -4.77 -1.52 -9.61
C ASN A 24 -6.24 -1.90 -9.43
N VAL A 25 -6.60 -2.30 -8.21
CA VAL A 25 -7.97 -2.69 -7.91
C VAL A 25 -8.39 -3.90 -8.73
N GLY A 26 -8.84 -4.95 -8.04
CA GLY A 26 -9.27 -6.16 -8.72
C GLY A 26 -8.34 -7.33 -8.47
N ASP A 27 -7.10 -7.02 -8.12
CA ASP A 27 -6.11 -8.07 -7.85
C ASP A 27 -6.38 -8.75 -6.50
N THR A 28 -6.23 -10.06 -6.48
CA THR A 28 -6.45 -10.83 -5.26
C THR A 28 -5.30 -10.62 -4.27
N ILE A 29 -5.55 -9.81 -3.24
CA ILE A 29 -4.53 -9.52 -2.24
C ILE A 29 -4.37 -10.69 -1.27
N ALA A 30 -3.16 -10.88 -0.77
CA ALA A 30 -2.85 -11.94 0.16
C ALA A 30 -2.15 -11.40 1.39
N VAL A 31 -1.70 -12.30 2.26
CA VAL A 31 -1.01 -11.90 3.48
C VAL A 31 0.51 -11.91 3.26
N ASP A 32 0.93 -11.45 2.09
CA ASP A 32 2.34 -11.39 1.75
C ASP A 32 2.52 -11.03 0.28
N ASP A 33 2.11 -9.81 -0.07
CA ASP A 33 2.23 -9.34 -1.46
C ASP A 33 2.68 -7.88 -1.49
N THR A 34 3.96 -7.66 -1.76
CA THR A 34 4.51 -6.31 -1.80
C THR A 34 3.62 -5.38 -2.62
N LEU A 35 3.07 -4.39 -1.97
CA LEU A 35 2.20 -3.41 -2.62
C LEU A 35 3.05 -2.25 -3.12
N ILE A 36 4.05 -1.87 -2.35
CA ILE A 36 4.95 -0.78 -2.72
C ILE A 36 6.23 -0.82 -1.92
N THR A 37 7.12 0.13 -2.20
CA THR A 37 8.40 0.23 -1.49
C THR A 37 8.78 1.69 -1.31
N LEU A 38 7.86 2.45 -0.72
CA LEU A 38 8.05 3.88 -0.46
C LEU A 38 9.48 4.20 -0.05
N GLU A 39 9.89 5.44 -0.30
CA GLU A 39 11.24 5.89 0.05
C GLU A 39 11.29 7.42 0.09
N THR A 40 11.60 7.96 1.27
CA THR A 40 11.68 9.40 1.45
C THR A 40 12.92 9.98 0.75
N ASP A 41 14.05 9.94 1.44
CA ASP A 41 15.30 10.45 0.88
C ASP A 41 16.49 9.75 1.51
N LYS A 42 16.27 8.54 2.03
CA LYS A 42 17.33 7.76 2.65
C LYS A 42 16.81 6.40 3.10
N ALA A 43 15.63 6.39 3.70
CA ALA A 43 15.01 5.17 4.18
C ALA A 43 13.89 4.72 3.26
N THR A 44 13.97 3.48 2.78
CA THR A 44 12.96 2.94 1.88
C THR A 44 12.16 1.84 2.57
N MET A 45 10.85 2.06 2.69
CA MET A 45 9.97 1.08 3.32
C MET A 45 8.99 0.50 2.30
N ASP A 46 8.55 -0.73 2.56
CA ASP A 46 7.61 -1.40 1.66
C ASP A 46 6.49 -2.09 2.44
N VAL A 47 5.43 -2.47 1.74
CA VAL A 47 4.31 -3.14 2.37
C VAL A 47 3.97 -4.44 1.65
N PRO A 48 4.06 -5.59 2.35
CA PRO A 48 3.76 -6.90 1.78
C PRO A 48 2.30 -7.30 1.94
N ALA A 49 1.42 -6.30 1.95
CA ALA A 49 -0.01 -6.55 2.11
C ALA A 49 -0.29 -7.45 3.30
N GLU A 50 -0.68 -6.84 4.42
CA GLU A 50 -0.98 -7.60 5.63
C GLU A 50 -2.43 -7.97 5.70
N VAL A 51 -2.88 -8.77 4.72
CA VAL A 51 -4.27 -9.19 4.64
C VAL A 51 -4.59 -9.70 3.23
N ALA A 52 -5.44 -10.71 3.15
CA ALA A 52 -5.84 -11.27 1.86
C ALA A 52 -7.09 -10.58 1.35
N GLY A 53 -7.65 -11.08 0.26
CA GLY A 53 -8.86 -10.48 -0.28
C GLY A 53 -8.65 -9.91 -1.67
N VAL A 54 -9.36 -8.82 -1.97
CA VAL A 54 -9.26 -8.17 -3.28
C VAL A 54 -9.36 -6.65 -3.12
N VAL A 55 -8.55 -5.92 -3.88
CA VAL A 55 -8.57 -4.46 -3.80
C VAL A 55 -9.78 -3.87 -4.51
N LYS A 56 -10.28 -2.78 -3.94
CA LYS A 56 -11.43 -2.07 -4.50
C LYS A 56 -10.98 -0.70 -4.93
N GLU A 57 -10.31 -0.02 -4.02
CA GLU A 57 -9.82 1.32 -4.29
C GLU A 57 -8.30 1.34 -4.39
N VAL A 58 -7.76 2.50 -4.77
CA VAL A 58 -6.33 2.66 -4.91
C VAL A 58 -5.96 4.14 -4.97
N LYS A 59 -5.07 4.54 -4.06
CA LYS A 59 -4.63 5.94 -3.99
C LYS A 59 -3.11 6.00 -3.88
N VAL A 60 -2.43 5.60 -4.94
CA VAL A 60 -0.97 5.60 -4.95
C VAL A 60 -0.43 5.31 -6.34
N LYS A 61 0.73 5.85 -6.63
CA LYS A 61 1.38 5.66 -7.93
C LYS A 61 2.84 5.25 -7.74
N VAL A 62 3.62 5.36 -8.81
CA VAL A 62 5.03 5.00 -8.76
C VAL A 62 5.90 6.24 -8.59
N GLY A 63 5.40 7.20 -7.83
CA GLY A 63 6.16 8.43 -7.60
C GLY A 63 5.26 9.60 -7.28
N ASP A 64 4.57 9.53 -6.14
CA ASP A 64 3.67 10.61 -5.72
C ASP A 64 3.89 10.96 -4.25
N LYS A 65 3.41 12.14 -3.85
CA LYS A 65 3.55 12.60 -2.48
C LYS A 65 2.61 11.85 -1.55
N ILE A 66 3.19 11.06 -0.65
CA ILE A 66 2.39 10.28 0.29
C ILE A 66 2.89 10.48 1.73
N SER A 67 2.08 10.05 2.70
CA SER A 67 2.44 10.18 4.10
C SER A 67 1.94 9.00 4.92
N GLU A 68 2.79 8.50 5.83
CA GLU A 68 2.44 7.38 6.69
C GLU A 68 1.00 7.46 7.17
N GLY A 69 0.14 6.62 6.60
CA GLY A 69 -1.27 6.63 6.98
C GLY A 69 -2.09 7.58 6.13
N GLY A 70 -2.27 7.23 4.85
CA GLY A 70 -3.04 8.07 3.96
C GLY A 70 -4.06 7.29 3.16
N LEU A 71 -4.47 6.15 3.69
CA LEU A 71 -5.46 5.31 3.02
C LEU A 71 -5.08 5.10 1.55
N ILE A 72 -4.14 4.20 1.33
CA ILE A 72 -3.67 3.90 -0.03
C ILE A 72 -4.72 3.12 -0.82
N VAL A 73 -4.87 1.84 -0.50
CA VAL A 73 -5.82 0.98 -1.19
C VAL A 73 -6.71 0.21 -0.22
N VAL A 74 -7.96 0.02 -0.63
CA VAL A 74 -8.94 -0.72 0.17
C VAL A 74 -9.19 -2.08 -0.44
N VAL A 75 -9.21 -3.12 0.38
CA VAL A 75 -9.42 -4.48 -0.10
C VAL A 75 -10.61 -5.15 0.57
N GLU A 76 -10.98 -6.32 0.04
CA GLU A 76 -12.09 -7.09 0.58
C GLU A 76 -11.67 -7.85 1.83
N ALA A 77 -10.37 -8.12 1.96
CA ALA A 77 -9.82 -8.84 3.10
C ALA A 77 -9.94 -10.35 2.91
N GLU A 78 -9.50 -11.11 3.91
CA GLU A 78 -9.55 -12.56 3.84
C GLU A 78 -10.94 -13.05 3.43
N GLY A 79 -11.12 -13.29 2.14
CA GLY A 79 -12.40 -13.74 1.64
C GLY A 79 -12.68 -15.19 1.98
N THR A 80 -11.95 -16.11 1.35
CA THR A 80 -12.13 -17.53 1.60
C THR A 80 -10.90 -18.31 1.14
N ALA A 81 -10.96 -19.63 1.28
CA ALA A 81 -9.86 -20.50 0.88
C ALA A 81 -9.69 -20.52 -0.64
N ALA A 1 -12.80 -7.05 8.98
CA ALA A 1 -13.70 -6.76 7.83
C ALA A 1 -13.10 -5.71 6.91
N LEU A 2 -12.52 -6.15 5.80
CA LEU A 2 -11.91 -5.24 4.84
C LEU A 2 -10.75 -4.48 5.48
N VAL A 3 -9.99 -3.78 4.64
CA VAL A 3 -8.84 -3.01 5.11
C VAL A 3 -8.58 -1.81 4.20
N GLU A 4 -7.88 -0.82 4.74
CA GLU A 4 -7.54 0.38 3.99
C GLU A 4 -6.08 0.75 4.21
N LEU A 5 -5.23 0.39 3.26
CA LEU A 5 -3.80 0.69 3.38
C LEU A 5 -3.57 2.20 3.41
N LYS A 6 -2.76 2.65 4.35
CA LYS A 6 -2.46 4.07 4.49
C LYS A 6 -0.96 4.33 4.53
N VAL A 7 -0.32 4.19 3.38
CA VAL A 7 1.12 4.43 3.26
C VAL A 7 1.92 3.50 4.19
N PRO A 8 3.15 3.12 3.79
CA PRO A 8 4.00 2.25 4.58
C PRO A 8 4.78 3.01 5.65
N ASP A 9 5.88 2.43 6.09
CA ASP A 9 6.71 3.05 7.11
C ASP A 9 7.97 3.66 6.49
N ILE A 10 7.95 4.97 6.28
CA ILE A 10 9.10 5.66 5.69
C ILE A 10 9.76 6.57 6.70
N GLY A 11 10.40 5.96 7.71
CA GLY A 11 11.08 6.73 8.74
C GLY A 11 10.13 7.22 9.82
N GLY A 12 8.84 7.03 9.63
CA GLY A 12 7.86 7.46 10.61
C GLY A 12 7.43 8.90 10.42
N HIS A 13 7.92 9.54 9.35
CA HIS A 13 7.56 10.92 9.06
C HIS A 13 6.64 11.01 7.85
N GLU A 14 6.21 12.22 7.53
CA GLU A 14 5.32 12.45 6.40
C GLU A 14 6.08 13.04 5.21
N ASN A 15 5.34 13.44 4.19
CA ASN A 15 5.93 14.02 2.98
C ASN A 15 7.09 13.18 2.46
N VAL A 16 6.78 12.18 1.65
CA VAL A 16 7.80 11.30 1.07
C VAL A 16 7.47 11.02 -0.40
N ASP A 17 7.96 9.91 -0.93
CA ASP A 17 7.70 9.56 -2.32
C ASP A 17 7.68 8.05 -2.53
N ILE A 18 6.71 7.59 -3.32
CA ILE A 18 6.59 6.17 -3.62
C ILE A 18 7.63 5.76 -4.64
N ILE A 19 7.87 4.46 -4.74
CA ILE A 19 8.87 3.96 -5.67
C ILE A 19 8.35 2.76 -6.48
N ALA A 20 7.19 2.23 -6.11
CA ALA A 20 6.63 1.09 -6.82
C ALA A 20 5.11 1.09 -6.79
N VAL A 21 4.50 0.57 -7.84
CA VAL A 21 3.05 0.51 -7.93
C VAL A 21 2.59 -0.81 -8.54
N GLU A 22 1.77 -1.55 -7.80
CA GLU A 22 1.26 -2.83 -8.27
C GLU A 22 -0.19 -3.03 -7.83
N VAL A 23 -0.90 -1.94 -7.67
CA VAL A 23 -2.30 -2.00 -7.25
C VAL A 23 -3.22 -1.40 -8.32
N ASN A 24 -4.21 -2.18 -8.73
CA ASN A 24 -5.15 -1.75 -9.75
C ASN A 24 -6.59 -2.14 -9.38
N VAL A 25 -6.78 -2.58 -8.15
CA VAL A 25 -8.10 -2.99 -7.69
C VAL A 25 -8.62 -4.17 -8.49
N GLY A 26 -9.05 -5.22 -7.78
CA GLY A 26 -9.56 -6.40 -8.44
C GLY A 26 -8.64 -7.59 -8.31
N ASP A 27 -7.36 -7.33 -8.04
CA ASP A 27 -6.38 -8.39 -7.90
C ASP A 27 -6.50 -9.06 -6.53
N THR A 28 -6.11 -10.33 -6.45
CA THR A 28 -6.19 -11.08 -5.21
C THR A 28 -4.95 -10.83 -4.35
N ILE A 29 -5.17 -10.32 -3.13
CA ILE A 29 -4.08 -10.03 -2.23
C ILE A 29 -4.05 -11.02 -1.07
N ALA A 30 -2.86 -11.22 -0.50
CA ALA A 30 -2.70 -12.14 0.62
C ALA A 30 -1.86 -11.51 1.73
N VAL A 31 -1.57 -12.29 2.76
CA VAL A 31 -0.78 -11.80 3.89
C VAL A 31 0.73 -11.96 3.63
N ASP A 32 1.18 -11.54 2.44
CA ASP A 32 2.59 -11.65 2.07
C ASP A 32 2.76 -11.41 0.57
N ASP A 33 2.67 -10.15 0.15
CA ASP A 33 2.83 -9.81 -1.26
C ASP A 33 3.14 -8.33 -1.43
N THR A 34 4.32 -8.02 -1.97
CA THR A 34 4.73 -6.65 -2.17
C THR A 34 3.75 -5.91 -3.07
N LEU A 35 3.13 -4.87 -2.52
CA LEU A 35 2.18 -4.07 -3.26
C LEU A 35 2.88 -2.87 -3.89
N ILE A 36 3.73 -2.21 -3.10
CA ILE A 36 4.48 -1.06 -3.58
C ILE A 36 5.79 -0.89 -2.82
N THR A 37 6.53 0.15 -3.19
CA THR A 37 7.79 0.46 -2.54
C THR A 37 7.81 1.95 -2.23
N LEU A 38 8.43 2.32 -1.12
CA LEU A 38 8.51 3.72 -0.72
C LEU A 38 9.95 4.14 -0.46
N GLU A 39 10.11 5.35 0.07
CA GLU A 39 11.44 5.87 0.37
C GLU A 39 11.35 7.19 1.12
N THR A 40 12.51 7.67 1.58
CA THR A 40 12.58 8.92 2.32
C THR A 40 13.85 9.70 1.93
N ASP A 41 14.29 10.58 2.82
CA ASP A 41 15.48 11.37 2.58
C ASP A 41 16.73 10.49 2.53
N LYS A 42 16.61 9.29 3.09
CA LYS A 42 17.73 8.35 3.12
C LYS A 42 17.30 6.99 3.66
N ALA A 43 16.24 6.44 3.07
CA ALA A 43 15.73 5.14 3.50
C ALA A 43 14.62 4.64 2.58
N THR A 44 14.70 3.37 2.19
CA THR A 44 13.69 2.78 1.31
C THR A 44 12.80 1.81 2.07
N MET A 45 11.58 1.62 1.57
CA MET A 45 10.62 0.72 2.20
C MET A 45 9.64 0.15 1.18
N ASP A 46 8.63 -0.56 1.67
CA ASP A 46 7.62 -1.17 0.80
C ASP A 46 6.53 -1.83 1.62
N VAL A 47 5.49 -2.31 0.95
CA VAL A 47 4.38 -2.97 1.64
C VAL A 47 4.12 -4.36 1.05
N PRO A 48 4.16 -5.41 1.89
CA PRO A 48 3.92 -6.78 1.47
C PRO A 48 2.44 -7.17 1.59
N ALA A 49 1.56 -6.18 1.45
CA ALA A 49 0.12 -6.41 1.55
C ALA A 49 -0.22 -7.26 2.77
N GLU A 50 -0.53 -6.59 3.87
CA GLU A 50 -0.90 -7.28 5.11
C GLU A 50 -2.40 -7.47 5.18
N VAL A 51 -2.94 -8.22 4.22
CA VAL A 51 -4.37 -8.47 4.16
C VAL A 51 -4.68 -9.69 3.29
N ALA A 52 -5.76 -10.38 3.63
CA ALA A 52 -6.15 -11.58 2.89
C ALA A 52 -7.50 -11.41 2.21
N GLY A 53 -7.53 -10.66 1.12
CA GLY A 53 -8.79 -10.46 0.43
C GLY A 53 -8.63 -9.92 -0.98
N VAL A 54 -9.40 -8.89 -1.31
CA VAL A 54 -9.38 -8.28 -2.62
C VAL A 54 -9.42 -6.77 -2.52
N VAL A 55 -8.62 -6.09 -3.34
CA VAL A 55 -8.59 -4.63 -3.33
C VAL A 55 -9.83 -4.04 -3.97
N LYS A 56 -10.25 -2.90 -3.45
CA LYS A 56 -11.42 -2.19 -3.96
C LYS A 56 -10.99 -0.85 -4.53
N GLU A 57 -10.16 -0.16 -3.78
CA GLU A 57 -9.70 1.15 -4.20
C GLU A 57 -8.19 1.14 -4.47
N VAL A 58 -7.71 2.27 -4.98
CA VAL A 58 -6.29 2.42 -5.31
C VAL A 58 -5.93 3.89 -5.41
N LYS A 59 -5.06 4.35 -4.52
CA LYS A 59 -4.64 5.74 -4.50
C LYS A 59 -3.13 5.86 -4.36
N VAL A 60 -2.41 5.65 -5.46
CA VAL A 60 -0.96 5.73 -5.45
C VAL A 60 -0.38 5.60 -6.85
N LYS A 61 0.79 6.18 -7.05
CA LYS A 61 1.47 6.14 -8.34
C LYS A 61 2.96 5.91 -8.15
N VAL A 62 3.68 5.72 -9.25
CA VAL A 62 5.11 5.48 -9.20
C VAL A 62 5.89 6.78 -9.33
N GLY A 63 5.55 7.75 -8.49
CA GLY A 63 6.22 9.04 -8.52
C GLY A 63 5.36 10.16 -7.95
N ASP A 64 4.84 9.95 -6.74
CA ASP A 64 4.01 10.94 -6.09
C ASP A 64 4.47 11.22 -4.67
N LYS A 65 3.73 12.05 -3.94
CA LYS A 65 4.07 12.39 -2.57
C LYS A 65 3.14 11.68 -1.59
N ILE A 66 3.66 11.38 -0.40
CA ILE A 66 2.89 10.70 0.63
C ILE A 66 3.15 11.32 2.01
N SER A 67 2.35 10.91 2.99
CA SER A 67 2.51 11.43 4.35
C SER A 67 1.97 10.43 5.37
N GLU A 68 2.40 9.17 5.24
CA GLU A 68 1.97 8.11 6.15
C GLU A 68 0.49 8.22 6.50
N GLY A 69 -0.36 8.08 5.50
CA GLY A 69 -1.79 8.18 5.73
C GLY A 69 -2.54 8.79 4.55
N GLY A 70 -2.59 8.07 3.45
CA GLY A 70 -3.28 8.57 2.26
C GLY A 70 -4.30 7.59 1.72
N LEU A 71 -4.70 6.62 2.55
CA LEU A 71 -5.68 5.62 2.14
C LEU A 71 -5.36 5.09 0.74
N ILE A 72 -4.11 4.69 0.55
CA ILE A 72 -3.66 4.17 -0.74
C ILE A 72 -4.65 3.17 -1.32
N VAL A 73 -4.57 1.92 -0.88
CA VAL A 73 -5.47 0.89 -1.40
C VAL A 73 -6.29 0.25 -0.28
N VAL A 74 -7.52 -0.11 -0.62
CA VAL A 74 -8.43 -0.75 0.31
C VAL A 74 -8.73 -2.17 -0.14
N VAL A 75 -8.77 -3.11 0.79
CA VAL A 75 -9.03 -4.49 0.44
C VAL A 75 -10.10 -5.15 1.32
N GLU A 76 -10.45 -6.38 0.95
CA GLU A 76 -11.46 -7.14 1.68
C GLU A 76 -10.84 -7.87 2.87
N ALA A 77 -9.59 -8.28 2.71
CA ALA A 77 -8.85 -8.96 3.76
C ALA A 77 -9.59 -10.18 4.30
N GLU A 78 -8.84 -11.05 4.99
CA GLU A 78 -9.41 -12.26 5.58
C GLU A 78 -9.80 -13.28 4.51
N GLY A 79 -10.82 -12.94 3.73
CA GLY A 79 -11.28 -13.82 2.68
C GLY A 79 -12.78 -14.10 2.76
N THR A 80 -13.50 -13.71 1.72
CA THR A 80 -14.94 -13.92 1.68
C THR A 80 -15.46 -13.86 0.24
N ALA A 81 -14.65 -14.35 -0.69
CA ALA A 81 -15.02 -14.36 -2.10
C ALA A 81 -14.19 -15.39 -2.88
#